data_5WYX
#
_entry.id   5WYX
#
_cell.length_a   144.144
_cell.length_b   99.149
_cell.length_c   140.247
_cell.angle_alpha   90.00
_cell.angle_beta   108.07
_cell.angle_gamma   90.00
#
_symmetry.space_group_name_H-M   'C 1 2 1'
#
loop_
_entity.id
_entity.type
_entity.pdbx_description
1 polymer 'Toll-like receptor 8'
2 branched alpha-D-mannopyranose-(1-3)-beta-D-mannopyranose-(1-4)-2-acetamido-2-deoxy-beta-D-glucopyranose-(1-4)-2-acetamido-2-deoxy-beta-D-glucopyranose
3 branched 2-acetamido-2-deoxy-beta-D-glucopyranose-(1-4)-2-acetamido-2-deoxy-beta-D-glucopyranose
4 branched alpha-D-mannopyranose-(1-3)-[alpha-D-mannopyranose-(1-6)]beta-D-mannopyranose-(1-4)-2-acetamido-2-deoxy-beta-D-glucopyranose-(1-4)-2-acetamido-2-deoxy-beta-D-glucopyranose
5 branched alpha-D-mannopyranose-(1-6)-beta-D-mannopyranose-(1-4)-2-acetamido-2-deoxy-beta-D-glucopyranose-(1-4)-2-acetamido-2-deoxy-beta-D-glucopyranose
6 non-polymer 2-acetamido-2-deoxy-beta-D-glucopyranose
7 non-polymer 7-(3-methylphenyl)pyrazolo[1,5-a]pyrimidine-3-carboxamide
8 water water
#
_entity_poly.entity_id   1
_entity_poly.type   'polypeptide(L)'
_entity_poly.pdbx_seq_one_letter_code
;RSPWEENFSRSYPCDEKKQNDSVIAECSNRRLQEVPQTVGKYVTELDLSDNFITHITNESFQGLQNLTKINLNHNPNVQH
QNGNPGIQSNGLNITDGAFLNLKNLRELLLEDNQLPQIPSGLPESLTELSLIQNNIYNITKEGISRLINLKNLYLAWNCY
FNKVCEKTNIEDGVFETLTNLELLSLSFNSLSHVPPKLPSSLRKLFLSNTQIKYISEEDFKGLINLTLLDLSGNCPRCFN
APFPCVPCDGGASINIDRFAFQNLTQLRYLNLSSTSLRKINAAWFKNMPHLKVLDLEFNYLVGEIASGAFLTMLPRLEIL
DLSFNYIKGSYPQHINISRNFSKLLSLRALHLRGYVFQELREDDFQPLMQLPNLSTINLGINFIKQIDFKLFQNFSNLEI
IYLSENRISPLVKDTRQSYANSSSFQRHIRKRRSTDFEFDPHSNFYHFTRPLIKPQCAAYGKALDLSLNSIFFIGPNQFE
NLPDIACLNLSANSNAQVLSGTEFSAIPHVKYLDLTNNRLDFDNASALTELSDLEVLDLSYNSHYFRIAGVTHHLEFIQN
FTNLKVLNLSHNNIYTLTDKYNLESKSLVELVFSGNRLDILWNDDDNRYISIFKGLKNLTRLDLSLNRLKHIPNEAFLNL
PASLTELHINDNMLKFFNWTLLQQFPRLELLDLRGNKLLFLTDSLSDFTSSLRTLLLSHNRISHLPSGFLSEVSSLKHLD
LSSNLLKTINKSALETKTTTKLSMLELHGNPFECTCDIGDFRRWMDEHLNVKIPRLVDVICASPGDQRGKSIVSLELTTC
VSDVTEFLVPR
;
_entity_poly.pdbx_strand_id   A,B
#
loop_
_chem_comp.id
_chem_comp.type
_chem_comp.name
_chem_comp.formula
BMA D-saccharide, beta linking beta-D-mannopyranose 'C6 H12 O6'
CU8 non-polymer 7-(3-methylphenyl)pyrazolo[1,5-a]pyrimidine-3-carboxamide 'C14 H12 N4 O'
MAN D-saccharide, alpha linking alpha-D-mannopyranose 'C6 H12 O6'
NAG D-saccharide, beta linking 2-acetamido-2-deoxy-beta-D-glucopyranose 'C8 H15 N O6'
#
# COMPACT_ATOMS: atom_id res chain seq x y z
N ARG A 10 -26.94 34.00 -12.84
CA ARG A 10 -26.40 32.71 -12.26
C ARG A 10 -26.64 31.50 -13.18
N SER A 11 -25.59 31.07 -13.87
CA SER A 11 -25.71 30.03 -14.89
C SER A 11 -26.14 28.69 -14.31
N TYR A 12 -26.94 27.99 -15.11
CA TYR A 12 -27.30 26.61 -14.79
C TYR A 12 -27.68 25.88 -16.09
N PRO A 13 -27.30 24.61 -16.23
CA PRO A 13 -26.44 23.88 -15.31
C PRO A 13 -24.92 24.12 -15.46
N CYS A 14 -24.52 24.87 -16.48
CA CYS A 14 -23.11 25.09 -16.78
C CYS A 14 -22.52 26.10 -15.82
N ASP A 15 -21.19 26.05 -15.69
CA ASP A 15 -20.43 27.04 -14.93
C ASP A 15 -19.90 27.99 -16.00
N GLU A 16 -20.47 29.17 -16.09
CA GLU A 16 -20.06 30.07 -17.16
C GLU A 16 -19.06 31.04 -16.61
N LYS A 17 -18.12 31.43 -17.44
CA LYS A 17 -17.13 32.40 -16.98
C LYS A 17 -16.30 33.03 -18.07
N LYS A 18 -15.68 34.14 -17.71
CA LYS A 18 -14.84 34.87 -18.65
C LYS A 18 -13.57 34.04 -18.74
N GLN A 19 -12.94 34.08 -19.90
CA GLN A 19 -11.62 33.51 -20.09
C GLN A 19 -11.05 34.23 -21.29
N ASN A 20 -9.88 34.85 -21.11
CA ASN A 20 -9.35 35.79 -22.09
C ASN A 20 -10.44 36.79 -22.49
N ASP A 21 -10.64 37.10 -23.77
CA ASP A 21 -11.68 38.06 -24.11
C ASP A 21 -12.96 37.41 -24.62
N SER A 22 -13.40 36.32 -23.97
CA SER A 22 -14.62 35.65 -24.41
C SER A 22 -15.18 34.90 -23.25
N VAL A 23 -16.36 34.34 -23.43
CA VAL A 23 -16.98 33.62 -22.36
C VAL A 23 -17.20 32.15 -22.72
N ILE A 24 -17.00 31.35 -21.68
CA ILE A 24 -16.84 29.91 -21.72
C ILE A 24 -17.86 29.26 -20.82
N ALA A 25 -18.31 28.07 -21.22
CA ALA A 25 -19.28 27.35 -20.46
C ALA A 25 -18.76 25.96 -20.15
N GLU A 26 -18.40 25.72 -18.90
CA GLU A 26 -17.92 24.41 -18.49
C GLU A 26 -19.14 23.62 -18.14
N CYS A 27 -19.45 22.64 -18.96
CA CYS A 27 -20.67 21.91 -18.74
C CYS A 27 -20.41 20.42 -18.67
N SER A 28 -19.19 20.03 -18.35
CA SER A 28 -18.85 18.63 -18.39
C SER A 28 -19.34 17.86 -17.16
N ASN A 29 -19.35 16.54 -17.27
CA ASN A 29 -19.57 15.63 -16.15
C ASN A 29 -20.72 16.03 -15.24
N ARG A 30 -21.89 16.17 -15.84
CA ARG A 30 -23.07 16.73 -15.19
C ARG A 30 -24.38 15.95 -15.38
N ARG A 31 -24.29 14.69 -15.82
CA ARG A 31 -25.45 13.82 -15.98
C ARG A 31 -26.54 14.41 -16.87
N LEU A 32 -26.14 15.20 -17.85
CA LEU A 32 -27.08 15.81 -18.78
C LEU A 32 -27.51 14.84 -19.84
N GLN A 33 -28.81 14.74 -20.05
CA GLN A 33 -29.35 13.82 -21.06
C GLN A 33 -29.70 14.56 -22.35
N GLU A 34 -29.40 15.85 -22.42
CA GLU A 34 -29.58 16.61 -23.65
C GLU A 34 -28.81 17.91 -23.59
N VAL A 35 -28.62 18.50 -24.75
CA VAL A 35 -27.98 19.80 -24.86
C VAL A 35 -28.90 20.80 -24.18
N PRO A 36 -28.44 21.45 -23.10
CA PRO A 36 -29.32 22.41 -22.43
C PRO A 36 -29.68 23.56 -23.36
N GLN A 37 -30.88 24.11 -23.16
CA GLN A 37 -31.33 25.32 -23.86
C GLN A 37 -31.14 26.52 -22.92
N THR A 38 -30.77 26.23 -21.68
CA THR A 38 -30.55 27.22 -20.62
C THR A 38 -29.15 27.86 -20.60
N VAL A 39 -28.40 27.77 -21.71
CA VAL A 39 -27.00 28.25 -21.80
C VAL A 39 -26.89 29.74 -22.07
N GLY A 40 -26.00 30.41 -21.32
CA GLY A 40 -25.74 31.87 -21.41
C GLY A 40 -25.54 32.36 -22.84
N LYS A 41 -26.03 33.54 -23.15
CA LYS A 41 -26.05 34.00 -24.54
C LYS A 41 -24.69 34.46 -25.04
N TYR A 42 -23.80 34.84 -24.13
CA TYR A 42 -22.44 35.31 -24.51
C TYR A 42 -21.46 34.19 -24.82
N VAL A 43 -21.88 32.94 -24.65
CA VAL A 43 -20.98 31.81 -24.66
C VAL A 43 -20.48 31.48 -26.06
N THR A 44 -19.17 31.37 -26.22
CA THR A 44 -18.56 31.03 -27.52
C THR A 44 -17.87 29.66 -27.50
N GLU A 45 -17.65 29.08 -26.32
CA GLU A 45 -17.04 27.74 -26.22
C GLU A 45 -17.81 26.96 -25.23
N LEU A 46 -18.21 25.75 -25.61
CA LEU A 46 -19.13 24.96 -24.82
C LEU A 46 -18.59 23.56 -24.59
N ASP A 47 -18.33 23.22 -23.35
CA ASP A 47 -17.79 21.92 -23.03
C ASP A 47 -18.90 21.07 -22.43
N LEU A 48 -19.43 20.17 -23.25
CA LEU A 48 -20.51 19.25 -22.87
C LEU A 48 -20.03 17.84 -22.71
N SER A 49 -18.73 17.66 -22.55
CA SER A 49 -18.11 16.35 -22.50
C SER A 49 -18.49 15.61 -21.24
N ASP A 50 -18.40 14.29 -21.33
CA ASP A 50 -18.64 13.36 -20.20
C ASP A 50 -20.02 13.51 -19.52
N ASN A 51 -21.04 13.53 -20.35
CA ASN A 51 -22.43 13.55 -19.89
C ASN A 51 -23.21 12.29 -20.37
N PHE A 52 -24.54 12.38 -20.42
CA PHE A 52 -25.40 11.31 -20.91
C PHE A 52 -26.19 11.75 -22.12
N ILE A 53 -25.56 12.53 -23.01
CA ILE A 53 -26.27 13.03 -24.19
C ILE A 53 -26.32 11.98 -25.30
N THR A 54 -27.51 11.80 -25.88
CA THR A 54 -27.74 10.75 -26.89
C THR A 54 -28.02 11.26 -28.29
N HIS A 55 -28.61 12.43 -28.40
CA HIS A 55 -29.00 12.93 -29.72
C HIS A 55 -28.52 14.36 -29.90
N ILE A 56 -28.03 14.65 -31.10
CA ILE A 56 -27.79 16.01 -31.52
C ILE A 56 -28.63 16.21 -32.78
N THR A 57 -29.45 17.27 -32.78
CA THR A 57 -30.29 17.63 -33.94
C THR A 57 -29.94 19.05 -34.36
N ASN A 58 -30.59 19.57 -35.41
CA ASN A 58 -30.35 20.97 -35.84
C ASN A 58 -30.95 22.01 -34.88
N GLU A 59 -31.74 21.54 -33.91
CA GLU A 59 -32.31 22.37 -32.84
C GLU A 59 -31.52 22.36 -31.53
N SER A 60 -30.57 21.43 -31.42
CA SER A 60 -29.79 21.29 -30.19
C SER A 60 -29.02 22.57 -29.89
N PHE A 61 -28.48 23.20 -30.94
CA PHE A 61 -27.69 24.42 -30.80
C PHE A 61 -28.30 25.67 -31.38
N GLN A 62 -29.60 25.62 -31.65
CA GLN A 62 -30.34 26.82 -32.07
C GLN A 62 -30.29 27.78 -30.88
N GLY A 63 -30.07 29.05 -31.20
CA GLY A 63 -29.86 30.10 -30.21
C GLY A 63 -28.41 30.28 -29.73
N LEU A 64 -27.43 29.72 -30.44
CA LEU A 64 -26.01 29.91 -30.12
C LEU A 64 -25.15 30.09 -31.37
N GLN A 65 -25.56 31.03 -32.21
CA GLN A 65 -24.94 31.22 -33.53
C GLN A 65 -23.45 31.48 -33.37
N ASN A 66 -23.10 32.15 -32.27
CA ASN A 66 -21.74 32.59 -31.97
C ASN A 66 -20.84 31.51 -31.35
N LEU A 67 -21.31 30.25 -31.30
CA LEU A 67 -20.41 29.15 -30.91
C LEU A 67 -19.22 28.93 -31.87
N THR A 68 -18.06 28.91 -31.25
CA THR A 68 -16.78 28.83 -31.91
C THR A 68 -16.16 27.42 -31.66
N LYS A 69 -16.48 26.84 -30.53
CA LYS A 69 -15.89 25.60 -30.10
C LYS A 69 -16.90 24.82 -29.28
N ILE A 70 -17.10 23.57 -29.66
CA ILE A 70 -17.97 22.63 -28.94
C ILE A 70 -17.17 21.33 -28.68
N ASN A 71 -17.21 20.86 -27.45
CA ASN A 71 -16.62 19.61 -27.06
C ASN A 71 -17.73 18.65 -26.65
N LEU A 72 -17.96 17.59 -27.42
CA LEU A 72 -19.00 16.61 -27.09
C LEU A 72 -18.43 15.26 -26.74
N ASN A 73 -17.12 15.22 -26.48
CA ASN A 73 -16.42 14.00 -26.13
C ASN A 73 -17.12 13.16 -25.07
N HIS A 74 -17.02 11.82 -25.23
CA HIS A 74 -17.42 10.85 -24.17
C HIS A 74 -18.94 10.80 -23.89
N ASN A 75 -19.75 11.26 -24.85
CA ASN A 75 -21.23 11.15 -24.74
C ASN A 75 -21.77 9.99 -25.59
N PRO A 76 -22.52 9.05 -24.98
CA PRO A 76 -22.95 9.08 -23.56
C PRO A 76 -22.27 8.02 -22.74
N ASN A 77 -22.39 8.07 -21.41
CA ASN A 77 -21.73 7.06 -20.54
C ASN A 77 -22.50 5.81 -19.99
N VAL A 78 -21.69 4.80 -19.62
CA VAL A 78 -22.12 3.54 -18.96
C VAL A 78 -23.21 2.77 -19.72
N ASN A 90 -25.40 1.84 -27.10
CA ASN A 90 -25.32 2.61 -28.36
C ASN A 90 -24.90 4.06 -28.16
N GLY A 91 -24.33 4.62 -29.24
CA GLY A 91 -23.62 5.89 -29.17
C GLY A 91 -24.40 7.18 -29.37
N LEU A 92 -23.72 8.17 -29.93
CA LEU A 92 -24.30 9.48 -30.08
C LEU A 92 -24.89 9.56 -31.47
N ASN A 93 -26.12 10.04 -31.48
CA ASN A 93 -26.95 10.07 -32.68
C ASN A 93 -26.95 11.51 -33.19
N ILE A 94 -26.42 11.71 -34.39
CA ILE A 94 -26.23 13.06 -34.92
C ILE A 94 -26.93 13.23 -36.27
N THR A 95 -27.91 14.12 -36.35
CA THR A 95 -28.62 14.26 -37.61
C THR A 95 -27.68 14.83 -38.65
N ASP A 96 -28.07 14.70 -39.92
CA ASP A 96 -27.35 15.31 -41.04
C ASP A 96 -27.43 16.83 -40.88
N GLY A 97 -26.33 17.54 -41.14
CA GLY A 97 -26.32 19.01 -40.98
C GLY A 97 -26.75 19.56 -39.61
N ALA A 98 -26.65 18.73 -38.56
CA ALA A 98 -26.95 19.19 -37.20
C ALA A 98 -26.18 20.47 -36.81
N PHE A 99 -24.94 20.56 -37.26
CA PHE A 99 -24.06 21.70 -36.96
C PHE A 99 -23.98 22.69 -38.09
N LEU A 100 -24.65 22.41 -39.18
CA LEU A 100 -24.46 23.20 -40.38
C LEU A 100 -24.82 24.62 -40.13
N ASN A 101 -25.81 24.81 -39.28
CA ASN A 101 -26.31 26.14 -38.92
C ASN A 101 -25.27 27.10 -38.31
N LEU A 102 -24.22 26.59 -37.66
CA LEU A 102 -23.30 27.40 -36.85
C LEU A 102 -22.17 27.97 -37.72
N LYS A 103 -22.39 29.18 -38.20
CA LYS A 103 -21.51 29.80 -39.20
C LYS A 103 -20.09 30.08 -38.71
N ASN A 104 -19.91 30.16 -37.39
CA ASN A 104 -18.61 30.44 -36.80
C ASN A 104 -17.88 29.27 -36.14
N LEU A 105 -18.37 28.04 -36.32
CA LEU A 105 -17.79 26.89 -35.60
C LEU A 105 -16.40 26.51 -36.13
N ARG A 106 -15.38 26.68 -35.30
CA ARG A 106 -13.98 26.38 -35.70
C ARG A 106 -13.53 24.99 -35.24
N GLU A 107 -13.90 24.66 -34.00
CA GLU A 107 -13.32 23.49 -33.35
C GLU A 107 -14.46 22.66 -32.86
N LEU A 108 -14.50 21.42 -33.29
CA LEU A 108 -15.55 20.52 -32.85
C LEU A 108 -14.88 19.24 -32.41
N LEU A 109 -15.09 18.87 -31.16
CA LEU A 109 -14.49 17.64 -30.62
C LEU A 109 -15.57 16.58 -30.44
N LEU A 110 -15.35 15.44 -31.06
CA LEU A 110 -16.34 14.37 -31.09
C LEU A 110 -15.65 13.04 -30.82
N GLU A 111 -14.96 12.97 -29.69
CA GLU A 111 -14.18 11.82 -29.35
C GLU A 111 -14.97 10.87 -28.46
N ASP A 112 -14.73 9.58 -28.65
CA ASP A 112 -15.32 8.55 -27.80
C ASP A 112 -16.84 8.63 -27.81
N ASN A 113 -17.43 8.75 -29.00
CA ASN A 113 -18.87 8.90 -29.13
C ASN A 113 -19.52 7.70 -29.84
N GLN A 114 -18.77 6.64 -30.06
CA GLN A 114 -19.31 5.47 -30.72
C GLN A 114 -19.98 5.83 -32.04
N LEU A 115 -19.39 6.76 -32.77
CA LEU A 115 -19.84 7.11 -34.10
C LEU A 115 -19.48 6.02 -35.10
N PRO A 116 -20.40 5.69 -36.04
CA PRO A 116 -20.14 4.72 -37.13
C PRO A 116 -19.67 5.34 -38.46
N GLN A 117 -19.83 6.65 -38.59
CA GLN A 117 -19.35 7.38 -39.76
C GLN A 117 -19.04 8.83 -39.41
N ILE A 118 -18.28 9.48 -40.28
CA ILE A 118 -18.10 10.90 -40.17
C ILE A 118 -19.48 11.52 -40.33
N PRO A 119 -19.92 12.34 -39.36
CA PRO A 119 -21.24 12.95 -39.51
C PRO A 119 -21.33 13.77 -40.80
N SER A 120 -22.52 13.79 -41.40
CA SER A 120 -22.67 14.38 -42.70
C SER A 120 -22.94 15.87 -42.56
N GLY A 121 -22.48 16.64 -43.55
CA GLY A 121 -22.71 18.08 -43.63
C GLY A 121 -22.18 18.87 -42.46
N LEU A 122 -20.87 18.77 -42.23
CA LEU A 122 -20.25 19.59 -41.19
C LEU A 122 -19.99 20.96 -41.78
N PRO A 123 -20.07 21.99 -40.95
CA PRO A 123 -19.81 23.35 -41.42
C PRO A 123 -18.37 23.56 -41.92
N GLU A 124 -18.25 24.19 -43.07
CA GLU A 124 -16.97 24.43 -43.71
C GLU A 124 -16.15 25.51 -42.98
N SER A 125 -16.70 26.06 -41.91
CA SER A 125 -15.97 26.98 -41.03
C SER A 125 -14.93 26.29 -40.12
N LEU A 126 -15.03 24.97 -40.00
CA LEU A 126 -14.14 24.16 -39.13
C LEU A 126 -12.69 24.21 -39.46
N THR A 127 -11.91 24.57 -38.45
CA THR A 127 -10.43 24.48 -38.54
C THR A 127 -9.89 23.30 -37.76
N GLU A 128 -10.64 22.84 -36.77
CA GLU A 128 -10.18 21.65 -36.04
C GLU A 128 -11.30 20.67 -35.83
N LEU A 129 -11.03 19.41 -36.15
CA LEU A 129 -12.01 18.33 -36.01
C LEU A 129 -11.37 17.11 -35.41
N SER A 130 -11.90 16.66 -34.29
CA SER A 130 -11.40 15.46 -33.65
C SER A 130 -12.47 14.39 -33.59
N LEU A 131 -12.19 13.25 -34.22
CA LEU A 131 -13.11 12.12 -34.25
C LEU A 131 -12.45 10.85 -33.73
N ILE A 132 -11.56 11.02 -32.74
CA ILE A 132 -10.77 9.91 -32.21
C ILE A 132 -11.68 9.03 -31.39
N GLN A 133 -11.37 7.74 -31.33
CA GLN A 133 -12.11 6.73 -30.52
C GLN A 133 -13.56 6.56 -30.93
N ASN A 134 -13.78 6.38 -32.20
CA ASN A 134 -15.12 6.03 -32.67
C ASN A 134 -15.03 4.72 -33.46
N ASN A 135 -16.07 4.42 -34.26
CA ASN A 135 -16.13 3.24 -35.14
C ASN A 135 -16.25 3.64 -36.60
N ILE A 136 -15.40 4.57 -37.01
CA ILE A 136 -15.38 5.07 -38.37
C ILE A 136 -14.38 4.27 -39.21
N TYR A 137 -14.88 3.46 -40.13
CA TYR A 137 -14.05 2.60 -40.99
C TYR A 137 -13.91 3.13 -42.40
N ASN A 138 -14.70 4.16 -42.70
CA ASN A 138 -14.73 4.80 -43.99
C ASN A 138 -14.38 6.30 -43.90
N ILE A 139 -13.29 6.71 -44.55
CA ILE A 139 -12.99 8.13 -44.69
C ILE A 139 -13.34 8.60 -46.11
N THR A 140 -14.46 9.31 -46.21
CA THR A 140 -15.07 9.64 -47.52
C THR A 140 -14.90 11.09 -47.94
N LYS A 141 -14.90 11.32 -49.25
CA LYS A 141 -15.15 12.65 -49.74
C LYS A 141 -16.55 12.80 -49.21
N GLU A 142 -17.13 13.97 -49.26
CA GLU A 142 -18.48 14.12 -48.71
C GLU A 142 -18.39 14.31 -47.22
N GLY A 143 -17.73 13.38 -46.53
CA GLY A 143 -17.52 13.53 -45.10
C GLY A 143 -16.65 14.73 -44.82
N ILE A 144 -15.50 14.83 -45.48
CA ILE A 144 -14.50 15.81 -45.10
C ILE A 144 -13.95 16.72 -46.17
N SER A 145 -13.87 16.24 -47.42
CA SER A 145 -13.46 17.11 -48.51
C SER A 145 -14.59 18.09 -48.58
N ARG A 146 -14.26 19.34 -48.80
CA ARG A 146 -15.15 20.47 -48.56
C ARG A 146 -14.85 21.23 -47.26
N LEU A 147 -14.32 20.55 -46.24
CA LEU A 147 -13.83 21.22 -45.03
C LEU A 147 -12.46 21.76 -45.37
N ILE A 148 -12.44 22.66 -46.33
CA ILE A 148 -11.22 23.16 -46.94
C ILE A 148 -10.45 24.08 -46.00
N ASN A 149 -11.08 24.48 -44.90
CA ASN A 149 -10.38 25.24 -43.87
C ASN A 149 -9.78 24.38 -42.72
N LEU A 150 -10.02 23.07 -42.67
CA LEU A 150 -9.30 22.22 -41.67
C LEU A 150 -7.77 22.48 -41.66
N LYS A 151 -7.27 22.83 -40.48
CA LYS A 151 -5.84 22.83 -40.17
C LYS A 151 -5.42 21.52 -39.49
N ASN A 152 -6.24 21.04 -38.57
CA ASN A 152 -5.93 19.87 -37.74
C ASN A 152 -7.02 18.85 -37.77
N LEU A 153 -6.71 17.62 -38.18
CA LEU A 153 -7.75 16.58 -38.28
C LEU A 153 -7.30 15.30 -37.58
N TYR A 154 -8.08 14.86 -36.62
CA TYR A 154 -7.70 13.74 -35.77
C TYR A 154 -8.69 12.61 -36.02
N LEU A 155 -8.19 11.51 -36.58
CA LEU A 155 -9.00 10.30 -36.88
C LEU A 155 -8.38 9.06 -36.25
N ALA A 156 -7.59 9.26 -35.22
CA ALA A 156 -6.88 8.14 -34.62
C ALA A 156 -7.85 7.25 -33.87
N TRP A 157 -7.41 6.03 -33.59
CA TRP A 157 -8.13 5.11 -32.69
C TRP A 157 -9.56 4.80 -33.17
N ASN A 158 -9.71 4.48 -34.45
CA ASN A 158 -11.03 4.11 -35.00
C ASN A 158 -11.15 2.63 -35.34
N CYS A 159 -10.05 2.05 -35.80
CA CYS A 159 -9.89 0.61 -35.75
C CYS A 159 -8.56 0.09 -35.21
N TYR A 160 -8.65 0.00 -33.90
CA TYR A 160 -7.69 -0.54 -32.99
C TYR A 160 -8.02 -1.99 -33.17
N PHE A 161 -7.47 -2.85 -32.34
CA PHE A 161 -7.37 -4.24 -32.70
C PHE A 161 -8.70 -4.87 -32.95
N ASN A 162 -9.62 -4.59 -32.07
CA ASN A 162 -10.84 -5.36 -32.01
C ASN A 162 -11.96 -4.70 -32.80
N LYS A 163 -12.51 -5.42 -33.76
CA LYS A 163 -11.82 -6.52 -34.47
C LYS A 163 -12.04 -6.14 -35.92
N VAL A 164 -13.32 -5.88 -36.19
CA VAL A 164 -13.76 -4.79 -37.01
C VAL A 164 -13.19 -3.55 -36.23
N CYS A 165 -12.59 -2.61 -36.96
CA CYS A 165 -12.67 -2.60 -38.41
C CYS A 165 -12.04 -3.82 -39.03
N GLU A 166 -12.44 -4.04 -40.25
CA GLU A 166 -11.60 -4.61 -41.23
C GLU A 166 -10.87 -3.34 -41.65
N LYS A 167 -10.00 -3.42 -42.63
CA LYS A 167 -9.10 -2.33 -42.92
C LYS A 167 -9.85 -1.04 -43.12
N THR A 168 -9.28 0.02 -42.60
CA THR A 168 -9.83 1.35 -42.78
C THR A 168 -9.83 1.72 -44.26
N ASN A 169 -10.98 2.10 -44.77
CA ASN A 169 -11.05 2.45 -46.16
C ASN A 169 -10.98 3.96 -46.31
N ILE A 170 -9.93 4.41 -46.99
CA ILE A 170 -9.71 5.80 -47.29
C ILE A 170 -9.90 6.07 -48.78
N GLU A 171 -11.00 6.73 -49.10
CA GLU A 171 -11.32 7.06 -50.47
C GLU A 171 -10.19 7.87 -51.13
N ASP A 172 -9.85 7.50 -52.35
CA ASP A 172 -8.72 8.11 -53.03
C ASP A 172 -8.85 9.62 -53.15
N GLY A 173 -7.81 10.35 -52.77
CA GLY A 173 -7.81 11.83 -52.77
C GLY A 173 -8.70 12.59 -51.77
N VAL A 174 -9.27 11.91 -50.81
CA VAL A 174 -10.14 12.58 -49.83
C VAL A 174 -9.45 13.77 -49.14
N PHE A 175 -8.14 13.72 -48.95
CA PHE A 175 -7.43 14.82 -48.28
C PHE A 175 -6.83 15.83 -49.25
N GLU A 176 -6.83 15.56 -50.56
CA GLU A 176 -6.16 16.47 -51.50
C GLU A 176 -6.77 17.86 -51.57
N THR A 177 -8.05 17.89 -51.30
CA THR A 177 -8.85 19.08 -51.21
C THR A 177 -8.56 19.99 -50.01
N LEU A 178 -8.01 19.46 -48.95
CA LEU A 178 -7.77 20.25 -47.77
C LEU A 178 -6.44 20.93 -47.89
N THR A 179 -6.40 22.07 -48.53
CA THR A 179 -5.13 22.67 -48.89
C THR A 179 -4.48 23.50 -47.80
N ASN A 180 -5.16 23.63 -46.68
CA ASN A 180 -4.56 24.20 -45.48
C ASN A 180 -4.25 23.23 -44.33
N LEU A 181 -4.41 21.94 -44.59
CA LEU A 181 -4.20 20.91 -43.55
C LEU A 181 -2.73 20.79 -43.08
N GLU A 182 -2.49 21.01 -41.79
CA GLU A 182 -1.14 21.01 -41.20
C GLU A 182 -0.86 19.79 -40.37
N LEU A 183 -1.88 19.36 -39.65
CA LEU A 183 -1.77 18.17 -38.86
C LEU A 183 -2.81 17.16 -39.30
N LEU A 184 -2.34 15.94 -39.58
CA LEU A 184 -3.21 14.78 -39.85
C LEU A 184 -2.80 13.54 -39.01
N SER A 185 -3.73 13.02 -38.25
CA SER A 185 -3.44 11.91 -37.38
C SER A 185 -4.37 10.77 -37.71
N LEU A 186 -3.77 9.65 -38.12
CA LEU A 186 -4.53 8.42 -38.43
C LEU A 186 -4.00 7.24 -37.63
N SER A 187 -3.21 7.53 -36.61
CA SER A 187 -2.67 6.52 -35.73
C SER A 187 -3.71 5.56 -35.20
N PHE A 188 -3.31 4.32 -34.94
CA PHE A 188 -4.21 3.31 -34.36
C PHE A 188 -5.47 3.04 -35.21
N ASN A 189 -5.22 2.82 -36.51
CA ASN A 189 -6.17 2.29 -37.51
C ASN A 189 -5.39 1.34 -38.38
N SER A 190 -6.02 0.31 -38.93
CA SER A 190 -5.33 -0.58 -39.88
C SER A 190 -5.40 0.02 -41.26
N LEU A 191 -4.26 0.49 -41.76
CA LEU A 191 -4.14 1.12 -43.07
C LEU A 191 -3.35 0.31 -44.09
N SER A 192 -2.41 -0.51 -43.65
CA SER A 192 -1.51 -1.27 -44.53
C SER A 192 -0.56 -0.45 -45.36
N HIS A 193 -1.00 0.70 -45.85
CA HIS A 193 -0.07 1.60 -46.55
C HIS A 193 -0.43 3.10 -46.41
N VAL A 194 0.59 3.93 -46.62
CA VAL A 194 0.44 5.36 -46.54
C VAL A 194 -0.55 5.81 -47.63
N PRO A 195 -1.65 6.46 -47.23
CA PRO A 195 -2.58 6.94 -48.24
C PRO A 195 -1.90 7.87 -49.24
N PRO A 196 -2.29 7.80 -50.51
CA PRO A 196 -1.72 8.70 -51.50
C PRO A 196 -2.49 10.00 -51.52
N LYS A 197 -1.95 11.01 -52.21
CA LYS A 197 -2.64 12.28 -52.40
C LYS A 197 -2.90 13.01 -51.08
N LEU A 198 -1.79 13.25 -50.37
CA LEU A 198 -1.79 14.05 -49.14
C LEU A 198 -1.36 15.46 -49.50
N PRO A 199 -2.06 16.45 -48.96
CA PRO A 199 -1.73 17.83 -49.31
C PRO A 199 -0.33 18.24 -48.86
N SER A 200 0.28 19.09 -49.69
CA SER A 200 1.59 19.63 -49.48
C SER A 200 1.67 20.60 -48.29
N SER A 201 0.52 21.00 -47.75
CA SER A 201 0.46 21.82 -46.55
C SER A 201 0.84 21.04 -45.28
N LEU A 202 0.81 19.70 -45.34
CA LEU A 202 1.09 18.90 -44.13
C LEU A 202 2.39 19.23 -43.42
N ARG A 203 2.31 19.38 -42.12
CA ARG A 203 3.51 19.58 -41.32
C ARG A 203 3.75 18.41 -40.37
N LYS A 204 2.68 17.79 -39.92
CA LYS A 204 2.76 16.70 -38.99
C LYS A 204 1.83 15.57 -39.41
N LEU A 205 2.41 14.39 -39.60
CA LEU A 205 1.68 13.24 -40.04
C LEU A 205 1.91 12.15 -39.03
N PHE A 206 0.85 11.72 -38.37
CA PHE A 206 0.91 10.69 -37.34
C PHE A 206 0.34 9.40 -37.90
N LEU A 207 1.20 8.37 -37.97
CA LEU A 207 0.83 7.07 -38.52
C LEU A 207 1.28 5.93 -37.64
N SER A 208 1.12 6.13 -36.34
CA SER A 208 1.49 5.09 -35.38
C SER A 208 0.56 3.88 -35.39
N ASN A 209 1.12 2.70 -35.28
CA ASN A 209 0.32 1.51 -35.12
C ASN A 209 -0.76 1.47 -36.19
N THR A 210 -0.34 1.59 -37.45
CA THR A 210 -1.26 1.58 -38.58
C THR A 210 -1.04 0.34 -39.49
N GLN A 211 -0.26 -0.64 -39.03
CA GLN A 211 0.09 -1.84 -39.83
C GLN A 211 0.74 -1.51 -41.18
N ILE A 212 1.56 -0.48 -41.21
CA ILE A 212 2.22 -0.15 -42.44
C ILE A 212 3.61 -0.72 -42.37
N LYS A 213 3.79 -1.86 -43.05
CA LYS A 213 5.04 -2.57 -42.90
C LYS A 213 6.07 -2.18 -43.87
N TYR A 214 5.73 -1.33 -44.83
CA TYR A 214 6.68 -1.01 -45.90
C TYR A 214 6.50 0.45 -46.34
N ILE A 215 7.60 1.17 -46.52
CA ILE A 215 7.51 2.59 -46.90
C ILE A 215 8.25 2.79 -48.17
N SER A 216 7.51 3.14 -49.23
CA SER A 216 8.09 3.30 -50.56
C SER A 216 8.71 4.69 -50.75
N GLU A 217 9.45 4.84 -51.84
CA GLU A 217 10.04 6.10 -52.23
C GLU A 217 8.96 7.14 -52.50
N GLU A 218 7.79 6.67 -52.94
CA GLU A 218 6.71 7.55 -53.39
C GLU A 218 5.78 7.94 -52.28
N ASP A 219 5.88 7.29 -51.13
CA ASP A 219 4.92 7.51 -50.04
C ASP A 219 4.93 8.94 -49.48
N PHE A 220 6.10 9.54 -49.33
CA PHE A 220 6.15 10.87 -48.70
C PHE A 220 6.52 12.04 -49.62
N LYS A 221 5.97 12.03 -50.82
CA LYS A 221 5.85 13.27 -51.57
C LYS A 221 4.39 13.72 -51.77
N GLY A 222 4.21 14.99 -52.07
CA GLY A 222 5.31 15.95 -52.08
C GLY A 222 5.23 16.75 -50.81
N LEU A 223 5.67 16.15 -49.70
CA LEU A 223 5.45 16.72 -48.38
C LEU A 223 6.66 17.48 -47.97
N ILE A 224 6.89 18.58 -48.68
CA ILE A 224 8.14 19.32 -48.53
C ILE A 224 8.08 20.18 -47.28
N ASN A 225 6.92 20.33 -46.67
CA ASN A 225 6.81 21.04 -45.41
C ASN A 225 6.80 20.14 -44.14
N LEU A 226 6.93 18.83 -44.27
CA LEU A 226 6.74 18.01 -43.11
C LEU A 226 7.80 18.25 -42.04
N THR A 227 7.37 18.53 -40.83
CA THR A 227 8.27 18.68 -39.70
C THR A 227 8.24 17.49 -38.76
N LEU A 228 7.13 16.77 -38.74
CA LEU A 228 6.95 15.57 -37.90
C LEU A 228 6.41 14.38 -38.69
N LEU A 229 7.06 13.23 -38.54
CA LEU A 229 6.54 11.97 -39.01
C LEU A 229 6.61 10.90 -37.88
N ASP A 230 5.46 10.29 -37.58
CA ASP A 230 5.37 9.23 -36.57
C ASP A 230 4.99 7.89 -37.24
N LEU A 231 5.93 6.97 -37.31
CA LEU A 231 5.69 5.61 -37.85
C LEU A 231 5.86 4.53 -36.78
N SER A 232 5.83 4.96 -35.51
CA SER A 232 6.03 4.06 -34.39
C SER A 232 5.05 2.92 -34.45
N GLY A 233 5.47 1.74 -33.99
CA GLY A 233 4.49 0.65 -33.72
C GLY A 233 3.99 -0.05 -35.00
N ASN A 234 4.74 0.09 -36.07
CA ASN A 234 4.49 -0.67 -37.29
C ASN A 234 5.57 -1.69 -37.41
N CYS A 235 5.20 -2.98 -37.38
CA CYS A 235 6.15 -4.10 -37.10
C CYS A 235 6.67 -3.95 -35.65
N PRO A 236 5.76 -4.01 -34.69
CA PRO A 236 6.11 -3.76 -33.30
C PRO A 236 7.02 -4.81 -32.79
N ARG A 237 7.79 -4.44 -31.77
CA ARG A 237 8.52 -5.37 -30.91
C ARG A 237 7.54 -5.81 -29.83
N CYS A 238 7.03 -7.03 -29.86
CA CYS A 238 5.93 -7.38 -28.95
C CYS A 238 6.38 -8.10 -27.70
N PHE A 239 7.66 -8.34 -27.54
CA PHE A 239 8.15 -8.99 -26.33
C PHE A 239 7.67 -8.24 -25.10
N ASN A 240 6.88 -8.91 -24.25
CA ASN A 240 6.50 -8.32 -22.96
C ASN A 240 5.64 -7.08 -23.13
N ALA A 241 4.92 -7.01 -24.23
CA ALA A 241 4.14 -5.84 -24.56
C ALA A 241 2.89 -5.83 -23.68
N PRO A 242 2.59 -4.71 -23.03
CA PRO A 242 1.36 -4.62 -22.22
C PRO A 242 0.05 -4.72 -23.03
N PHE A 243 -0.05 -3.98 -24.15
CA PHE A 243 -1.25 -4.03 -25.01
C PHE A 243 -1.19 -5.20 -25.99
N PRO A 244 -2.34 -5.54 -26.60
CA PRO A 244 -2.23 -6.56 -27.63
C PRO A 244 -1.33 -6.09 -28.77
N CYS A 245 -0.64 -7.05 -29.39
CA CYS A 245 0.45 -6.73 -30.25
C CYS A 245 0.72 -7.82 -31.28
N VAL A 246 0.75 -7.45 -32.56
CA VAL A 246 1.01 -8.37 -33.62
C VAL A 246 2.27 -8.04 -34.40
N PRO A 247 3.29 -8.88 -34.30
CA PRO A 247 4.44 -8.53 -35.08
C PRO A 247 4.21 -8.81 -36.55
N CYS A 248 5.06 -8.21 -37.38
CA CYS A 248 5.28 -8.64 -38.75
C CYS A 248 5.90 -10.06 -38.77
N ASP A 249 5.86 -10.69 -39.94
CA ASP A 249 6.31 -12.08 -40.12
C ASP A 249 7.79 -12.28 -39.75
N GLY A 250 8.04 -13.17 -38.80
CA GLY A 250 9.35 -13.32 -38.18
C GLY A 250 9.65 -12.13 -37.28
N GLY A 251 10.94 -11.87 -37.03
CA GLY A 251 11.30 -10.70 -36.22
C GLY A 251 11.50 -9.45 -37.05
N ALA A 252 10.78 -9.36 -38.16
CA ALA A 252 11.14 -8.46 -39.22
C ALA A 252 10.78 -7.02 -38.88
N SER A 253 11.69 -6.15 -39.28
CA SER A 253 11.53 -4.76 -39.02
C SER A 253 10.62 -4.16 -40.05
N ILE A 254 10.11 -2.99 -39.74
CA ILE A 254 9.49 -2.13 -40.73
C ILE A 254 10.48 -2.08 -41.88
N ASN A 255 9.96 -1.97 -43.10
CA ASN A 255 10.79 -1.94 -44.28
C ASN A 255 10.68 -0.56 -44.95
N ILE A 256 11.78 0.20 -44.91
CA ILE A 256 11.78 1.57 -45.35
C ILE A 256 12.80 1.69 -46.42
N ASP A 257 12.31 1.96 -47.61
CA ASP A 257 13.14 2.18 -48.75
C ASP A 257 14.21 3.24 -48.48
N ARG A 258 15.41 3.05 -49.03
CA ARG A 258 16.55 3.97 -48.85
C ARG A 258 16.26 5.44 -49.11
N PHE A 259 15.37 5.69 -50.07
CA PHE A 259 15.06 7.06 -50.52
C PHE A 259 13.68 7.54 -50.01
N ALA A 260 13.10 6.79 -49.08
CA ALA A 260 11.80 7.13 -48.53
C ALA A 260 11.68 8.56 -48.01
N PHE A 261 12.77 9.09 -47.50
CA PHE A 261 12.77 10.37 -46.80
C PHE A 261 13.62 11.42 -47.51
N GLN A 262 13.97 11.17 -48.78
CA GLN A 262 14.91 12.06 -49.45
C GLN A 262 14.37 13.50 -49.63
N ASN A 263 13.06 13.68 -49.74
CA ASN A 263 12.51 15.01 -49.92
C ASN A 263 11.90 15.63 -48.66
N LEU A 264 12.08 15.02 -47.48
CA LEU A 264 11.54 15.56 -46.22
C LEU A 264 12.57 16.45 -45.53
N THR A 265 12.92 17.52 -46.21
CA THR A 265 14.06 18.32 -45.82
C THR A 265 13.73 19.16 -44.61
N GLN A 266 12.45 19.29 -44.31
CA GLN A 266 12.07 20.03 -43.12
C GLN A 266 11.83 19.17 -41.82
N LEU A 267 11.95 17.84 -41.90
CA LEU A 267 11.69 16.97 -40.73
C LEU A 267 12.50 17.32 -39.50
N ARG A 268 11.80 17.59 -38.41
CA ARG A 268 12.39 17.91 -37.12
C ARG A 268 12.19 16.76 -36.09
N TYR A 269 11.06 16.05 -36.19
CA TYR A 269 10.64 15.03 -35.27
C TYR A 269 10.33 13.75 -36.04
N LEU A 270 11.06 12.67 -35.69
CA LEU A 270 10.88 11.35 -36.29
C LEU A 270 10.78 10.29 -35.21
N ASN A 271 9.69 9.55 -35.22
CA ASN A 271 9.40 8.53 -34.21
C ASN A 271 9.28 7.20 -34.91
N LEU A 272 10.29 6.36 -34.67
CA LEU A 272 10.37 4.97 -35.18
C LEU A 272 10.42 3.96 -34.02
N SER A 273 9.80 4.34 -32.92
CA SER A 273 9.73 3.47 -31.76
C SER A 273 8.94 2.23 -32.13
N SER A 274 9.38 1.10 -31.60
CA SER A 274 8.70 -0.18 -31.79
C SER A 274 8.42 -0.47 -33.27
N THR A 275 9.50 -0.46 -34.05
CA THR A 275 9.42 -0.87 -35.44
C THR A 275 10.33 -2.05 -35.73
N SER A 276 10.78 -2.72 -34.68
CA SER A 276 11.59 -3.94 -34.76
C SER A 276 12.83 -3.72 -35.59
N LEU A 277 13.36 -2.50 -35.58
CA LEU A 277 14.62 -2.18 -36.27
C LEU A 277 15.85 -2.82 -35.67
N ARG A 278 16.65 -3.41 -36.55
CA ARG A 278 17.98 -3.92 -36.21
C ARG A 278 19.04 -3.03 -36.80
N LYS A 279 18.73 -2.41 -37.94
CA LYS A 279 19.70 -1.59 -38.62
C LYS A 279 19.08 -0.26 -38.99
N ILE A 280 19.88 0.77 -38.92
CA ILE A 280 19.43 2.07 -39.30
C ILE A 280 20.26 2.58 -40.47
N ASN A 281 19.59 2.65 -41.60
CA ASN A 281 20.15 3.13 -42.83
C ASN A 281 20.53 4.58 -42.68
N ALA A 282 21.83 4.87 -42.65
CA ALA A 282 22.30 6.24 -42.53
C ALA A 282 21.84 7.17 -43.67
N ALA A 283 21.50 6.58 -44.81
CA ALA A 283 21.06 7.32 -45.96
C ALA A 283 19.66 7.93 -45.78
N TRP A 284 18.91 7.42 -44.80
CA TRP A 284 17.61 7.99 -44.45
C TRP A 284 17.67 9.45 -44.01
N PHE A 285 18.83 9.86 -43.49
CA PHE A 285 19.03 11.18 -42.88
C PHE A 285 19.86 12.13 -43.75
N LYS A 286 20.28 11.67 -44.94
CA LYS A 286 21.11 12.48 -45.84
C LYS A 286 20.54 13.90 -46.06
N ASN A 287 19.25 13.97 -46.37
CA ASN A 287 18.56 15.22 -46.73
C ASN A 287 17.70 15.82 -45.60
N MET A 288 18.13 15.65 -44.37
CA MET A 288 17.27 15.88 -43.22
C MET A 288 18.10 16.58 -42.14
N PRO A 289 18.71 17.70 -42.51
CA PRO A 289 19.73 18.28 -41.64
C PRO A 289 19.21 18.99 -40.40
N HIS A 290 17.90 19.08 -40.25
CA HIS A 290 17.35 19.71 -39.07
C HIS A 290 16.81 18.74 -38.05
N LEU A 291 17.01 17.45 -38.25
CA LEU A 291 16.33 16.53 -37.36
C LEU A 291 16.73 16.82 -35.92
N LYS A 292 15.71 17.01 -35.09
CA LYS A 292 15.84 17.46 -33.71
C LYS A 292 15.53 16.36 -32.67
N VAL A 293 14.51 15.57 -32.91
CA VAL A 293 14.04 14.60 -31.96
C VAL A 293 13.85 13.29 -32.68
N LEU A 294 14.50 12.27 -32.19
CA LEU A 294 14.44 10.95 -32.82
C LEU A 294 14.20 9.88 -31.74
N ASP A 295 13.09 9.20 -31.88
CA ASP A 295 12.68 8.14 -30.98
C ASP A 295 12.94 6.78 -31.61
N LEU A 296 13.82 6.00 -30.96
CA LEU A 296 14.12 4.65 -31.40
C LEU A 296 13.97 3.63 -30.26
N GLU A 297 13.03 3.89 -29.37
CA GLU A 297 12.73 3.00 -28.22
C GLU A 297 12.11 1.71 -28.73
N PHE A 298 12.24 0.63 -27.96
CA PHE A 298 11.58 -0.65 -28.25
C PHE A 298 11.94 -1.26 -29.60
N ASN A 299 13.21 -1.22 -29.96
CA ASN A 299 13.74 -1.86 -31.17
C ASN A 299 14.81 -2.94 -30.78
N TYR A 300 15.74 -3.29 -31.68
CA TYR A 300 16.82 -4.26 -31.39
C TYR A 300 18.16 -3.68 -31.80
N LEU A 301 18.50 -2.51 -31.22
CA LEU A 301 19.56 -1.66 -31.77
C LEU A 301 20.84 -1.73 -30.97
N VAL A 302 20.99 -2.80 -30.20
CA VAL A 302 22.20 -2.96 -29.39
C VAL A 302 23.41 -2.94 -30.29
N GLY A 303 23.36 -3.69 -31.39
CA GLY A 303 24.45 -3.66 -32.37
C GLY A 303 24.65 -2.30 -33.00
N GLU A 304 23.56 -1.68 -33.46
CA GLU A 304 23.67 -0.28 -33.97
C GLU A 304 24.17 0.76 -32.99
N ILE A 305 23.96 0.54 -31.70
CA ILE A 305 24.44 1.50 -30.70
C ILE A 305 25.95 1.38 -30.57
N ALA A 306 26.42 0.16 -30.84
CA ALA A 306 27.86 -0.12 -30.84
C ALA A 306 28.59 0.43 -32.09
N SER A 307 27.94 0.44 -33.26
CA SER A 307 28.62 0.89 -34.49
C SER A 307 28.12 2.27 -34.89
N GLY A 308 26.87 2.31 -35.33
CA GLY A 308 26.13 3.56 -35.40
C GLY A 308 26.59 4.53 -36.44
N ALA A 309 26.47 4.13 -37.69
CA ALA A 309 26.90 5.00 -38.79
C ALA A 309 25.98 6.18 -38.86
N PHE A 310 24.68 5.91 -38.73
CA PHE A 310 23.67 6.96 -38.79
C PHE A 310 23.93 8.12 -37.82
N LEU A 311 24.79 7.91 -36.83
CA LEU A 311 25.07 8.93 -35.83
C LEU A 311 25.86 10.09 -36.41
N THR A 312 26.61 9.86 -37.49
CA THR A 312 27.39 10.91 -38.12
C THR A 312 26.47 11.87 -38.91
N MET A 313 25.24 11.46 -39.13
CA MET A 313 24.30 12.17 -39.98
C MET A 313 23.31 13.08 -39.23
N LEU A 314 23.59 13.42 -37.98
CA LEU A 314 22.56 14.05 -37.10
C LEU A 314 23.19 15.11 -36.22
N PRO A 315 23.88 16.08 -36.81
CA PRO A 315 24.64 17.08 -36.03
C PRO A 315 23.74 18.12 -35.31
N ARG A 316 22.46 18.16 -35.67
CA ARG A 316 21.45 18.99 -35.00
C ARG A 316 20.45 18.25 -34.05
N LEU A 317 20.59 16.93 -33.92
CA LEU A 317 19.72 16.20 -33.01
C LEU A 317 19.89 16.69 -31.56
N GLU A 318 18.78 16.97 -30.91
CA GLU A 318 18.76 17.43 -29.52
C GLU A 318 18.30 16.36 -28.51
N ILE A 319 17.37 15.51 -28.94
CA ILE A 319 16.84 14.46 -28.09
C ILE A 319 16.91 13.14 -28.83
N LEU A 320 17.63 12.20 -28.21
CA LEU A 320 17.76 10.85 -28.73
C LEU A 320 17.27 9.85 -27.70
N ASP A 321 16.27 9.05 -28.09
CA ASP A 321 15.79 8.01 -27.22
C ASP A 321 16.05 6.63 -27.80
N LEU A 322 16.88 5.86 -27.09
CA LEU A 322 17.25 4.52 -27.50
C LEU A 322 16.85 3.49 -26.41
N SER A 323 15.79 3.82 -25.71
CA SER A 323 15.44 3.06 -24.55
C SER A 323 14.77 1.73 -24.90
N PHE A 324 14.96 0.78 -23.99
CA PHE A 324 14.32 -0.52 -24.05
C PHE A 324 14.66 -1.24 -25.36
N ASN A 325 15.95 -1.25 -25.70
CA ASN A 325 16.43 -2.12 -26.79
C ASN A 325 17.14 -3.40 -26.25
N TYR A 326 16.88 -3.75 -25.00
CA TYR A 326 17.58 -4.85 -24.33
C TYR A 326 17.37 -6.13 -25.06
N ILE A 327 18.29 -7.04 -24.91
CA ILE A 327 18.14 -8.36 -25.52
C ILE A 327 17.64 -9.37 -24.47
N LYS A 328 16.56 -10.02 -24.80
CA LYS A 328 15.93 -11.00 -23.93
C LYS A 328 16.90 -12.09 -23.53
N GLY A 329 16.96 -12.41 -22.25
CA GLY A 329 17.78 -13.52 -21.74
C GLY A 329 19.16 -13.07 -21.37
N SER A 330 19.48 -11.81 -21.61
CA SER A 330 20.85 -11.31 -21.49
C SER A 330 21.03 -10.27 -20.38
N TYR A 331 22.24 -10.18 -19.84
CA TYR A 331 22.64 -9.29 -18.80
C TYR A 331 24.13 -9.05 -18.95
N PRO A 332 24.53 -8.37 -20.03
CA PRO A 332 25.94 -8.25 -20.42
C PRO A 332 26.68 -7.44 -19.42
N GLN A 333 27.99 -7.69 -19.30
CA GLN A 333 28.79 -6.94 -18.39
C GLN A 333 28.81 -5.45 -18.65
N HIS A 334 28.84 -5.09 -19.93
CA HIS A 334 29.23 -3.72 -20.31
C HIS A 334 28.29 -3.22 -21.37
N ILE A 335 28.16 -1.89 -21.42
CA ILE A 335 27.45 -1.22 -22.47
C ILE A 335 28.52 -0.85 -23.51
N ASN A 336 28.18 -1.00 -24.78
CA ASN A 336 29.06 -0.65 -25.90
C ASN A 336 28.50 0.54 -26.72
N ILE A 337 29.07 1.71 -26.48
CA ILE A 337 28.67 2.97 -27.07
C ILE A 337 29.66 3.33 -28.18
N SER A 338 29.21 3.31 -29.43
CA SER A 338 30.03 3.84 -30.55
C SER A 338 30.69 5.18 -30.30
N ARG A 339 31.91 5.33 -30.78
CA ARG A 339 32.57 6.66 -30.78
C ARG A 339 31.82 7.69 -31.63
N ASN A 340 30.99 7.25 -32.57
CA ASN A 340 30.19 8.15 -33.34
C ASN A 340 29.19 9.01 -32.58
N PHE A 341 28.85 8.64 -31.33
CA PHE A 341 28.01 9.49 -30.48
C PHE A 341 28.65 10.85 -30.31
N SER A 342 29.98 10.92 -30.41
CA SER A 342 30.67 12.21 -30.30
C SER A 342 30.31 13.18 -31.42
N LYS A 343 29.62 12.71 -32.44
CA LYS A 343 29.19 13.57 -33.56
C LYS A 343 27.82 14.19 -33.33
N LEU A 344 27.16 13.83 -32.24
CA LEU A 344 25.89 14.43 -31.92
C LEU A 344 26.09 15.71 -31.15
N LEU A 345 26.58 16.71 -31.87
CA LEU A 345 27.06 17.95 -31.27
C LEU A 345 25.97 18.78 -30.70
N SER A 346 24.75 18.64 -31.21
CA SER A 346 23.63 19.38 -30.60
C SER A 346 22.89 18.64 -29.47
N LEU A 347 23.36 17.48 -29.04
CA LEU A 347 22.58 16.62 -28.14
C LEU A 347 22.38 17.27 -26.78
N ARG A 348 21.10 17.39 -26.34
CA ARG A 348 20.79 17.91 -25.00
C ARG A 348 20.36 16.83 -24.01
N ALA A 349 19.67 15.81 -24.53
CA ALA A 349 19.09 14.76 -23.68
C ALA A 349 19.31 13.41 -24.32
N LEU A 350 19.99 12.51 -23.63
CA LEU A 350 20.15 11.11 -24.10
C LEU A 350 19.41 10.11 -23.18
N HIS A 351 18.43 9.38 -23.75
CA HIS A 351 17.64 8.42 -23.00
C HIS A 351 18.04 7.02 -23.35
N LEU A 352 18.62 6.34 -22.37
CA LEU A 352 19.09 5.00 -22.54
C LEU A 352 18.57 4.11 -21.40
N ARG A 353 17.28 4.14 -21.17
CA ARG A 353 16.69 3.21 -20.25
C ARG A 353 16.71 1.84 -20.82
N GLY A 354 16.79 0.85 -19.93
CA GLY A 354 16.46 -0.50 -20.35
C GLY A 354 17.30 -1.07 -21.49
N TYR A 355 18.58 -0.81 -21.44
CA TYR A 355 19.57 -1.47 -22.24
C TYR A 355 19.95 -2.75 -21.51
N VAL A 356 20.26 -2.61 -20.22
CA VAL A 356 20.43 -3.71 -19.25
C VAL A 356 21.87 -4.17 -19.30
N PHE A 357 22.65 -3.78 -18.32
CA PHE A 357 24.00 -4.16 -18.25
C PHE A 357 24.50 -3.92 -16.87
N GLN A 358 25.65 -4.51 -16.54
CA GLN A 358 26.12 -4.64 -15.16
C GLN A 358 27.07 -3.62 -14.68
N GLU A 359 27.90 -3.09 -15.54
CA GLU A 359 28.91 -2.12 -15.08
C GLU A 359 29.13 -0.96 -16.04
N LEU A 360 29.37 0.24 -15.49
CA LEU A 360 29.61 1.40 -16.29
C LEU A 360 31.00 1.93 -15.94
N ARG A 361 31.89 1.87 -16.91
CA ARG A 361 33.27 2.39 -16.78
C ARG A 361 33.38 3.77 -17.40
N GLU A 362 34.33 4.57 -16.91
CA GLU A 362 34.74 5.87 -17.47
C GLU A 362 34.82 5.87 -18.98
N ASP A 363 35.58 4.94 -19.55
CA ASP A 363 35.81 4.92 -21.01
C ASP A 363 34.49 4.74 -21.77
N ASP A 364 33.53 4.02 -21.20
CA ASP A 364 32.30 3.69 -21.95
C ASP A 364 31.55 4.94 -22.37
N PHE A 365 31.69 6.02 -21.63
CA PHE A 365 31.02 7.28 -21.91
C PHE A 365 31.91 8.42 -22.42
N GLN A 366 33.11 8.06 -22.86
CA GLN A 366 34.04 9.04 -23.38
C GLN A 366 33.45 9.86 -24.54
N PRO A 367 32.73 9.22 -25.48
CA PRO A 367 32.13 10.02 -26.56
C PRO A 367 31.17 11.12 -26.15
N LEU A 368 30.53 10.96 -25.00
CA LEU A 368 29.53 11.93 -24.59
C LEU A 368 30.16 13.09 -23.87
N MET A 369 31.40 12.91 -23.43
CA MET A 369 32.02 13.90 -22.54
C MET A 369 32.40 15.17 -23.29
N GLN A 370 32.37 15.17 -24.61
CA GLN A 370 32.74 16.35 -25.37
C GLN A 370 31.51 17.09 -25.97
N LEU A 371 30.30 16.58 -25.74
CA LEU A 371 29.10 17.16 -26.28
C LEU A 371 28.70 18.36 -25.44
N PRO A 372 28.72 19.59 -26.03
CA PRO A 372 28.70 20.77 -25.15
C PRO A 372 27.38 21.02 -24.45
N ASN A 373 26.27 20.58 -25.04
CA ASN A 373 24.98 20.90 -24.48
C ASN A 373 24.24 19.69 -23.80
N LEU A 374 24.94 18.58 -23.59
CA LEU A 374 24.30 17.39 -23.02
C LEU A 374 24.05 17.69 -21.56
N SER A 375 22.77 17.92 -21.24
CA SER A 375 22.37 18.22 -19.89
C SER A 375 21.59 17.09 -19.16
N THR A 376 21.03 16.12 -19.90
CA THR A 376 20.28 15.00 -19.31
C THR A 376 20.80 13.66 -19.82
N ILE A 377 21.21 12.79 -18.89
CA ILE A 377 21.58 11.41 -19.17
C ILE A 377 20.61 10.55 -18.39
N ASN A 378 19.81 9.78 -19.09
CA ASN A 378 18.80 8.96 -18.45
C ASN A 378 19.20 7.50 -18.56
N LEU A 379 19.69 6.93 -17.45
CA LEU A 379 20.07 5.50 -17.41
C LEU A 379 19.15 4.65 -16.49
N GLY A 380 17.91 5.07 -16.38
CA GLY A 380 16.95 4.36 -15.57
C GLY A 380 16.80 2.91 -16.01
N ILE A 381 16.57 2.01 -15.04
CA ILE A 381 16.15 0.65 -15.35
C ILE A 381 17.15 -0.10 -16.26
N ASN A 382 18.41 -0.03 -15.90
CA ASN A 382 19.45 -0.85 -16.49
C ASN A 382 20.03 -1.93 -15.59
N PHE A 383 19.66 -1.90 -14.32
CA PHE A 383 20.12 -2.90 -13.35
C PHE A 383 21.61 -2.95 -13.27
N ILE A 384 22.20 -1.77 -13.32
CA ILE A 384 23.64 -1.63 -13.25
C ILE A 384 24.09 -1.83 -11.83
N LYS A 385 25.04 -2.73 -11.64
CA LYS A 385 25.64 -3.00 -10.35
C LYS A 385 26.66 -2.01 -9.95
N GLN A 386 27.45 -1.53 -10.89
CA GLN A 386 28.51 -0.59 -10.50
C GLN A 386 28.83 0.44 -11.52
N ILE A 387 29.08 1.63 -11.02
CA ILE A 387 29.36 2.74 -11.86
C ILE A 387 30.60 3.43 -11.36
N ASP A 388 31.45 3.81 -12.28
CA ASP A 388 32.59 4.62 -11.92
C ASP A 388 32.14 6.09 -11.87
N PHE A 389 31.66 6.52 -10.72
CA PHE A 389 30.95 7.78 -10.57
C PHE A 389 31.75 9.02 -10.96
N LYS A 390 33.08 8.95 -10.87
CA LYS A 390 33.94 10.06 -11.24
C LYS A 390 33.73 10.48 -12.70
N LEU A 391 33.38 9.55 -13.58
CA LEU A 391 33.09 9.87 -14.98
C LEU A 391 32.09 11.03 -15.20
N PHE A 392 31.18 11.26 -14.25
CA PHE A 392 30.22 12.37 -14.37
C PHE A 392 30.85 13.74 -14.09
N GLN A 393 32.08 13.79 -13.61
CA GLN A 393 32.76 15.07 -13.44
C GLN A 393 33.22 15.66 -14.79
N ASN A 394 33.47 14.82 -15.79
CA ASN A 394 33.94 15.28 -17.08
C ASN A 394 32.86 15.80 -17.99
N PHE A 395 31.77 16.35 -17.48
CA PHE A 395 30.70 16.85 -18.34
C PHE A 395 30.39 18.30 -17.92
N SER A 396 30.57 19.25 -18.84
CA SER A 396 30.45 20.68 -18.49
C SER A 396 29.02 21.11 -18.17
N ASN A 397 28.06 20.38 -18.70
CA ASN A 397 26.70 20.86 -18.61
C ASN A 397 25.69 19.85 -18.10
N LEU A 398 26.08 18.71 -17.52
CA LEU A 398 25.08 17.77 -16.95
C LEU A 398 24.29 18.38 -15.81
N GLU A 399 22.98 18.45 -15.94
CA GLU A 399 22.10 18.94 -14.89
C GLU A 399 21.23 17.80 -14.26
N ILE A 400 21.06 16.72 -15.02
CA ILE A 400 20.21 15.62 -14.60
C ILE A 400 20.86 14.29 -14.91
N ILE A 401 21.23 13.57 -13.86
CA ILE A 401 21.74 12.21 -13.95
C ILE A 401 20.67 11.29 -13.30
N TYR A 402 19.95 10.56 -14.14
CA TYR A 402 18.86 9.78 -13.70
C TYR A 402 19.31 8.32 -13.68
N LEU A 403 19.49 7.78 -12.47
CA LEU A 403 19.93 6.41 -12.27
C LEU A 403 18.94 5.50 -11.48
N SER A 404 17.67 5.85 -11.45
CA SER A 404 16.67 5.01 -10.81
C SER A 404 16.62 3.57 -11.36
N GLU A 405 16.24 2.60 -10.51
CA GLU A 405 16.11 1.18 -10.92
C GLU A 405 17.37 0.62 -11.54
N ASN A 406 18.50 0.95 -10.91
CA ASN A 406 19.73 0.22 -11.08
C ASN A 406 20.02 -0.56 -9.78
N ARG A 407 21.22 -1.10 -9.65
CA ARG A 407 21.56 -1.96 -8.54
C ARG A 407 22.81 -1.53 -7.89
N ILE A 408 23.00 -0.21 -7.77
CA ILE A 408 24.09 0.32 -7.03
C ILE A 408 23.99 -0.12 -5.54
N SER A 409 25.14 -0.48 -4.95
CA SER A 409 25.28 -1.01 -3.57
C SER A 409 26.05 -0.07 -2.69
N PRO A 410 26.10 -0.38 -1.39
CA PRO A 410 26.93 0.47 -0.54
C PRO A 410 28.40 0.36 -0.92
N LEU A 411 29.05 1.54 -1.04
CA LEU A 411 30.44 1.67 -1.42
C LEU A 411 31.35 1.74 -0.20
N VAL A 412 32.13 0.71 -0.01
CA VAL A 412 33.11 0.61 1.07
C VAL A 412 34.55 0.60 0.48
N PHE A 439 -6.11 3.46 -23.65
CA PHE A 439 -5.87 4.56 -22.71
C PHE A 439 -5.56 5.83 -23.51
N ASP A 440 -5.30 6.96 -22.82
CA ASP A 440 -5.34 8.35 -23.37
C ASP A 440 -4.61 8.57 -24.71
N PRO A 441 -5.36 9.03 -25.72
CA PRO A 441 -4.77 9.08 -27.05
C PRO A 441 -3.94 10.34 -27.30
N HIS A 442 -4.12 11.37 -26.47
CA HIS A 442 -3.33 12.61 -26.56
C HIS A 442 -2.07 12.62 -25.66
N SER A 443 -1.65 11.43 -25.22
CA SER A 443 -0.36 11.25 -24.52
C SER A 443 0.61 10.43 -25.34
N ASN A 444 1.87 10.64 -25.07
CA ASN A 444 2.91 9.91 -25.74
C ASN A 444 2.80 8.44 -25.29
N PHE A 445 2.57 7.53 -26.24
CA PHE A 445 2.39 6.05 -25.98
C PHE A 445 3.70 5.28 -25.69
N TYR A 446 4.87 5.82 -26.05
CA TYR A 446 6.16 5.11 -25.89
C TYR A 446 7.30 5.86 -25.21
N HIS A 447 7.21 7.19 -25.16
CA HIS A 447 8.17 8.00 -24.44
C HIS A 447 7.47 8.62 -23.24
N PHE A 448 7.67 7.96 -22.11
CA PHE A 448 7.19 8.42 -20.79
C PHE A 448 7.55 9.91 -20.51
N THR A 449 6.51 10.73 -20.30
CA THR A 449 6.65 12.17 -20.52
C THR A 449 6.60 13.18 -19.35
N ARG A 450 6.34 12.76 -18.11
CA ARG A 450 6.57 13.69 -17.01
C ARG A 450 8.06 13.91 -16.72
N PRO A 451 8.39 14.97 -15.99
CA PRO A 451 9.81 15.15 -15.75
C PRO A 451 10.46 13.95 -15.08
N LEU A 452 11.72 13.72 -15.42
CA LEU A 452 12.48 12.70 -14.76
C LEU A 452 12.57 12.93 -13.28
N ILE A 453 12.75 14.18 -12.87
CA ILE A 453 12.98 14.49 -11.49
C ILE A 453 12.00 15.59 -11.21
N LYS A 454 11.48 15.63 -10.01
CA LYS A 454 10.51 16.65 -9.67
C LYS A 454 11.13 18.03 -9.92
N PRO A 455 10.41 18.92 -10.56
CA PRO A 455 10.98 20.25 -10.88
C PRO A 455 11.40 21.06 -9.67
N GLN A 456 10.68 20.92 -8.57
CA GLN A 456 11.05 21.67 -7.39
C GLN A 456 12.36 21.17 -6.77
N CYS A 457 12.82 19.96 -7.11
CA CYS A 457 14.11 19.50 -6.65
C CYS A 457 15.21 19.91 -7.65
N ALA A 458 14.95 19.69 -8.93
CA ALA A 458 15.92 20.00 -10.01
C ALA A 458 16.17 21.51 -10.15
N ALA A 459 15.25 22.33 -9.67
CA ALA A 459 15.43 23.79 -9.72
C ALA A 459 16.59 24.25 -8.85
N TYR A 460 16.98 23.47 -7.86
CA TYR A 460 18.12 23.87 -7.00
C TYR A 460 19.48 23.69 -7.65
N GLY A 461 19.54 22.92 -8.73
CA GLY A 461 20.83 22.72 -9.47
C GLY A 461 20.93 21.27 -9.88
N LYS A 462 22.16 20.77 -9.97
CA LYS A 462 22.46 19.45 -10.46
C LYS A 462 21.75 18.39 -9.63
N ALA A 463 21.12 17.48 -10.35
CA ALA A 463 20.26 16.46 -9.76
C ALA A 463 20.78 15.07 -10.08
N LEU A 464 20.82 14.25 -9.04
CA LEU A 464 21.19 12.87 -9.13
C LEU A 464 20.05 12.01 -8.50
N ASP A 465 19.56 11.04 -9.26
CA ASP A 465 18.46 10.19 -8.79
C ASP A 465 18.96 8.77 -8.68
N LEU A 466 19.05 8.26 -7.46
CA LEU A 466 19.48 6.90 -7.18
C LEU A 466 18.40 6.11 -6.44
N SER A 467 17.17 6.50 -6.65
CA SER A 467 16.07 5.84 -6.06
C SER A 467 15.98 4.39 -6.57
N LEU A 468 15.42 3.52 -5.75
CA LEU A 468 15.18 2.10 -6.11
C LEU A 468 16.42 1.38 -6.62
N ASN A 469 17.52 1.58 -5.94
CA ASN A 469 18.74 0.84 -6.13
C ASN A 469 18.93 -0.16 -4.96
N SER A 470 20.17 -0.53 -4.62
CA SER A 470 20.46 -1.47 -3.57
C SER A 470 21.27 -0.84 -2.49
N ILE A 471 21.03 0.39 -2.18
CA ILE A 471 21.90 1.11 -1.25
C ILE A 471 21.31 0.95 0.15
N PHE A 472 21.55 -0.21 0.76
CA PHE A 472 20.85 -0.54 2.04
C PHE A 472 21.49 0.11 3.27
N PHE A 473 22.69 0.63 3.11
CA PHE A 473 23.21 1.69 3.97
C PHE A 473 24.08 2.58 3.13
N ILE A 474 24.46 3.70 3.67
CA ILE A 474 25.32 4.65 2.94
C ILE A 474 26.75 4.32 3.27
N GLY A 475 27.49 3.79 2.31
CA GLY A 475 28.89 3.43 2.55
C GLY A 475 29.75 4.67 2.66
N PRO A 476 30.93 4.52 3.27
CA PRO A 476 31.69 5.74 3.50
C PRO A 476 32.22 6.35 2.20
N ASN A 477 32.33 5.56 1.14
CA ASN A 477 32.73 6.05 -0.17
C ASN A 477 31.56 6.30 -1.12
N GLN A 478 30.34 6.28 -0.61
CA GLN A 478 29.17 6.33 -1.50
C GLN A 478 29.18 7.47 -2.50
N PHE A 479 29.56 8.67 -2.05
CA PHE A 479 29.44 9.86 -2.87
C PHE A 479 30.77 10.47 -3.36
N GLU A 480 31.86 9.73 -3.14
CA GLU A 480 33.22 10.11 -3.55
C GLU A 480 33.26 10.45 -5.07
N ASN A 481 33.92 11.52 -5.45
CA ASN A 481 34.07 11.76 -6.90
C ASN A 481 32.79 12.18 -7.66
N LEU A 482 31.71 12.51 -6.94
CA LEU A 482 30.54 13.05 -7.60
C LEU A 482 30.79 14.53 -7.84
N PRO A 483 30.21 15.08 -8.91
CA PRO A 483 30.21 16.53 -8.92
C PRO A 483 29.33 17.09 -7.83
N ASP A 484 29.21 18.40 -7.82
CA ASP A 484 28.43 19.06 -6.85
C ASP A 484 26.91 18.85 -7.05
N ILE A 485 26.33 18.01 -6.20
CA ILE A 485 24.91 17.70 -6.28
C ILE A 485 24.13 18.64 -5.37
N ALA A 486 23.08 19.24 -5.95
CA ALA A 486 22.13 20.10 -5.26
C ALA A 486 20.81 19.40 -4.91
N CYS A 487 20.45 18.39 -5.70
CA CYS A 487 19.17 17.65 -5.59
C CYS A 487 19.52 16.16 -5.66
N LEU A 488 19.22 15.44 -4.59
CA LEU A 488 19.56 14.06 -4.50
C LEU A 488 18.35 13.24 -4.09
N ASN A 489 18.09 12.19 -4.84
CA ASN A 489 16.98 11.27 -4.54
C ASN A 489 17.53 9.87 -4.16
N LEU A 490 17.35 9.49 -2.89
CA LEU A 490 17.71 8.15 -2.39
C LEU A 490 16.47 7.35 -2.00
N SER A 491 15.33 7.75 -2.53
CA SER A 491 14.09 7.05 -2.22
C SER A 491 14.12 5.53 -2.38
N ALA A 492 13.52 4.85 -1.43
CA ALA A 492 13.21 3.42 -1.63
C ALA A 492 14.41 2.59 -1.94
N ASN A 493 15.41 2.67 -1.09
CA ASN A 493 16.56 1.76 -1.17
C ASN A 493 16.66 0.78 0.01
N SER A 494 15.60 0.61 0.78
CA SER A 494 15.68 -0.13 2.08
C SER A 494 16.82 0.33 2.96
N ASN A 495 17.05 1.63 2.97
CA ASN A 495 18.27 2.17 3.61
C ASN A 495 18.13 2.37 5.11
N ALA A 496 19.03 1.74 5.86
CA ALA A 496 18.92 1.67 7.32
C ALA A 496 20.00 2.42 8.02
N GLN A 497 20.61 3.40 7.34
CA GLN A 497 21.72 4.14 7.89
C GLN A 497 21.36 4.82 9.20
N VAL A 498 22.27 4.71 10.15
CA VAL A 498 22.24 5.49 11.40
C VAL A 498 23.00 6.77 11.11
N LEU A 499 22.22 7.80 10.84
CA LEU A 499 22.76 9.06 10.39
C LEU A 499 23.50 9.72 11.52
N SER A 500 24.72 10.13 11.23
CA SER A 500 25.67 10.52 12.26
C SER A 500 26.46 11.75 11.89
N GLY A 501 26.17 12.37 10.75
CA GLY A 501 26.78 13.66 10.45
C GLY A 501 27.96 13.63 9.47
N THR A 502 28.23 12.48 8.86
CA THR A 502 29.41 12.36 8.02
C THR A 502 29.12 11.77 6.62
N GLU A 503 27.91 11.25 6.45
CA GLU A 503 27.60 10.40 5.33
C GLU A 503 27.61 11.20 4.05
N PHE A 504 27.23 12.46 4.18
CA PHE A 504 27.06 13.34 3.01
C PHE A 504 28.16 14.41 2.80
N SER A 505 29.33 14.20 3.43
CA SER A 505 30.34 15.25 3.52
C SER A 505 31.08 15.47 2.20
N ALA A 506 31.01 14.49 1.31
CA ALA A 506 31.57 14.62 -0.03
C ALA A 506 30.65 15.36 -1.04
N ILE A 507 29.39 15.58 -0.68
CA ILE A 507 28.45 16.42 -1.46
C ILE A 507 27.68 17.27 -0.45
N PRO A 508 28.40 18.17 0.19
CA PRO A 508 27.85 18.90 1.28
C PRO A 508 26.90 20.01 0.85
N HIS A 509 26.72 20.25 -0.44
CA HIS A 509 25.86 21.35 -0.87
C HIS A 509 24.46 20.95 -1.34
N VAL A 510 24.01 19.78 -0.90
CA VAL A 510 22.66 19.31 -1.28
C VAL A 510 21.64 20.20 -0.65
N LYS A 511 20.65 20.64 -1.44
CA LYS A 511 19.60 21.50 -0.96
C LYS A 511 18.27 20.82 -0.84
N TYR A 512 18.06 19.81 -1.65
CA TYR A 512 16.77 19.09 -1.67
C TYR A 512 17.15 17.62 -1.59
N LEU A 513 16.73 16.98 -0.48
CA LEU A 513 17.13 15.56 -0.21
C LEU A 513 15.86 14.71 0.00
N ASP A 514 15.64 13.78 -0.92
CA ASP A 514 14.51 12.87 -0.82
C ASP A 514 15.01 11.52 -0.28
N LEU A 515 14.56 11.21 0.93
CA LEU A 515 14.97 10.01 1.62
C LEU A 515 13.73 9.12 1.90
N THR A 516 12.66 9.38 1.18
CA THR A 516 11.38 8.72 1.39
C THR A 516 11.47 7.23 1.25
N ASN A 517 10.63 6.54 1.99
CA ASN A 517 10.50 5.09 1.83
C ASN A 517 11.79 4.32 2.16
N ASN A 518 12.46 4.77 3.20
CA ASN A 518 13.63 4.06 3.71
C ASN A 518 13.43 3.64 5.18
N ARG A 519 14.51 3.23 5.84
CA ARG A 519 14.44 2.72 7.21
C ARG A 519 15.50 3.38 8.07
N LEU A 520 15.56 4.70 7.95
CA LEU A 520 16.64 5.45 8.50
C LEU A 520 16.48 5.71 9.96
N ASP A 521 17.61 5.84 10.63
CA ASP A 521 17.65 6.21 12.02
C ASP A 521 18.26 7.58 12.08
N PHE A 522 17.48 8.55 12.51
CA PHE A 522 17.89 9.92 12.63
C PHE A 522 17.74 10.35 14.10
N ASP A 523 18.18 9.47 15.01
CA ASP A 523 18.14 9.67 16.45
C ASP A 523 19.32 10.54 16.93
N ASN A 524 20.50 10.35 16.35
CA ASN A 524 21.63 11.20 16.64
C ASN A 524 21.28 12.67 16.21
N ALA A 525 21.42 13.63 17.13
CA ALA A 525 21.19 15.04 16.87
C ALA A 525 22.14 15.58 15.83
N SER A 526 23.21 14.85 15.51
CA SER A 526 24.09 15.19 14.39
C SER A 526 23.56 14.78 13.00
N ALA A 527 22.49 14.00 12.93
CA ALA A 527 22.00 13.46 11.65
C ALA A 527 21.86 14.60 10.62
N LEU A 528 22.49 14.40 9.46
CA LEU A 528 22.37 15.33 8.33
C LEU A 528 22.91 16.78 8.54
N THR A 529 23.58 17.04 9.67
CA THR A 529 24.12 18.37 9.99
C THR A 529 25.26 18.76 9.11
N GLU A 530 25.92 17.80 8.48
CA GLU A 530 26.91 18.14 7.43
C GLU A 530 26.26 18.86 6.21
N LEU A 531 24.93 18.82 6.06
CA LEU A 531 24.23 19.44 4.92
C LEU A 531 23.70 20.77 5.37
N SER A 532 24.62 21.67 5.59
CA SER A 532 24.27 22.95 6.19
C SER A 532 23.43 23.82 5.25
N ASP A 533 23.50 23.56 3.94
CA ASP A 533 22.64 24.31 3.00
C ASP A 533 21.28 23.68 2.69
N LEU A 534 20.92 22.64 3.42
CA LEU A 534 19.66 21.95 3.19
C LEU A 534 18.45 22.83 3.35
N GLU A 535 17.61 22.84 2.29
CA GLU A 535 16.36 23.55 2.34
C GLU A 535 15.14 22.65 2.37
N VAL A 536 15.18 21.51 1.72
CA VAL A 536 14.00 20.65 1.69
C VAL A 536 14.42 19.24 2.06
N LEU A 537 13.72 18.64 3.03
CA LEU A 537 14.02 17.26 3.49
C LEU A 537 12.73 16.43 3.52
N ASP A 538 12.67 15.38 2.72
CA ASP A 538 11.50 14.52 2.67
C ASP A 538 11.83 13.18 3.29
N LEU A 539 11.24 12.91 4.45
CA LEU A 539 11.40 11.65 5.14
C LEU A 539 10.08 10.80 5.17
N SER A 540 9.15 11.12 4.30
CA SER A 540 7.90 10.38 4.20
C SER A 540 8.15 8.88 4.22
N TYR A 541 7.27 8.19 4.94
CA TYR A 541 7.19 6.71 4.97
C TYR A 541 8.46 6.06 5.44
N ASN A 542 9.11 6.66 6.41
CA ASN A 542 10.27 6.02 6.98
C ASN A 542 9.86 5.15 8.15
N SER A 543 10.47 4.01 8.30
CA SER A 543 10.16 3.09 9.40
C SER A 543 11.39 2.26 9.76
N HIS A 544 11.30 1.47 10.80
CA HIS A 544 12.47 0.75 11.22
C HIS A 544 12.60 -0.45 10.37
N TYR A 545 13.85 -0.87 10.15
CA TYR A 545 14.14 -2.03 9.29
C TYR A 545 13.25 -3.27 9.56
N PHE A 546 12.84 -3.48 10.81
CA PHE A 546 12.11 -4.72 11.15
C PHE A 546 10.59 -4.70 10.94
N ARG A 547 9.99 -3.63 10.43
CA ARG A 547 8.51 -3.59 10.24
C ARG A 547 7.76 -3.73 11.58
N ILE A 548 8.53 -3.83 12.65
CA ILE A 548 8.03 -3.82 14.02
C ILE A 548 7.53 -2.41 14.35
N ALA A 549 6.48 -2.36 15.18
CA ALA A 549 5.97 -1.10 15.71
C ALA A 549 6.68 -0.75 17.04
N GLY A 550 6.26 0.34 17.69
CA GLY A 550 6.87 0.77 18.95
C GLY A 550 8.13 1.63 18.86
N VAL A 551 8.55 1.91 17.64
CA VAL A 551 9.72 2.74 17.34
C VAL A 551 9.64 4.15 17.93
N THR A 552 10.68 4.59 18.64
CA THR A 552 10.77 5.96 19.18
C THR A 552 11.56 6.92 18.28
N HIS A 553 11.37 8.23 18.50
CA HIS A 553 12.07 9.27 17.71
C HIS A 553 12.71 10.37 18.56
N HIS A 554 13.73 10.99 17.98
CA HIS A 554 14.44 12.11 18.57
C HIS A 554 14.63 13.09 17.40
N LEU A 555 14.02 14.27 17.49
CA LEU A 555 13.98 15.22 16.40
C LEU A 555 14.81 16.42 16.64
N GLU A 556 15.73 16.27 17.56
CA GLU A 556 16.66 17.34 17.85
C GLU A 556 17.49 17.78 16.61
N PHE A 557 17.84 16.88 15.69
CA PHE A 557 18.70 17.23 14.50
C PHE A 557 18.16 18.42 13.66
N ILE A 558 16.86 18.63 13.68
CA ILE A 558 16.24 19.69 12.92
C ILE A 558 16.77 21.05 13.28
N GLN A 559 17.03 21.29 14.55
CA GLN A 559 17.26 22.65 15.03
C GLN A 559 18.54 23.21 14.50
N ASN A 560 19.44 22.34 14.10
CA ASN A 560 20.70 22.77 13.62
C ASN A 560 20.70 23.61 12.30
N PHE A 561 19.75 23.34 11.41
CA PHE A 561 19.77 23.97 10.06
C PHE A 561 19.25 25.39 10.15
N THR A 562 20.01 26.33 9.61
CA THR A 562 19.57 27.72 9.61
C THR A 562 18.81 28.12 8.36
N ASN A 563 18.71 27.25 7.37
CA ASN A 563 17.90 27.63 6.21
C ASN A 563 16.95 26.51 5.72
N LEU A 564 16.61 25.59 6.62
CA LEU A 564 15.70 24.50 6.27
C LEU A 564 14.31 25.03 6.22
N LYS A 565 13.69 24.87 5.05
CA LYS A 565 12.37 25.48 4.81
C LYS A 565 11.24 24.52 4.92
N VAL A 566 11.42 23.32 4.35
CA VAL A 566 10.33 22.32 4.20
C VAL A 566 10.73 20.94 4.73
N LEU A 567 9.98 20.42 5.69
CA LEU A 567 10.29 19.09 6.28
C LEU A 567 9.09 18.23 6.23
N ASN A 568 9.23 17.06 5.61
CA ASN A 568 8.09 16.18 5.47
C ASN A 568 8.32 14.91 6.28
N LEU A 569 7.54 14.82 7.38
CA LEU A 569 7.59 13.66 8.29
C LEU A 569 6.37 12.75 8.16
N SER A 570 5.71 12.78 7.01
CA SER A 570 4.47 12.08 6.88
C SER A 570 4.62 10.57 7.02
N HIS A 571 3.60 9.97 7.61
CA HIS A 571 3.51 8.51 7.78
C HIS A 571 4.79 7.93 8.33
N ASN A 572 5.37 8.58 9.33
CA ASN A 572 6.44 8.05 10.13
C ASN A 572 5.96 7.39 11.43
N ASN A 573 4.65 7.39 11.65
CA ASN A 573 4.09 6.79 12.84
C ASN A 573 4.69 7.28 14.12
N ILE A 574 4.94 8.58 14.16
CA ILE A 574 5.53 9.15 15.37
C ILE A 574 4.45 9.18 16.49
N TYR A 575 4.78 8.56 17.62
CA TYR A 575 3.87 8.51 18.80
C TYR A 575 4.55 8.89 20.11
N THR A 576 5.88 9.00 20.09
CA THR A 576 6.62 9.40 21.25
C THR A 576 8.01 9.87 20.86
N LEU A 577 8.47 10.91 21.56
CA LEU A 577 9.81 11.44 21.40
C LEU A 577 10.62 11.17 22.65
N THR A 578 11.91 10.98 22.48
CA THR A 578 12.76 10.60 23.61
C THR A 578 13.64 11.78 24.02
N ASP A 579 13.49 12.18 25.28
CA ASP A 579 14.46 13.04 25.97
C ASP A 579 14.34 14.52 25.65
N LYS A 580 13.85 14.83 24.44
CA LYS A 580 13.49 16.19 24.06
C LYS A 580 12.12 16.11 23.40
N TYR A 581 11.23 16.99 23.82
CA TYR A 581 9.84 16.86 23.45
C TYR A 581 9.39 18.00 22.56
N ASN A 582 10.35 18.79 22.06
CA ASN A 582 10.07 19.96 21.22
C ASN A 582 10.77 19.95 19.86
N LEU A 583 10.03 20.28 18.82
CA LEU A 583 10.64 20.59 17.54
C LEU A 583 11.03 22.04 17.61
N GLU A 584 12.26 22.36 17.22
CA GLU A 584 12.74 23.73 17.19
C GLU A 584 13.43 24.12 15.86
N SER A 585 13.10 25.30 15.36
CA SER A 585 13.72 25.84 14.15
C SER A 585 13.33 27.27 13.98
N LYS A 586 14.31 28.08 13.61
CA LYS A 586 14.08 29.47 13.30
C LYS A 586 13.76 29.68 11.85
N SER A 587 14.12 28.73 11.00
CA SER A 587 13.96 28.84 9.56
C SER A 587 12.69 28.15 8.97
N LEU A 588 12.18 27.12 9.65
CA LEU A 588 11.24 26.23 9.01
C LEU A 588 9.92 26.88 8.73
N VAL A 589 9.48 26.75 7.48
CA VAL A 589 8.23 27.36 7.01
C VAL A 589 7.11 26.32 6.88
N GLU A 590 7.46 25.09 6.56
CA GLU A 590 6.44 24.09 6.27
C GLU A 590 6.77 22.77 6.94
N LEU A 591 5.88 22.31 7.80
CA LEU A 591 5.97 20.97 8.39
C LEU A 591 4.79 20.10 7.98
N VAL A 592 5.09 18.98 7.35
CA VAL A 592 4.08 17.99 7.03
C VAL A 592 4.18 16.87 8.07
N PHE A 593 3.11 16.68 8.84
CA PHE A 593 3.13 15.76 9.96
C PHE A 593 2.00 14.74 9.85
N SER A 594 1.48 14.56 8.66
CA SER A 594 0.33 13.75 8.47
C SER A 594 0.72 12.31 8.74
N GLY A 595 -0.27 11.52 9.14
CA GLY A 595 -0.02 10.06 9.29
C GLY A 595 0.88 9.71 10.43
N ASN A 596 0.85 10.47 11.52
CA ASN A 596 1.58 10.12 12.75
C ASN A 596 0.55 9.98 13.88
N ARG A 597 0.96 10.09 15.13
CA ARG A 597 0.02 9.85 16.22
C ARG A 597 0.00 10.97 17.21
N LEU A 598 -0.40 12.14 16.75
CA LEU A 598 -0.61 13.27 17.66
C LEU A 598 -1.72 12.97 18.69
N ASP A 599 -2.65 12.09 18.36
CA ASP A 599 -3.66 11.63 19.33
C ASP A 599 -2.96 11.06 20.57
N ILE A 600 -1.94 10.24 20.38
CA ILE A 600 -1.17 9.68 21.49
C ILE A 600 -0.31 10.74 22.12
N LEU A 601 0.37 11.53 21.30
CA LEU A 601 1.30 12.54 21.82
C LEU A 601 0.63 13.58 22.70
N TRP A 602 -0.54 14.03 22.28
CA TRP A 602 -1.32 15.04 22.99
C TRP A 602 -2.24 14.53 24.13
N ASN A 603 -2.46 13.22 24.22
CA ASN A 603 -3.15 12.64 25.39
C ASN A 603 -2.14 12.18 26.44
N ASP A 604 -0.88 12.60 26.30
CA ASP A 604 0.14 12.28 27.32
C ASP A 604 -0.28 12.75 28.71
N ASP A 605 -0.18 11.85 29.68
CA ASP A 605 -0.62 12.12 31.04
C ASP A 605 0.19 13.27 31.68
N ASP A 606 1.49 13.33 31.40
CA ASP A 606 2.36 14.43 31.88
C ASP A 606 2.36 15.70 31.03
N ASN A 607 1.50 15.79 30.03
CA ASN A 607 1.51 16.93 29.09
C ASN A 607 2.92 17.28 28.55
N ARG A 608 3.73 16.26 28.27
CA ARG A 608 5.09 16.47 27.75
C ARG A 608 5.16 17.17 26.39
N TYR A 609 4.11 17.03 25.57
CA TYR A 609 4.12 17.47 24.17
C TYR A 609 3.18 18.60 23.90
N ILE A 610 2.78 19.27 24.96
CA ILE A 610 1.89 20.40 24.89
C ILE A 610 2.45 21.53 24.03
N SER A 611 3.76 21.48 23.79
CA SER A 611 4.45 22.50 22.98
C SER A 611 5.28 21.93 21.78
N ILE A 612 4.92 20.80 21.25
CA ILE A 612 5.83 20.11 20.38
C ILE A 612 6.30 20.98 19.18
N PHE A 613 5.43 21.80 18.64
CA PHE A 613 5.66 22.64 17.49
C PHE A 613 5.91 24.12 17.77
N LYS A 614 5.68 24.56 19.00
CA LYS A 614 5.78 25.99 19.34
C LYS A 614 7.15 26.57 18.96
N GLY A 615 8.20 25.76 19.06
CA GLY A 615 9.54 26.20 18.72
C GLY A 615 9.86 26.34 17.24
N LEU A 616 8.88 26.08 16.38
CA LEU A 616 9.02 26.40 14.93
C LEU A 616 8.54 27.80 14.74
N LYS A 617 9.45 28.75 14.98
CA LYS A 617 9.04 30.14 15.16
C LYS A 617 8.60 30.82 13.87
N ASN A 618 9.02 30.30 12.71
CA ASN A 618 8.60 30.89 11.44
C ASN A 618 7.58 30.07 10.63
N LEU A 619 6.94 29.12 11.28
CA LEU A 619 6.13 28.18 10.56
C LEU A 619 4.92 28.85 9.96
N THR A 620 4.72 28.69 8.63
CA THR A 620 3.47 29.16 8.04
C THR A 620 2.49 28.11 7.63
N ARG A 621 2.96 26.91 7.27
CA ARG A 621 2.07 25.84 6.83
C ARG A 621 2.27 24.59 7.64
N LEU A 622 1.18 24.08 8.24
CA LEU A 622 1.25 22.89 9.09
C LEU A 622 0.16 21.90 8.75
N ASP A 623 0.57 20.68 8.46
CA ASP A 623 -0.34 19.60 8.04
C ASP A 623 -0.41 18.54 9.14
N LEU A 624 -1.56 18.48 9.80
CA LEU A 624 -1.82 17.52 10.88
C LEU A 624 -2.88 16.50 10.48
N SER A 625 -3.12 16.38 9.18
CA SER A 625 -4.08 15.40 8.71
C SER A 625 -3.71 13.97 9.13
N LEU A 626 -4.69 13.08 9.14
CA LEU A 626 -4.46 11.64 9.38
C LEU A 626 -3.67 11.37 10.65
N ASN A 627 -4.02 12.08 11.71
CA ASN A 627 -3.38 11.84 13.00
C ASN A 627 -4.36 11.25 14.04
N ARG A 628 -5.53 10.80 13.59
CA ARG A 628 -6.50 10.12 14.48
C ARG A 628 -6.94 10.99 15.62
N LEU A 629 -7.04 12.30 15.35
CA LEU A 629 -7.35 13.23 16.41
C LEU A 629 -8.85 13.29 16.63
N LYS A 630 -9.20 13.10 17.90
CA LYS A 630 -10.56 13.22 18.40
C LYS A 630 -10.77 14.59 19.05
N HIS A 631 -9.81 15.01 19.86
CA HIS A 631 -9.92 16.23 20.63
C HIS A 631 -8.54 16.80 20.78
N ILE A 632 -8.34 18.05 20.37
CA ILE A 632 -7.06 18.73 20.65
C ILE A 632 -7.16 19.51 21.97
N PRO A 633 -6.34 19.16 22.96
CA PRO A 633 -6.42 19.95 24.19
C PRO A 633 -6.28 21.42 23.89
N ASN A 634 -7.06 22.24 24.60
CA ASN A 634 -7.08 23.69 24.36
C ASN A 634 -5.69 24.33 24.38
N GLU A 635 -4.87 23.95 25.35
CA GLU A 635 -3.59 24.63 25.50
C GLU A 635 -2.58 24.13 24.49
N ALA A 636 -2.80 22.95 23.92
CA ALA A 636 -1.95 22.43 22.84
C ALA A 636 -2.26 23.17 21.55
N PHE A 637 -3.52 23.43 21.30
CA PHE A 637 -3.90 24.25 20.16
C PHE A 637 -3.30 25.67 20.24
N LEU A 638 -3.30 26.28 21.44
CA LEU A 638 -2.76 27.64 21.64
C LEU A 638 -1.22 27.76 21.45
N ASN A 639 -0.55 26.64 21.65
CA ASN A 639 0.89 26.50 21.46
C ASN A 639 1.36 26.09 20.05
N LEU A 640 0.44 26.02 19.10
CA LEU A 640 0.85 25.96 17.71
C LEU A 640 1.40 27.36 17.36
N PRO A 641 2.42 27.42 16.49
CA PRO A 641 3.03 28.70 16.16
C PRO A 641 2.06 29.78 15.70
N ALA A 642 2.23 30.94 16.27
CA ALA A 642 1.36 32.07 15.99
C ALA A 642 1.63 32.61 14.62
N SER A 643 2.77 32.27 14.06
CA SER A 643 3.07 32.60 12.65
C SER A 643 2.19 31.88 11.64
N LEU A 644 1.39 30.89 12.03
CA LEU A 644 0.70 30.11 11.01
C LEU A 644 -0.25 30.92 10.12
N THR A 645 -0.18 30.52 8.84
CA THR A 645 -1.06 31.00 7.76
C THR A 645 -2.04 29.93 7.23
N GLU A 646 -1.67 28.66 7.36
CA GLU A 646 -2.39 27.56 6.76
C GLU A 646 -2.27 26.40 7.73
N LEU A 647 -3.41 25.97 8.23
CA LEU A 647 -3.47 24.87 9.17
C LEU A 647 -4.41 23.84 8.62
N HIS A 648 -3.88 22.64 8.39
CA HIS A 648 -4.70 21.52 7.93
C HIS A 648 -4.83 20.51 9.03
N ILE A 649 -6.11 20.21 9.38
CA ILE A 649 -6.40 19.19 10.39
C ILE A 649 -7.48 18.25 9.83
N ASN A 650 -7.47 18.09 8.52
CA ASN A 650 -8.41 17.25 7.86
C ASN A 650 -8.17 15.73 8.09
N ASP A 651 -9.19 14.93 7.75
CA ASP A 651 -9.19 13.46 7.98
C ASP A 651 -8.62 13.04 9.31
N ASN A 652 -9.22 13.61 10.33
CA ASN A 652 -9.05 13.15 11.68
C ASN A 652 -10.46 12.74 12.13
N MET A 653 -10.77 12.80 13.42
CA MET A 653 -12.09 12.41 13.91
C MET A 653 -12.63 13.45 14.86
N LEU A 654 -12.39 14.72 14.56
CA LEU A 654 -12.69 15.77 15.52
C LEU A 654 -14.18 15.88 15.76
N LYS A 655 -14.53 15.84 17.04
CA LYS A 655 -15.93 15.86 17.49
C LYS A 655 -16.30 17.30 17.87
N PHE A 656 -15.31 18.08 18.28
CA PHE A 656 -15.51 19.43 18.69
C PHE A 656 -14.33 20.29 18.26
N PHE A 657 -14.58 21.57 18.01
CA PHE A 657 -13.50 22.50 17.77
C PHE A 657 -13.75 23.83 18.55
N ASN A 658 -12.78 24.25 19.35
CA ASN A 658 -12.86 25.51 20.07
C ASN A 658 -12.57 26.72 19.17
N TRP A 659 -13.60 27.23 18.52
CA TRP A 659 -13.44 28.39 17.66
C TRP A 659 -12.82 29.59 18.37
N THR A 660 -12.97 29.68 19.70
CA THR A 660 -12.45 30.86 20.41
C THR A 660 -10.95 31.00 20.28
N LEU A 661 -10.27 29.89 20.07
CA LEU A 661 -8.79 29.92 20.05
C LEU A 661 -8.19 30.51 18.77
N LEU A 662 -8.98 30.68 17.72
CA LEU A 662 -8.46 31.33 16.51
C LEU A 662 -7.97 32.76 16.81
N GLN A 663 -8.38 33.30 17.97
CA GLN A 663 -7.90 34.60 18.47
C GLN A 663 -6.40 34.65 18.59
N GLN A 664 -5.79 33.52 18.93
CA GLN A 664 -4.32 33.46 19.07
C GLN A 664 -3.56 33.35 17.73
N PHE A 665 -4.24 33.49 16.59
CA PHE A 665 -3.62 33.27 15.29
C PHE A 665 -4.04 34.35 14.33
N PRO A 666 -3.41 35.51 14.47
CA PRO A 666 -3.82 36.72 13.77
C PRO A 666 -3.36 36.75 12.32
N ARG A 667 -2.54 35.79 11.89
CA ARG A 667 -2.24 35.62 10.45
C ARG A 667 -2.97 34.44 9.73
N LEU A 668 -3.83 33.70 10.43
CA LEU A 668 -4.39 32.48 9.85
C LEU A 668 -5.32 32.81 8.73
N GLU A 669 -5.00 32.31 7.54
CA GLU A 669 -5.82 32.58 6.35
C GLU A 669 -6.63 31.37 5.94
N LEU A 670 -6.12 30.18 6.21
CA LEU A 670 -6.74 28.96 5.71
C LEU A 670 -6.82 27.95 6.85
N LEU A 671 -8.04 27.47 7.10
CA LEU A 671 -8.27 26.46 8.15
C LEU A 671 -9.04 25.31 7.51
N ASP A 672 -8.37 24.16 7.44
CA ASP A 672 -8.90 23.02 6.71
C ASP A 672 -9.28 21.91 7.72
N LEU A 673 -10.59 21.66 7.83
CA LEU A 673 -11.15 20.75 8.81
C LEU A 673 -12.04 19.72 8.15
N ARG A 674 -11.86 19.54 6.87
CA ARG A 674 -12.56 18.51 6.12
C ARG A 674 -12.41 17.11 6.67
N GLY A 675 -13.42 16.27 6.45
CA GLY A 675 -13.39 14.85 6.85
C GLY A 675 -13.19 14.64 8.34
N ASN A 676 -13.97 15.33 9.16
CA ASN A 676 -13.94 15.08 10.59
C ASN A 676 -15.37 14.70 11.07
N LYS A 677 -15.72 14.90 12.35
CA LYS A 677 -17.06 14.59 12.86
C LYS A 677 -17.69 15.78 13.58
N LEU A 678 -17.41 16.98 13.13
CA LEU A 678 -17.85 18.17 13.89
C LEU A 678 -19.34 18.42 13.78
N LEU A 679 -19.92 18.87 14.89
CA LEU A 679 -21.36 19.04 15.02
C LEU A 679 -21.82 20.46 14.94
N PHE A 680 -21.01 21.39 15.43
CA PHE A 680 -21.49 22.77 15.46
C PHE A 680 -20.47 23.83 15.11
N LEU A 681 -21.05 24.97 14.74
CA LEU A 681 -20.34 26.17 14.32
C LEU A 681 -20.62 27.32 15.28
N THR A 682 -19.59 28.06 15.67
CA THR A 682 -19.79 29.21 16.53
C THR A 682 -20.74 30.23 15.88
N ASP A 683 -21.43 31.02 16.72
CA ASP A 683 -22.40 32.01 16.20
C ASP A 683 -21.75 33.27 15.66
N SER A 684 -20.53 33.56 16.10
CA SER A 684 -19.85 34.81 15.69
C SER A 684 -18.32 34.64 15.62
N LEU A 685 -18.00 33.93 14.55
CA LEU A 685 -16.63 33.74 14.10
C LEU A 685 -15.83 35.03 14.04
N SER A 686 -16.49 36.08 13.55
CA SER A 686 -15.93 37.42 13.44
C SER A 686 -15.31 37.94 14.73
N ASP A 687 -15.77 37.45 15.88
CA ASP A 687 -15.15 37.80 17.16
C ASP A 687 -13.81 37.11 17.42
N PHE A 688 -13.55 36.01 16.73
CA PHE A 688 -12.35 35.21 17.02
C PHE A 688 -11.22 35.36 16.01
N THR A 689 -11.55 35.80 14.81
CA THR A 689 -10.54 36.04 13.79
C THR A 689 -11.01 37.20 12.95
N SER A 690 -10.05 38.01 12.52
CA SER A 690 -10.31 38.93 11.45
C SER A 690 -9.41 38.63 10.24
N SER A 691 -8.64 37.54 10.26
CA SER A 691 -7.74 37.18 9.14
C SER A 691 -8.22 36.01 8.24
N LEU A 692 -9.11 35.19 8.75
CA LEU A 692 -9.47 33.97 8.04
C LEU A 692 -10.17 34.21 6.74
N ARG A 693 -9.65 33.58 5.67
CA ARG A 693 -10.18 33.76 4.31
C ARG A 693 -10.88 32.51 3.80
N THR A 694 -10.32 31.36 4.15
CA THR A 694 -10.79 30.08 3.58
C THR A 694 -11.03 29.09 4.69
N LEU A 695 -12.26 28.60 4.76
CA LEU A 695 -12.63 27.68 5.81
C LEU A 695 -13.25 26.45 5.19
N LEU A 696 -12.63 25.30 5.39
CA LEU A 696 -13.08 24.10 4.66
C LEU A 696 -13.63 23.13 5.70
N LEU A 697 -14.92 22.83 5.57
CA LEU A 697 -15.64 22.02 6.55
C LEU A 697 -16.35 20.83 5.94
N SER A 698 -16.05 20.50 4.68
CA SER A 698 -16.76 19.42 4.05
C SER A 698 -16.53 18.09 4.74
N HIS A 699 -17.46 17.19 4.51
CA HIS A 699 -17.48 15.89 5.18
C HIS A 699 -17.42 15.98 6.70
N ASN A 700 -18.32 16.80 7.24
CA ASN A 700 -18.57 16.81 8.68
C ASN A 700 -20.07 16.52 9.01
N ARG A 701 -20.50 16.80 10.25
CA ARG A 701 -21.86 16.47 10.68
C ARG A 701 -22.63 17.70 11.11
N ILE A 702 -22.49 18.72 10.29
CA ILE A 702 -23.12 19.98 10.58
C ILE A 702 -24.51 19.99 10.01
N SER A 703 -25.46 20.23 10.91
CA SER A 703 -26.87 20.25 10.53
C SER A 703 -27.53 21.58 10.81
N HIS A 704 -26.83 22.51 11.47
CA HIS A 704 -27.38 23.86 11.72
C HIS A 704 -26.37 24.99 11.48
N LEU A 705 -26.74 25.94 10.62
CA LEU A 705 -26.00 27.19 10.47
C LEU A 705 -26.49 28.28 11.42
N PRO A 706 -25.60 28.77 12.26
CA PRO A 706 -25.97 29.82 13.18
C PRO A 706 -26.49 31.09 12.52
N SER A 707 -27.50 31.69 13.17
CA SER A 707 -27.93 33.04 12.86
C SER A 707 -26.80 33.97 13.26
N GLY A 708 -26.54 34.96 12.42
CA GLY A 708 -25.41 35.86 12.63
C GLY A 708 -24.11 35.15 12.36
N PHE A 709 -24.17 34.13 11.52
CA PHE A 709 -23.01 33.41 11.09
C PHE A 709 -22.92 33.64 9.61
N LEU A 710 -21.71 33.78 9.10
CA LEU A 710 -21.47 34.21 7.72
C LEU A 710 -21.79 35.70 7.68
N SER A 711 -22.15 36.25 8.82
CA SER A 711 -22.62 37.59 8.91
C SER A 711 -21.56 38.31 9.69
N GLU A 712 -21.60 39.63 9.63
CA GLU A 712 -20.52 40.45 10.17
C GLU A 712 -19.31 40.17 9.25
N VAL A 713 -18.10 40.40 9.75
CA VAL A 713 -16.86 40.17 8.95
C VAL A 713 -16.73 38.71 8.47
N SER A 714 -16.41 38.44 7.20
CA SER A 714 -16.21 39.37 6.05
C SER A 714 -14.75 39.42 5.60
N SER A 715 -13.86 38.82 6.39
CA SER A 715 -12.55 38.42 5.87
C SER A 715 -12.76 37.16 5.01
N LEU A 716 -13.78 36.37 5.37
CA LEU A 716 -14.06 35.09 4.73
C LEU A 716 -14.40 35.23 3.27
N LYS A 717 -13.58 34.65 2.40
CA LYS A 717 -13.88 34.60 0.98
C LYS A 717 -14.51 33.28 0.56
N HIS A 718 -14.09 32.16 1.15
CA HIS A 718 -14.41 30.82 0.65
C HIS A 718 -14.85 29.94 1.82
N LEU A 719 -16.09 29.48 1.74
CA LEU A 719 -16.67 28.66 2.78
C LEU A 719 -17.15 27.36 2.15
N ASP A 720 -16.58 26.23 2.58
CA ASP A 720 -16.97 24.94 2.05
C ASP A 720 -17.70 24.14 3.10
N LEU A 721 -18.99 23.94 2.86
CA LEU A 721 -19.87 23.17 3.75
C LEU A 721 -20.51 22.00 3.01
N SER A 722 -19.98 21.68 1.83
CA SER A 722 -20.38 20.45 1.11
C SER A 722 -20.33 19.20 1.97
N SER A 723 -21.13 18.21 1.60
CA SER A 723 -21.18 16.92 2.32
C SER A 723 -21.26 17.03 3.83
N ASN A 724 -22.18 17.87 4.30
CA ASN A 724 -22.60 17.87 5.71
C ASN A 724 -24.06 17.37 5.84
N LEU A 725 -24.75 17.76 6.92
CA LEU A 725 -26.11 17.32 7.16
C LEU A 725 -27.10 18.48 7.20
N LEU A 726 -26.90 19.51 6.38
CA LEU A 726 -27.84 20.64 6.39
C LEU A 726 -29.12 20.27 5.63
N LYS A 727 -30.28 20.51 6.27
CA LYS A 727 -31.58 20.34 5.60
C LYS A 727 -32.05 21.65 5.03
N THR A 728 -31.63 22.75 5.65
CA THR A 728 -32.04 24.06 5.20
C THR A 728 -31.10 25.12 5.74
N ILE A 729 -31.22 26.30 5.15
CA ILE A 729 -30.54 27.49 5.62
C ILE A 729 -31.60 28.55 5.82
N ASN A 730 -31.71 29.05 7.04
CA ASN A 730 -32.74 30.02 7.36
C ASN A 730 -32.05 31.35 7.26
N LYS A 731 -32.77 32.41 6.93
CA LYS A 731 -32.09 33.68 6.87
C LYS A 731 -31.50 33.90 8.25
N SER A 732 -30.31 34.52 8.31
CA SER A 732 -29.45 34.51 9.50
C SER A 732 -29.25 33.05 9.86
N ALA A 733 -28.25 32.37 9.31
CA ALA A 733 -27.06 32.95 8.67
C ALA A 733 -27.26 34.01 7.58
N LEU A 734 -28.27 33.94 6.71
CA LEU A 734 -28.57 35.14 5.88
C LEU A 734 -28.68 36.32 6.84
N GLU A 735 -27.66 37.15 6.88
CA GLU A 735 -27.78 38.37 7.65
C GLU A 735 -27.09 39.45 6.87
N THR A 736 -27.63 40.64 7.03
CA THR A 736 -27.12 41.77 6.34
C THR A 736 -27.46 42.96 7.27
N LYS A 737 -26.93 44.15 7.00
CA LYS A 737 -25.99 44.38 5.92
C LYS A 737 -24.62 44.51 6.57
N THR A 738 -23.66 43.78 6.04
CA THR A 738 -22.26 44.07 6.31
C THR A 738 -21.61 44.73 5.05
N THR A 739 -21.72 44.16 3.85
CA THR A 739 -22.20 42.78 3.58
C THR A 739 -21.01 41.83 3.57
N THR A 740 -21.28 40.53 3.41
CA THR A 740 -20.21 39.53 3.44
C THR A 740 -19.33 39.59 2.19
N LYS A 741 -18.02 39.62 2.42
CA LYS A 741 -17.06 39.56 1.32
C LYS A 741 -16.94 38.14 0.76
N LEU A 742 -17.94 37.30 1.00
CA LEU A 742 -17.93 35.92 0.56
C LEU A 742 -17.91 35.92 -0.92
N SER A 743 -17.17 35.01 -1.53
CA SER A 743 -17.23 34.81 -2.98
C SER A 743 -17.35 33.34 -3.43
N MET A 744 -17.22 32.37 -2.52
CA MET A 744 -17.51 30.99 -2.89
C MET A 744 -18.14 30.31 -1.70
N LEU A 745 -19.20 29.56 -1.98
CA LEU A 745 -19.92 28.83 -0.96
C LEU A 745 -20.27 27.51 -1.53
N GLU A 746 -19.82 26.45 -0.87
CA GLU A 746 -19.95 25.11 -1.41
C GLU A 746 -20.94 24.41 -0.53
N LEU A 747 -21.95 23.84 -1.17
CA LEU A 747 -23.10 23.26 -0.48
C LEU A 747 -23.50 21.88 -0.93
N HIS A 748 -22.94 21.44 -2.05
CA HIS A 748 -23.31 20.15 -2.65
C HIS A 748 -23.20 19.02 -1.67
N GLY A 749 -24.06 18.01 -1.84
CA GLY A 749 -24.05 16.84 -0.97
C GLY A 749 -24.68 17.01 0.39
N ASN A 750 -25.44 18.09 0.59
CA ASN A 750 -26.25 18.21 1.81
C ASN A 750 -27.69 17.73 1.51
N PRO A 751 -28.32 17.02 2.47
CA PRO A 751 -29.68 16.48 2.28
C PRO A 751 -30.75 17.57 2.45
N PHE A 752 -30.85 18.46 1.48
CA PHE A 752 -31.76 19.59 1.59
C PHE A 752 -33.22 19.14 1.59
N GLU A 753 -34.00 19.83 2.41
CA GLU A 753 -35.43 19.58 2.53
C GLU A 753 -36.10 20.64 1.67
N CYS A 754 -36.30 20.31 0.40
CA CYS A 754 -37.05 21.15 -0.51
C CYS A 754 -38.49 20.66 -0.35
N THR A 755 -39.43 21.42 0.24
CA THR A 755 -39.36 22.85 0.48
C THR A 755 -40.40 23.13 1.59
N CYS A 756 -41.01 24.32 1.69
CA CYS A 756 -40.56 25.58 1.07
C CYS A 756 -40.03 26.56 2.12
N ASP A 757 -39.57 25.99 3.23
CA ASP A 757 -38.64 26.65 4.13
C ASP A 757 -37.38 27.15 3.38
N ILE A 758 -36.98 26.40 2.36
CA ILE A 758 -35.86 26.76 1.46
C ILE A 758 -36.01 28.06 0.67
N GLY A 759 -37.24 28.50 0.40
CA GLY A 759 -37.46 29.69 -0.43
C GLY A 759 -36.68 30.92 0.01
N ASP A 760 -36.43 31.04 1.32
CA ASP A 760 -35.58 32.13 1.83
C ASP A 760 -34.19 32.09 1.23
N PHE A 761 -33.60 30.90 1.25
CA PHE A 761 -32.24 30.69 0.78
C PHE A 761 -32.13 30.83 -0.73
N ARG A 762 -33.06 30.20 -1.44
CA ARG A 762 -33.19 30.38 -2.88
C ARG A 762 -33.14 31.83 -3.27
N ARG A 763 -33.99 32.62 -2.63
CA ARG A 763 -34.09 34.03 -2.96
C ARG A 763 -32.75 34.73 -2.68
N TRP A 764 -32.14 34.47 -1.52
CA TRP A 764 -30.81 35.01 -1.18
C TRP A 764 -29.76 34.72 -2.28
N MET A 765 -29.87 33.57 -2.94
CA MET A 765 -28.99 33.24 -4.07
C MET A 765 -29.20 34.15 -5.26
N ASP A 766 -30.46 34.46 -5.55
CA ASP A 766 -30.80 35.38 -6.65
C ASP A 766 -30.35 36.80 -6.33
N GLU A 767 -30.39 37.16 -5.04
CA GLU A 767 -29.98 38.48 -4.55
C GLU A 767 -28.47 38.61 -4.27
N HIS A 768 -27.69 37.56 -4.53
CA HIS A 768 -26.25 37.61 -4.33
C HIS A 768 -25.55 36.78 -5.41
N LEU A 769 -25.58 37.28 -6.63
CA LEU A 769 -25.01 36.58 -7.79
C LEU A 769 -23.48 36.57 -7.75
N ASN A 770 -22.91 37.46 -6.95
CA ASN A 770 -21.45 37.49 -6.76
C ASN A 770 -20.94 36.21 -6.11
N VAL A 771 -21.68 35.71 -5.13
CA VAL A 771 -21.24 34.57 -4.35
C VAL A 771 -21.32 33.38 -5.24
N LYS A 772 -20.20 32.79 -5.61
CA LYS A 772 -20.24 31.61 -6.48
C LYS A 772 -20.66 30.35 -5.70
N ILE A 773 -21.52 29.55 -6.33
CA ILE A 773 -21.92 28.30 -5.76
C ILE A 773 -21.71 27.25 -6.82
N PRO A 774 -20.64 26.46 -6.66
CA PRO A 774 -20.29 25.55 -7.73
C PRO A 774 -21.12 24.31 -7.68
N ARG A 775 -21.06 23.50 -8.74
CA ARG A 775 -21.61 22.16 -8.76
C ARG A 775 -23.09 22.23 -8.40
N LEU A 776 -23.79 23.19 -8.98
CA LEU A 776 -25.20 23.41 -8.66
C LEU A 776 -26.06 22.18 -8.90
N VAL A 777 -25.75 21.46 -9.96
CA VAL A 777 -26.39 20.19 -10.28
C VAL A 777 -26.32 19.22 -9.12
N ASP A 778 -25.33 19.39 -8.24
CA ASP A 778 -25.17 18.45 -7.11
C ASP A 778 -25.66 19.00 -5.78
N VAL A 779 -26.34 20.14 -5.82
CA VAL A 779 -27.02 20.70 -4.65
C VAL A 779 -28.47 20.21 -4.72
N ILE A 780 -28.72 19.12 -4.00
CA ILE A 780 -29.81 18.21 -4.27
C ILE A 780 -30.81 18.11 -3.13
N CYS A 781 -32.09 18.15 -3.48
CA CYS A 781 -33.17 17.83 -2.55
C CYS A 781 -33.08 16.38 -2.11
N ALA A 782 -33.13 16.12 -0.81
CA ALA A 782 -33.25 14.72 -0.31
C ALA A 782 -34.70 14.37 0.04
N SER A 783 -35.50 15.39 0.32
CA SER A 783 -36.89 15.24 0.74
C SER A 783 -37.67 16.46 0.24
N PRO A 784 -38.99 16.31 0.04
CA PRO A 784 -39.64 15.02 0.01
C PRO A 784 -39.67 14.62 -1.45
N GLY A 785 -38.94 13.58 -1.83
CA GLY A 785 -39.05 13.05 -3.19
C GLY A 785 -40.44 12.54 -3.17
N ASP A 786 -41.38 13.12 -3.93
CA ASP A 786 -41.21 13.64 -5.32
C ASP A 786 -40.07 14.63 -5.71
N GLN A 787 -39.66 15.51 -4.80
CA GLN A 787 -38.58 16.48 -5.09
C GLN A 787 -37.16 15.85 -5.11
N ARG A 788 -36.96 14.84 -4.27
CA ARG A 788 -35.66 14.18 -4.11
C ARG A 788 -34.97 13.90 -5.43
N GLY A 789 -33.71 14.31 -5.51
CA GLY A 789 -32.91 14.09 -6.71
C GLY A 789 -32.88 15.29 -7.64
N LYS A 790 -33.76 16.26 -7.41
CA LYS A 790 -33.72 17.49 -8.18
C LYS A 790 -32.75 18.46 -7.57
N SER A 791 -32.17 19.30 -8.42
CA SER A 791 -31.36 20.39 -7.95
C SER A 791 -32.28 21.35 -7.27
N ILE A 792 -31.79 21.99 -6.20
CA ILE A 792 -32.64 22.93 -5.42
C ILE A 792 -33.06 24.13 -6.25
N VAL A 793 -32.31 24.42 -7.30
CA VAL A 793 -32.67 25.54 -8.14
C VAL A 793 -33.89 25.30 -9.03
N SER A 794 -34.24 24.03 -9.27
CA SER A 794 -35.38 23.68 -10.14
C SER A 794 -36.79 23.90 -9.56
N LEU A 795 -36.89 24.25 -8.29
CA LEU A 795 -38.17 24.56 -7.69
C LEU A 795 -38.85 25.84 -8.20
N GLU A 796 -40.12 26.02 -7.82
CA GLU A 796 -40.93 27.19 -8.17
C GLU A 796 -41.61 27.79 -6.93
N ARG B 10 -29.50 -18.47 29.29
CA ARG B 10 -28.63 -17.67 28.36
C ARG B 10 -27.75 -16.70 29.12
N SER B 11 -26.49 -17.08 29.25
CA SER B 11 -25.54 -16.27 29.98
C SER B 11 -25.47 -14.85 29.38
N TYR B 12 -25.60 -13.88 30.27
CA TYR B 12 -25.41 -12.49 29.89
C TYR B 12 -24.72 -11.86 31.08
N PRO B 13 -23.73 -11.00 30.87
CA PRO B 13 -23.22 -10.63 29.53
C PRO B 13 -22.17 -11.58 28.98
N CYS B 14 -21.76 -12.59 29.77
CA CYS B 14 -20.72 -13.52 29.34
C CYS B 14 -21.28 -14.58 28.40
N ASP B 15 -20.39 -15.22 27.65
CA ASP B 15 -20.71 -16.45 26.89
C ASP B 15 -20.14 -17.64 27.64
N GLU B 16 -21.00 -18.50 28.16
CA GLU B 16 -20.56 -19.67 28.91
C GLU B 16 -20.50 -20.93 28.02
N LYS B 17 -19.37 -21.66 28.07
CA LYS B 17 -19.06 -22.81 27.20
C LYS B 17 -18.52 -23.97 28.00
N LYS B 18 -19.04 -25.19 27.78
CA LYS B 18 -18.50 -26.41 28.43
C LYS B 18 -17.33 -26.94 27.60
N GLN B 19 -16.22 -27.26 28.26
CA GLN B 19 -14.96 -27.57 27.63
C GLN B 19 -14.17 -28.54 28.53
N ASN B 20 -13.74 -29.68 27.96
CA ASN B 20 -13.23 -30.84 28.72
C ASN B 20 -14.20 -31.14 29.90
N ASP B 21 -13.71 -31.33 31.11
CA ASP B 21 -14.62 -31.50 32.26
C ASP B 21 -15.18 -30.17 32.75
N SER B 22 -14.47 -29.09 32.44
CA SER B 22 -14.73 -27.76 33.01
C SER B 22 -15.80 -26.93 32.30
N VAL B 23 -16.05 -25.72 32.82
CA VAL B 23 -16.92 -24.72 32.18
C VAL B 23 -16.36 -23.30 32.23
N ILE B 24 -16.36 -22.66 31.07
CA ILE B 24 -15.65 -21.41 30.81
C ILE B 24 -16.64 -20.27 30.63
N ALA B 25 -16.23 -19.06 31.01
CA ALA B 25 -17.03 -17.85 30.80
C ALA B 25 -16.24 -16.75 30.08
N GLU B 26 -16.47 -16.60 28.78
CA GLU B 26 -15.77 -15.56 28.00
C GLU B 26 -16.47 -14.25 28.24
N CYS B 27 -15.83 -13.34 28.96
CA CYS B 27 -16.50 -12.12 29.35
C CYS B 27 -15.66 -10.90 29.01
N SER B 28 -14.77 -11.05 28.06
CA SER B 28 -13.83 -10.00 27.76
C SER B 28 -14.42 -8.93 26.82
N ASN B 29 -13.72 -7.82 26.71
CA ASN B 29 -14.00 -6.76 25.73
C ASN B 29 -15.48 -6.43 25.59
N ARG B 30 -16.08 -6.08 26.71
CA ARG B 30 -17.52 -5.93 26.84
C ARG B 30 -17.99 -4.64 27.55
N ARG B 31 -17.10 -3.66 27.71
CA ARG B 31 -17.45 -2.38 28.36
C ARG B 31 -18.08 -2.53 29.76
N LEU B 32 -17.67 -3.55 30.49
CA LEU B 32 -18.17 -3.80 31.84
C LEU B 32 -17.49 -2.91 32.86
N GLN B 33 -18.28 -2.26 33.69
CA GLN B 33 -17.75 -1.37 34.73
C GLN B 33 -17.72 -2.04 36.12
N GLU B 34 -18.09 -3.31 36.19
CA GLU B 34 -17.96 -4.10 37.44
C GLU B 34 -18.05 -5.59 37.17
N VAL B 35 -17.60 -6.39 38.13
CA VAL B 35 -17.69 -7.84 38.02
C VAL B 35 -19.16 -8.19 38.05
N PRO B 36 -19.69 -8.79 36.98
CA PRO B 36 -21.11 -9.11 37.00
C PRO B 36 -21.45 -10.07 38.13
N GLN B 37 -22.66 -9.93 38.67
CA GLN B 37 -23.19 -10.86 39.68
C GLN B 37 -24.09 -11.86 38.96
N THR B 38 -24.32 -11.58 37.68
CA THR B 38 -25.04 -12.44 36.78
C THR B 38 -24.31 -13.76 36.65
N VAL B 39 -23.00 -13.66 36.68
CA VAL B 39 -22.17 -14.82 36.46
C VAL B 39 -22.46 -15.78 37.57
N GLY B 40 -22.21 -17.01 37.23
CA GLY B 40 -22.40 -18.08 38.12
C GLY B 40 -22.76 -19.12 37.11
N LYS B 41 -22.82 -20.38 37.53
CA LYS B 41 -22.16 -20.89 38.71
C LYS B 41 -21.86 -22.29 38.21
N TYR B 42 -20.80 -22.89 38.71
CA TYR B 42 -20.18 -24.02 38.02
C TYR B 42 -19.27 -23.52 36.87
N VAL B 43 -19.20 -22.20 36.66
CA VAL B 43 -18.10 -21.64 35.89
C VAL B 43 -16.84 -21.85 36.69
N THR B 44 -15.79 -22.31 36.01
CA THR B 44 -14.53 -22.54 36.66
C THR B 44 -13.45 -21.59 36.15
N GLU B 45 -13.66 -21.02 34.97
CA GLU B 45 -12.74 -20.04 34.45
C GLU B 45 -13.53 -18.84 34.06
N LEU B 46 -12.98 -17.66 34.33
CA LEU B 46 -13.66 -16.41 34.05
C LEU B 46 -12.75 -15.40 33.42
N ASP B 47 -13.02 -15.06 32.19
CA ASP B 47 -12.18 -14.11 31.48
C ASP B 47 -12.92 -12.76 31.43
N LEU B 48 -12.45 -11.84 32.29
CA LEU B 48 -13.01 -10.50 32.43
C LEU B 48 -12.09 -9.44 31.86
N SER B 49 -11.16 -9.86 31.02
CA SER B 49 -10.10 -8.99 30.52
C SER B 49 -10.66 -7.98 29.53
N ASP B 50 -9.91 -6.89 29.36
CA ASP B 50 -10.21 -5.83 28.40
C ASP B 50 -11.58 -5.18 28.55
N ASN B 51 -11.93 -4.85 29.80
CA ASN B 51 -13.17 -4.15 30.14
C ASN B 51 -12.89 -2.77 30.81
N PHE B 52 -13.87 -2.23 31.54
CA PHE B 52 -13.73 -0.97 32.31
C PHE B 52 -13.85 -1.15 33.83
N ILE B 53 -13.41 -2.29 34.34
CA ILE B 53 -13.57 -2.59 35.77
C ILE B 53 -12.57 -1.81 36.62
N THR B 54 -13.07 -1.20 37.72
CA THR B 54 -12.21 -0.33 38.60
C THR B 54 -11.98 -0.89 40.02
N HIS B 55 -12.89 -1.69 40.53
CA HIS B 55 -12.77 -2.19 41.90
C HIS B 55 -13.01 -3.68 41.97
N ILE B 56 -12.19 -4.36 42.75
CA ILE B 56 -12.46 -5.76 43.12
C ILE B 56 -12.59 -5.79 44.67
N THR B 57 -13.70 -6.35 45.16
CA THR B 57 -13.99 -6.45 46.60
C THR B 57 -14.27 -7.90 46.98
N ASN B 58 -14.60 -8.12 48.26
CA ASN B 58 -14.96 -9.47 48.73
C ASN B 58 -16.26 -10.02 48.18
N GLU B 59 -17.09 -9.14 47.62
CA GLU B 59 -18.36 -9.56 47.03
C GLU B 59 -18.27 -9.70 45.50
N SER B 60 -17.15 -9.27 44.93
CA SER B 60 -16.99 -9.33 43.47
C SER B 60 -17.09 -10.79 43.04
N PHE B 61 -16.49 -11.68 43.84
CA PHE B 61 -16.59 -13.10 43.64
C PHE B 61 -17.17 -13.56 44.95
N GLN B 62 -18.50 -13.74 44.95
CA GLN B 62 -19.19 -14.13 46.16
C GLN B 62 -19.79 -15.51 45.94
N GLY B 63 -19.30 -16.48 46.72
CA GLY B 63 -19.80 -17.83 46.62
C GLY B 63 -19.62 -18.27 45.18
N LEU B 64 -18.37 -18.19 44.73
CA LEU B 64 -17.96 -18.76 43.44
C LEU B 64 -16.74 -19.65 43.67
N GLN B 65 -16.83 -20.53 44.66
CA GLN B 65 -15.68 -21.34 45.11
C GLN B 65 -15.15 -22.16 43.97
N ASN B 66 -16.05 -22.57 43.08
CA ASN B 66 -15.68 -23.40 41.95
C ASN B 66 -14.77 -22.66 40.91
N LEU B 67 -14.45 -21.38 41.13
CA LEU B 67 -13.45 -20.69 40.29
C LEU B 67 -11.99 -21.20 40.48
N THR B 68 -11.43 -21.52 39.33
CA THR B 68 -10.12 -22.10 39.23
C THR B 68 -9.15 -21.12 38.57
N LYS B 69 -9.68 -20.25 37.73
CA LYS B 69 -8.88 -19.31 36.97
C LYS B 69 -9.69 -18.03 36.70
N ILE B 70 -9.06 -16.90 36.98
CA ILE B 70 -9.61 -15.58 36.71
C ILE B 70 -8.60 -14.75 35.95
N ASN B 71 -9.06 -14.13 34.86
CA ASN B 71 -8.24 -13.22 34.08
C ASN B 71 -8.82 -11.81 34.17
N LEU B 72 -8.10 -10.89 34.79
CA LEU B 72 -8.58 -9.51 34.92
C LEU B 72 -7.76 -8.51 34.15
N ASN B 73 -6.93 -9.04 33.24
CA ASN B 73 -5.99 -8.23 32.48
C ASN B 73 -6.63 -7.03 31.81
N HIS B 74 -5.87 -5.95 31.72
CA HIS B 74 -6.20 -4.76 30.93
C HIS B 74 -7.40 -3.93 31.49
N ASN B 75 -7.72 -4.11 32.77
CA ASN B 75 -8.76 -3.32 33.44
C ASN B 75 -8.17 -2.20 34.31
N PRO B 76 -8.57 -0.95 34.09
CA PRO B 76 -9.59 -0.55 33.12
C PRO B 76 -8.97 0.20 31.96
N ASN B 77 -9.71 0.36 30.87
CA ASN B 77 -9.18 1.09 29.71
C ASN B 77 -9.72 2.50 29.71
N ASN B 90 -5.21 6.25 36.55
CA ASN B 90 -5.20 5.69 37.87
C ASN B 90 -6.14 4.49 37.95
N GLY B 91 -5.58 3.31 38.28
CA GLY B 91 -6.17 2.00 37.95
C GLY B 91 -6.82 1.03 38.97
N LEU B 92 -6.72 -0.27 38.70
CA LEU B 92 -7.58 -1.26 39.36
C LEU B 92 -7.35 -1.32 40.86
N ASN B 93 -8.46 -1.30 41.59
CA ASN B 93 -8.46 -1.21 43.04
C ASN B 93 -8.91 -2.52 43.66
N ILE B 94 -8.05 -3.12 44.46
CA ILE B 94 -8.30 -4.47 44.95
C ILE B 94 -8.27 -4.54 46.48
N THR B 95 -9.39 -4.91 47.10
CA THR B 95 -9.41 -4.95 48.57
C THR B 95 -8.56 -6.10 49.04
N ASP B 96 -7.98 -5.92 50.22
CA ASP B 96 -7.14 -6.98 50.78
C ASP B 96 -8.02 -8.23 50.93
N GLY B 97 -7.44 -9.40 50.68
CA GLY B 97 -8.20 -10.64 50.73
C GLY B 97 -9.45 -10.73 49.85
N ALA B 98 -9.55 -9.88 48.82
CA ALA B 98 -10.66 -9.94 47.87
C ALA B 98 -10.84 -11.34 47.26
N PHE B 99 -9.72 -12.06 47.07
CA PHE B 99 -9.71 -13.41 46.50
C PHE B 99 -9.53 -14.48 47.54
N LEU B 100 -9.32 -14.07 48.79
CA LEU B 100 -8.98 -15.04 49.85
C LEU B 100 -10.04 -16.12 50.02
N ASN B 101 -11.28 -15.77 49.65
CA ASN B 101 -12.46 -16.67 49.58
C ASN B 101 -12.29 -17.99 48.83
N LEU B 102 -11.59 -17.90 47.70
CA LEU B 102 -11.71 -18.90 46.65
C LEU B 102 -10.72 -20.05 46.85
N LYS B 103 -11.21 -21.14 47.46
CA LYS B 103 -10.37 -22.25 47.96
C LYS B 103 -9.64 -23.02 46.86
N ASN B 104 -10.19 -22.98 45.65
CA ASN B 104 -9.64 -23.67 44.47
C ASN B 104 -8.97 -22.75 43.43
N LEU B 105 -8.75 -21.47 43.74
CA LEU B 105 -8.16 -20.56 42.74
C LEU B 105 -6.69 -20.94 42.47
N ARG B 106 -6.40 -21.34 41.21
CA ARG B 106 -5.04 -21.76 40.82
C ARG B 106 -4.31 -20.66 40.07
N GLU B 107 -5.05 -20.00 39.17
CA GLU B 107 -4.46 -19.12 38.17
C GLU B 107 -5.14 -17.80 38.26
N LEU B 108 -4.37 -16.77 38.51
CA LEU B 108 -4.93 -15.44 38.60
C LEU B 108 -4.08 -14.55 37.73
N LEU B 109 -4.69 -13.94 36.72
CA LEU B 109 -3.94 -13.07 35.80
C LEU B 109 -4.35 -11.62 36.08
N LEU B 110 -3.35 -10.78 36.34
CA LEU B 110 -3.56 -9.39 36.73
C LEU B 110 -2.59 -8.51 36.03
N GLU B 111 -2.62 -8.58 34.71
CA GLU B 111 -1.67 -7.83 33.87
C GLU B 111 -2.25 -6.51 33.40
N ASP B 112 -1.39 -5.50 33.29
CA ASP B 112 -1.76 -4.21 32.74
C ASP B 112 -2.92 -3.63 33.53
N ASN B 113 -2.84 -3.65 34.85
CA ASN B 113 -3.89 -3.14 35.74
C ASN B 113 -3.45 -1.90 36.53
N GLN B 114 -2.30 -1.33 36.19
CA GLN B 114 -1.82 -0.14 36.89
C GLN B 114 -1.66 -0.31 38.42
N LEU B 115 -1.46 -1.55 38.84
CA LEU B 115 -1.30 -1.86 40.23
C LEU B 115 -0.03 -1.23 40.76
N PRO B 116 -0.09 -0.60 41.96
CA PRO B 116 1.08 0.02 42.60
C PRO B 116 1.80 -0.89 43.57
N GLN B 117 1.18 -2.01 43.93
CA GLN B 117 1.82 -3.08 44.72
C GLN B 117 1.17 -4.45 44.50
N ILE B 118 1.87 -5.51 44.91
CA ILE B 118 1.27 -6.83 44.89
C ILE B 118 0.05 -6.84 45.85
N PRO B 119 -1.14 -7.26 45.36
CA PRO B 119 -2.32 -7.22 46.24
C PRO B 119 -2.11 -8.09 47.47
N SER B 120 -2.68 -7.67 48.59
CA SER B 120 -2.54 -8.38 49.84
C SER B 120 -3.44 -9.56 50.01
N GLY B 121 -2.96 -10.52 50.79
CA GLY B 121 -3.73 -11.68 51.10
C GLY B 121 -4.25 -12.50 49.95
N LEU B 122 -3.36 -12.94 49.09
CA LEU B 122 -3.79 -13.79 47.98
C LEU B 122 -3.93 -15.21 48.52
N PRO B 123 -4.89 -15.96 48.00
CA PRO B 123 -5.11 -17.35 48.44
C PRO B 123 -3.92 -18.29 48.16
N GLU B 124 -3.51 -19.04 49.15
CA GLU B 124 -2.33 -19.87 49.02
C GLU B 124 -2.54 -21.08 48.09
N SER B 125 -3.74 -21.20 47.52
CA SER B 125 -4.04 -22.22 46.52
C SER B 125 -3.41 -21.93 45.12
N LEU B 126 -3.00 -20.68 44.90
CA LEU B 126 -2.44 -20.23 43.63
C LEU B 126 -1.20 -20.99 43.19
N THR B 127 -1.29 -21.56 41.99
CA THR B 127 -0.14 -22.11 41.28
C THR B 127 0.39 -21.20 40.15
N GLU B 128 -0.44 -20.32 39.61
CA GLU B 128 0.06 -19.32 38.64
C GLU B 128 -0.43 -17.92 38.95
N LEU B 129 0.50 -16.97 38.95
CA LEU B 129 0.24 -15.57 39.20
C LEU B 129 0.96 -14.70 38.18
N SER B 130 0.20 -13.90 37.43
CA SER B 130 0.81 -12.97 36.50
C SER B 130 0.50 -11.53 36.89
N LEU B 131 1.55 -10.73 37.15
CA LEU B 131 1.41 -9.29 37.52
C LEU B 131 2.22 -8.39 36.57
N ILE B 132 2.27 -8.78 35.31
CA ILE B 132 3.06 -8.09 34.29
C ILE B 132 2.47 -6.75 33.94
N GLN B 133 3.29 -5.76 33.59
CA GLN B 133 2.82 -4.43 33.12
C GLN B 133 2.06 -3.66 34.16
N ASN B 134 2.58 -3.63 35.37
CA ASN B 134 1.97 -2.83 36.41
C ASN B 134 3.03 -1.84 36.87
N ASN B 135 2.81 -1.22 38.04
CA ASN B 135 3.74 -0.28 38.66
C ASN B 135 4.18 -0.77 40.03
N ILE B 136 4.56 -2.04 40.08
CA ILE B 136 5.04 -2.69 41.28
C ILE B 136 6.56 -2.54 41.38
N TYR B 137 7.01 -1.72 42.31
CA TYR B 137 8.46 -1.46 42.51
C TYR B 137 9.04 -2.21 43.69
N ASN B 138 8.15 -2.81 44.47
CA ASN B 138 8.49 -3.56 45.66
C ASN B 138 8.01 -5.01 45.65
N ILE B 139 8.92 -5.96 45.72
CA ILE B 139 8.54 -7.36 45.85
C ILE B 139 8.77 -7.86 47.29
N THR B 140 7.69 -8.02 48.05
CA THR B 140 7.73 -8.17 49.50
C THR B 140 7.36 -9.55 49.98
N LYS B 141 7.86 -9.94 51.15
CA LYS B 141 7.36 -11.13 51.87
C LYS B 141 5.86 -11.05 52.23
N GLU B 142 5.36 -9.88 52.56
CA GLU B 142 3.91 -9.75 52.77
C GLU B 142 3.14 -10.17 51.52
N GLY B 143 3.68 -9.84 50.35
CA GLY B 143 2.95 -10.06 49.09
C GLY B 143 2.88 -11.49 48.63
N ILE B 144 4.01 -12.16 48.62
CA ILE B 144 4.09 -13.46 47.97
C ILE B 144 4.56 -14.60 48.89
N SER B 145 5.05 -14.30 50.11
CA SER B 145 5.67 -15.38 50.94
C SER B 145 4.77 -16.54 51.34
N ARG B 146 3.48 -16.29 51.53
CA ARG B 146 2.51 -17.37 51.80
C ARG B 146 2.22 -18.28 50.61
N LEU B 147 2.56 -17.86 49.39
CA LEU B 147 2.08 -18.54 48.18
C LEU B 147 2.97 -19.71 47.84
N ILE B 148 2.99 -20.66 48.74
CA ILE B 148 4.01 -21.70 48.74
C ILE B 148 3.69 -22.72 47.69
N ASN B 149 2.51 -22.65 47.08
CA ASN B 149 2.16 -23.49 45.91
C ASN B 149 2.42 -22.83 44.54
N LEU B 150 2.84 -21.55 44.47
CA LEU B 150 3.24 -20.98 43.18
C LEU B 150 4.23 -21.86 42.43
N LYS B 151 3.84 -22.21 41.19
CA LYS B 151 4.73 -22.82 40.19
C LYS B 151 5.30 -21.73 39.30
N ASN B 152 4.45 -20.81 38.87
CA ASN B 152 4.82 -19.82 37.82
C ASN B 152 4.51 -18.46 38.27
N LEU B 153 5.50 -17.56 38.28
CA LEU B 153 5.27 -16.20 38.75
C LEU B 153 5.86 -15.19 37.75
N TYR B 154 5.02 -14.31 37.24
CA TYR B 154 5.40 -13.35 36.19
C TYR B 154 5.31 -11.92 36.74
N LEU B 155 6.46 -11.26 36.82
CA LEU B 155 6.58 -9.93 37.33
C LEU B 155 7.29 -9.03 36.31
N ALA B 156 7.28 -9.42 35.05
CA ALA B 156 7.98 -8.67 34.02
C ALA B 156 7.32 -7.33 33.76
N TRP B 157 8.08 -6.40 33.19
CA TRP B 157 7.56 -5.12 32.72
C TRP B 157 6.90 -4.26 33.84
N ASN B 158 7.57 -4.09 34.96
CA ASN B 158 7.01 -3.28 36.06
C ASN B 158 7.77 -1.99 36.31
N CYS B 159 9.09 -2.03 36.23
CA CYS B 159 9.94 -0.86 36.37
C CYS B 159 10.81 -0.79 35.11
N TYR B 160 10.29 -0.22 34.04
CA TYR B 160 10.99 -0.20 32.77
C TYR B 160 10.96 1.20 32.12
N PHE B 161 12.09 1.93 32.17
CA PHE B 161 12.16 3.37 31.79
C PHE B 161 11.16 4.28 32.49
N ASN B 162 11.29 4.29 33.82
CA ASN B 162 10.51 5.14 34.67
C ASN B 162 11.39 5.88 35.66
N LYS B 163 11.22 7.18 35.73
CA LYS B 163 11.94 8.00 36.71
C LYS B 163 11.51 7.56 38.11
N VAL B 164 10.22 7.28 38.28
CA VAL B 164 9.63 7.02 39.60
C VAL B 164 10.33 5.86 40.32
N CYS B 165 10.36 4.68 39.69
CA CYS B 165 11.21 3.59 40.15
C CYS B 165 12.54 3.64 39.41
N GLU B 166 13.57 3.99 40.14
CA GLU B 166 14.94 3.85 39.73
C GLU B 166 15.38 2.39 39.68
N LYS B 167 14.89 1.62 40.63
CA LYS B 167 15.30 0.28 40.90
C LYS B 167 14.24 -0.51 41.63
N THR B 168 13.92 -1.67 41.07
CA THR B 168 13.02 -2.62 41.68
C THR B 168 13.64 -3.14 43.00
N ASN B 169 12.89 -3.03 44.09
CA ASN B 169 13.40 -3.48 45.38
C ASN B 169 12.81 -4.84 45.69
N ILE B 170 13.71 -5.82 45.78
CA ILE B 170 13.37 -7.20 46.10
C ILE B 170 13.86 -7.64 47.48
N GLU B 171 12.90 -7.73 48.38
CA GLU B 171 13.17 -8.04 49.74
C GLU B 171 13.94 -9.35 49.87
N ASP B 172 14.96 -9.37 50.73
CA ASP B 172 15.86 -10.51 50.80
C ASP B 172 15.12 -11.80 51.15
N GLY B 173 15.42 -12.87 50.44
CA GLY B 173 14.75 -14.16 50.57
C GLY B 173 13.26 -14.26 50.22
N VAL B 174 12.66 -13.23 49.63
CA VAL B 174 11.22 -13.32 49.30
C VAL B 174 10.83 -14.58 48.52
N PHE B 175 11.72 -15.09 47.68
CA PHE B 175 11.37 -16.27 46.88
C PHE B 175 11.85 -17.55 47.52
N GLU B 176 12.63 -17.48 48.60
CA GLU B 176 13.24 -18.69 49.19
C GLU B 176 12.18 -19.64 49.70
N THR B 177 11.05 -19.07 50.11
CA THR B 177 9.90 -19.81 50.64
C THR B 177 9.06 -20.53 49.53
N LEU B 178 9.25 -20.15 48.27
CA LEU B 178 8.49 -20.73 47.18
C LEU B 178 9.15 -21.99 46.65
N THR B 179 8.99 -23.07 47.39
CA THR B 179 9.79 -24.28 47.22
C THR B 179 9.26 -25.16 46.08
N ASN B 180 8.10 -24.80 45.53
CA ASN B 180 7.61 -25.44 44.32
C ASN B 180 7.72 -24.54 43.05
N LEU B 181 8.33 -23.36 43.18
CA LEU B 181 8.45 -22.40 42.05
C LEU B 181 9.33 -22.89 40.89
N GLU B 182 8.72 -23.03 39.72
CA GLU B 182 9.42 -23.49 38.52
C GLU B 182 9.78 -22.39 37.54
N LEU B 183 8.88 -21.42 37.38
CA LEU B 183 9.14 -20.33 36.44
C LEU B 183 9.07 -19.03 37.15
N LEU B 184 10.16 -18.28 37.04
CA LEU B 184 10.22 -16.92 37.56
C LEU B 184 10.66 -15.94 36.44
N SER B 185 9.84 -14.94 36.17
CA SER B 185 10.14 -13.95 35.17
C SER B 185 10.14 -12.54 35.77
N LEU B 186 11.29 -11.88 35.67
CA LEU B 186 11.48 -10.52 36.14
C LEU B 186 12.01 -9.62 35.04
N SER B 187 11.97 -10.09 33.83
CA SER B 187 12.44 -9.34 32.66
C SER B 187 11.84 -7.96 32.61
N PHE B 188 12.59 -7.04 32.05
CA PHE B 188 12.10 -5.64 31.90
C PHE B 188 11.73 -4.93 33.21
N ASN B 189 12.64 -5.05 34.16
CA ASN B 189 12.67 -4.30 35.43
C ASN B 189 14.13 -3.96 35.63
N SER B 190 14.42 -2.86 36.31
CA SER B 190 15.80 -2.56 36.68
C SER B 190 16.12 -3.28 37.99
N LEU B 191 16.97 -4.29 37.89
CA LEU B 191 17.45 -5.04 39.04
C LEU B 191 18.90 -4.77 39.40
N SER B 192 19.75 -4.47 38.44
CA SER B 192 21.21 -4.36 38.66
C SER B 192 21.94 -5.65 38.98
N HIS B 193 21.34 -6.52 39.77
CA HIS B 193 21.95 -7.85 40.00
C HIS B 193 20.92 -8.96 40.25
N VAL B 194 21.35 -10.19 39.96
CA VAL B 194 20.50 -11.34 40.15
C VAL B 194 20.14 -11.46 41.63
N PRO B 195 18.84 -11.44 41.93
CA PRO B 195 18.47 -11.56 43.36
C PRO B 195 19.02 -12.83 43.97
N PRO B 196 19.46 -12.73 45.23
CA PRO B 196 19.93 -13.93 45.90
C PRO B 196 18.77 -14.73 46.50
N LYS B 197 19.06 -15.97 46.90
CA LYS B 197 18.08 -16.80 47.61
C LYS B 197 16.90 -17.17 46.74
N LEU B 198 17.25 -17.79 45.62
CA LEU B 198 16.29 -18.32 44.70
C LEU B 198 16.12 -19.78 45.02
N PRO B 199 14.87 -20.26 45.02
CA PRO B 199 14.64 -21.65 45.32
C PRO B 199 15.22 -22.56 44.24
N SER B 200 15.67 -23.71 44.69
CA SER B 200 16.29 -24.66 43.82
C SER B 200 15.28 -25.47 43.03
N SER B 201 13.99 -25.24 43.26
CA SER B 201 12.96 -25.77 42.35
C SER B 201 12.93 -25.02 40.98
N LEU B 202 13.55 -23.87 40.87
CA LEU B 202 13.53 -23.11 39.58
C LEU B 202 13.97 -23.88 38.33
N ARG B 203 13.14 -23.79 37.31
CA ARG B 203 13.46 -24.41 36.03
C ARG B 203 13.70 -23.34 34.92
N LYS B 204 13.00 -22.22 35.02
CA LYS B 204 13.09 -21.19 34.04
C LYS B 204 13.20 -19.85 34.71
N LEU B 205 14.30 -19.17 34.44
CA LEU B 205 14.55 -17.88 35.07
C LEU B 205 14.72 -16.86 33.94
N PHE B 206 13.81 -15.88 33.86
CA PHE B 206 13.82 -14.91 32.78
C PHE B 206 14.29 -13.61 33.38
N LEU B 207 15.41 -13.10 32.87
CA LEU B 207 16.03 -11.88 33.37
C LEU B 207 16.48 -10.95 32.23
N SER B 208 15.65 -10.84 31.21
CA SER B 208 15.96 -9.96 30.08
C SER B 208 15.89 -8.49 30.43
N ASN B 209 16.81 -7.68 29.89
CA ASN B 209 16.69 -6.24 30.02
C ASN B 209 16.43 -5.88 31.47
N THR B 210 17.32 -6.34 32.34
CA THR B 210 17.20 -6.07 33.78
C THR B 210 18.38 -5.26 34.31
N GLN B 211 19.19 -4.71 33.41
CA GLN B 211 20.37 -3.93 33.78
C GLN B 211 21.37 -4.69 34.65
N ILE B 212 21.50 -5.98 34.41
CA ILE B 212 22.43 -6.77 35.19
C ILE B 212 23.66 -6.91 34.37
N LYS B 213 24.67 -6.13 34.71
CA LYS B 213 25.86 -6.09 33.90
C LYS B 213 26.92 -7.10 34.29
N TYR B 214 26.72 -7.81 35.41
CA TYR B 214 27.77 -8.73 35.91
C TYR B 214 27.12 -9.97 36.55
N ILE B 215 27.64 -11.13 36.22
CA ILE B 215 27.07 -12.37 36.73
C ILE B 215 28.15 -13.09 37.51
N SER B 216 27.93 -13.23 38.83
CA SER B 216 28.90 -13.88 39.72
C SER B 216 28.71 -15.39 39.76
N GLU B 217 29.66 -16.05 40.37
CA GLU B 217 29.62 -17.48 40.54
C GLU B 217 28.47 -17.85 41.46
N GLU B 218 28.09 -16.91 42.34
CA GLU B 218 27.06 -17.14 43.36
C GLU B 218 25.63 -17.02 42.82
N ASP B 219 25.48 -16.33 41.70
CA ASP B 219 24.17 -15.92 41.26
C ASP B 219 23.27 -17.08 40.90
N PHE B 220 23.82 -18.10 40.23
CA PHE B 220 22.99 -19.23 39.84
C PHE B 220 23.43 -20.51 40.50
N LYS B 221 23.99 -20.38 41.70
CA LYS B 221 24.63 -21.55 42.34
C LYS B 221 23.55 -22.46 42.86
N GLY B 222 23.70 -23.75 42.57
CA GLY B 222 22.75 -24.76 43.04
C GLY B 222 21.35 -24.66 42.45
N LEU B 223 21.21 -24.09 41.27
CA LEU B 223 19.94 -24.14 40.52
C LEU B 223 20.11 -25.34 39.64
N ILE B 224 20.17 -26.51 40.25
CA ILE B 224 20.44 -27.74 39.49
C ILE B 224 19.24 -28.23 38.68
N ASN B 225 18.08 -27.60 38.88
CA ASN B 225 16.93 -27.88 38.01
C ASN B 225 16.71 -26.88 36.81
N LEU B 226 17.50 -25.80 36.72
CA LEU B 226 17.32 -24.82 35.61
C LEU B 226 17.44 -25.44 34.22
N THR B 227 16.38 -25.32 33.43
CA THR B 227 16.42 -25.69 32.02
C THR B 227 16.55 -24.49 31.07
N LEU B 228 16.18 -23.31 31.56
CA LEU B 228 16.17 -22.05 30.79
C LEU B 228 16.70 -20.88 31.59
N LEU B 229 17.65 -20.18 30.99
CA LEU B 229 18.12 -18.91 31.54
C LEU B 229 18.12 -17.83 30.42
N ASP B 230 17.48 -16.71 30.69
CA ASP B 230 17.37 -15.58 29.73
C ASP B 230 18.03 -14.35 30.30
N LEU B 231 19.18 -13.99 29.75
CA LEU B 231 19.90 -12.80 30.19
C LEU B 231 19.99 -11.74 29.06
N SER B 232 19.15 -11.90 28.05
CA SER B 232 19.22 -11.06 26.84
C SER B 232 19.07 -9.61 27.22
N GLY B 233 19.74 -8.72 26.52
CA GLY B 233 19.44 -7.29 26.63
C GLY B 233 20.00 -6.64 27.89
N ASN B 234 21.00 -7.26 28.48
CA ASN B 234 21.79 -6.62 29.54
C ASN B 234 23.18 -6.28 28.95
N CYS B 235 23.52 -5.00 28.96
CA CYS B 235 24.59 -4.44 28.13
C CYS B 235 24.20 -4.62 26.65
N PRO B 236 23.06 -4.04 26.26
CA PRO B 236 22.54 -4.17 24.90
C PRO B 236 23.45 -3.60 23.87
N ARG B 237 23.34 -4.15 22.67
CA ARG B 237 23.89 -3.55 21.45
C ARG B 237 22.83 -2.56 20.94
N CYS B 238 23.05 -1.25 21.10
CA CYS B 238 21.99 -0.30 20.79
C CYS B 238 22.03 0.27 19.38
N PHE B 239 23.02 -0.07 18.59
CA PHE B 239 23.09 0.44 17.23
C PHE B 239 21.79 0.16 16.49
N ASN B 240 21.14 1.22 16.03
CA ASN B 240 19.94 1.02 15.21
C ASN B 240 18.85 0.28 16.00
N ALA B 241 18.79 0.51 17.29
CA ALA B 241 17.79 -0.16 18.12
C ALA B 241 16.49 0.57 17.95
N PRO B 242 15.41 -0.15 17.65
CA PRO B 242 14.11 0.51 17.51
C PRO B 242 13.62 1.10 18.85
N PHE B 243 13.76 0.35 19.93
CA PHE B 243 13.27 0.77 21.24
C PHE B 243 14.30 1.57 22.01
N PRO B 244 13.89 2.29 23.07
CA PRO B 244 14.94 2.99 23.80
C PRO B 244 15.94 1.99 24.36
N CYS B 245 17.20 2.41 24.43
CA CYS B 245 18.27 1.48 24.62
C CYS B 245 19.49 2.17 25.25
N VAL B 246 19.99 1.60 26.33
CA VAL B 246 21.14 2.16 27.00
C VAL B 246 22.26 1.16 27.03
N PRO B 247 23.40 1.47 26.41
CA PRO B 247 24.48 0.53 26.55
C PRO B 247 25.14 0.66 27.91
N CYS B 248 25.85 -0.39 28.30
CA CYS B 248 26.79 -0.31 29.39
C CYS B 248 27.90 0.65 28.92
N ASP B 249 28.62 1.20 29.88
CA ASP B 249 29.59 2.25 29.61
C ASP B 249 30.63 1.74 28.66
N GLY B 250 30.87 2.53 27.61
CA GLY B 250 31.76 2.13 26.56
C GLY B 250 31.20 0.97 25.78
N GLY B 251 29.87 0.89 25.66
CA GLY B 251 29.20 -0.30 25.10
C GLY B 251 29.92 -1.61 25.43
N ALA B 252 30.36 -1.75 26.70
CA ALA B 252 31.10 -2.95 27.15
C ALA B 252 30.16 -4.16 27.14
N SER B 253 30.66 -5.39 27.13
CA SER B 253 29.78 -6.55 27.14
C SER B 253 29.32 -6.85 28.55
N ILE B 254 28.25 -7.62 28.65
CA ILE B 254 27.88 -8.26 29.92
C ILE B 254 29.14 -8.97 30.43
N ASN B 255 29.30 -9.01 31.74
CA ASN B 255 30.47 -9.63 32.33
C ASN B 255 30.03 -10.87 33.12
N ILE B 256 30.41 -12.04 32.63
CA ILE B 256 29.96 -13.29 33.20
C ILE B 256 31.19 -14.06 33.67
N ASP B 257 31.27 -14.23 34.98
CA ASP B 257 32.32 -15.05 35.58
C ASP B 257 32.41 -16.41 34.92
N ARG B 258 33.64 -16.91 34.81
CA ARG B 258 33.87 -18.23 34.19
C ARG B 258 33.10 -19.41 34.83
N PHE B 259 32.76 -19.33 36.11
CA PHE B 259 32.07 -20.41 36.81
C PHE B 259 30.56 -20.13 37.04
N ALA B 260 30.08 -19.06 36.39
CA ALA B 260 28.73 -18.62 36.56
C ALA B 260 27.69 -19.68 36.33
N PHE B 261 27.98 -20.63 35.46
CA PHE B 261 27.03 -21.65 35.07
C PHE B 261 27.42 -23.06 35.44
N GLN B 262 28.31 -23.21 36.42
CA GLN B 262 28.91 -24.53 36.63
C GLN B 262 27.93 -25.59 37.14
N ASN B 263 26.94 -25.23 37.92
CA ASN B 263 26.00 -26.25 38.37
C ASN B 263 24.71 -26.36 37.51
N LEU B 264 24.64 -25.65 36.37
CA LEU B 264 23.43 -25.67 35.56
C LEU B 264 23.49 -26.81 34.56
N THR B 265 23.57 -28.03 35.07
CA THR B 265 23.82 -29.19 34.24
C THR B 265 22.61 -29.56 33.38
N GLN B 266 21.44 -29.08 33.73
CA GLN B 266 20.25 -29.36 32.93
C GLN B 266 19.85 -28.24 31.93
N LEU B 267 20.60 -27.16 31.86
CA LEU B 267 20.23 -26.03 30.96
C LEU B 267 20.03 -26.52 29.55
N ARG B 268 18.84 -26.26 29.01
CA ARG B 268 18.50 -26.57 27.62
C ARG B 268 18.47 -25.30 26.74
N TYR B 269 18.02 -24.17 27.31
CA TYR B 269 17.80 -22.91 26.60
C TYR B 269 18.60 -21.85 27.27
N LEU B 270 19.45 -21.20 26.48
CA LEU B 270 20.24 -20.04 26.97
C LEU B 270 20.18 -18.90 25.99
N ASN B 271 19.72 -17.75 26.46
CA ASN B 271 19.50 -16.57 25.61
C ASN B 271 20.41 -15.44 26.09
N LEU B 272 21.43 -15.15 25.27
CA LEU B 272 22.39 -14.07 25.48
C LEU B 272 22.36 -13.10 24.31
N SER B 273 21.17 -12.96 23.71
CA SER B 273 20.98 -11.95 22.69
C SER B 273 21.19 -10.55 23.25
N SER B 274 21.79 -9.69 22.42
CA SER B 274 22.01 -8.29 22.78
C SER B 274 22.65 -8.13 24.17
N THR B 275 23.82 -8.77 24.31
CA THR B 275 24.63 -8.55 25.50
C THR B 275 26.01 -7.99 25.16
N SER B 276 26.15 -7.48 23.93
CA SER B 276 27.34 -6.82 23.46
C SER B 276 28.57 -7.73 23.59
N LEU B 277 28.36 -9.04 23.49
CA LEU B 277 29.47 -9.99 23.56
C LEU B 277 30.41 -9.90 22.36
N ARG B 278 31.70 -9.81 22.67
CA ARG B 278 32.78 -9.93 21.68
C ARG B 278 33.42 -11.30 21.80
N LYS B 279 33.46 -11.85 23.00
CA LYS B 279 33.98 -13.21 23.12
C LYS B 279 33.24 -14.09 24.10
N ILE B 280 33.24 -15.36 23.75
CA ILE B 280 32.46 -16.35 24.43
C ILE B 280 33.40 -17.35 25.08
N ASN B 281 33.45 -17.28 26.39
CA ASN B 281 34.23 -18.18 27.20
C ASN B 281 33.69 -19.58 27.07
N ALA B 282 34.48 -20.45 26.45
CA ALA B 282 34.10 -21.85 26.26
C ALA B 282 33.85 -22.61 27.56
N ALA B 283 34.44 -22.12 28.63
CA ALA B 283 34.25 -22.76 29.95
C ALA B 283 32.83 -22.60 30.52
N TRP B 284 32.07 -21.64 29.97
CA TRP B 284 30.69 -21.43 30.37
C TRP B 284 29.83 -22.67 30.12
N PHE B 285 30.24 -23.48 29.15
CA PHE B 285 29.51 -24.65 28.66
C PHE B 285 30.05 -25.99 29.15
N LYS B 286 31.11 -25.97 29.94
CA LYS B 286 31.77 -27.20 30.42
C LYS B 286 30.81 -28.17 31.05
N ASN B 287 29.99 -27.66 31.95
CA ASN B 287 29.06 -28.50 32.72
C ASN B 287 27.60 -28.52 32.16
N MET B 288 27.44 -28.38 30.85
CA MET B 288 26.16 -28.05 30.27
C MET B 288 25.97 -28.86 29.00
N PRO B 289 26.06 -30.18 29.13
CA PRO B 289 26.19 -31.01 27.95
C PRO B 289 24.86 -31.33 27.32
N HIS B 290 23.79 -30.78 27.89
CA HIS B 290 22.47 -30.96 27.27
C HIS B 290 21.89 -29.67 26.62
N LEU B 291 22.73 -28.64 26.45
CA LEU B 291 22.24 -27.37 25.85
C LEU B 291 21.72 -27.58 24.44
N LYS B 292 20.47 -27.14 24.24
CA LYS B 292 19.74 -27.36 23.02
C LYS B 292 19.61 -26.10 22.14
N VAL B 293 19.33 -24.97 22.75
CA VAL B 293 19.00 -23.81 22.00
C VAL B 293 19.83 -22.73 22.63
N LEU B 294 20.61 -22.05 21.78
CA LEU B 294 21.44 -20.98 22.24
C LEU B 294 21.23 -19.79 21.32
N ASP B 295 20.88 -18.65 21.88
CA ASP B 295 20.91 -17.54 21.01
C ASP B 295 21.78 -16.35 21.33
N LEU B 296 22.49 -15.91 20.28
CA LEU B 296 23.55 -14.97 20.41
C LEU B 296 23.39 -13.82 19.40
N GLU B 297 22.15 -13.50 19.09
CA GLU B 297 21.77 -12.47 18.15
C GLU B 297 22.07 -11.10 18.70
N PHE B 298 22.38 -10.14 17.83
CA PHE B 298 22.66 -8.78 18.24
C PHE B 298 23.85 -8.66 19.21
N ASN B 299 24.95 -9.34 18.89
CA ASN B 299 26.21 -9.17 19.63
C ASN B 299 27.33 -8.68 18.62
N TYR B 300 28.61 -8.92 18.92
CA TYR B 300 29.71 -8.54 18.04
C TYR B 300 30.61 -9.72 17.80
N LEU B 301 30.05 -10.78 17.24
CA LEU B 301 30.69 -12.08 17.30
C LEU B 301 31.27 -12.52 15.99
N VAL B 302 31.52 -11.55 15.12
CA VAL B 302 32.11 -11.85 13.81
C VAL B 302 33.41 -12.56 14.01
N GLY B 303 34.25 -12.04 14.91
CA GLY B 303 35.51 -12.69 15.26
C GLY B 303 35.35 -14.07 15.87
N GLU B 304 34.47 -14.18 16.88
CA GLU B 304 34.14 -15.51 17.42
C GLU B 304 33.55 -16.51 16.43
N ILE B 305 32.88 -16.04 15.39
CA ILE B 305 32.30 -16.97 14.40
C ILE B 305 33.44 -17.53 13.54
N ALA B 306 34.47 -16.70 13.38
CA ALA B 306 35.68 -17.13 12.69
C ALA B 306 36.54 -18.12 13.50
N SER B 307 36.61 -18.00 14.82
CA SER B 307 37.50 -18.87 15.64
C SER B 307 36.70 -19.91 16.41
N GLY B 308 35.97 -19.44 17.41
CA GLY B 308 34.84 -20.20 17.96
C GLY B 308 35.21 -21.45 18.76
N ALA B 309 35.93 -21.25 19.84
CA ALA B 309 36.36 -22.37 20.69
C ALA B 309 35.14 -22.98 21.34
N PHE B 310 34.23 -22.11 21.78
CA PHE B 310 32.98 -22.56 22.42
C PHE B 310 32.17 -23.55 21.59
N LEU B 311 32.44 -23.62 20.29
CA LEU B 311 31.70 -24.50 19.40
C LEU B 311 32.00 -25.97 19.64
N THR B 312 33.16 -26.26 20.23
CA THR B 312 33.53 -27.65 20.53
C THR B 312 32.74 -28.18 21.75
N MET B 313 32.14 -27.27 22.48
CA MET B 313 31.51 -27.57 23.74
C MET B 313 30.01 -27.77 23.66
N LEU B 314 29.46 -28.08 22.49
CA LEU B 314 28.02 -28.04 22.31
C LEU B 314 27.54 -29.17 21.40
N PRO B 315 27.87 -30.43 21.75
CA PRO B 315 27.62 -31.55 20.87
C PRO B 315 26.16 -31.93 20.79
N ARG B 316 25.35 -31.40 21.71
CA ARG B 316 23.89 -31.60 21.64
C ARG B 316 23.04 -30.36 21.19
N LEU B 317 23.68 -29.24 20.94
CA LEU B 317 22.97 -28.04 20.43
C LEU B 317 22.18 -28.34 19.14
N GLU B 318 20.93 -27.95 19.14
CA GLU B 318 20.07 -28.16 17.99
C GLU B 318 19.77 -26.86 17.21
N ILE B 319 19.68 -25.75 17.94
CA ILE B 319 19.38 -24.47 17.37
C ILE B 319 20.40 -23.46 17.82
N LEU B 320 21.10 -22.90 16.84
CA LEU B 320 22.06 -21.83 17.10
C LEU B 320 21.65 -20.56 16.32
N ASP B 321 21.57 -19.44 17.00
CA ASP B 321 21.20 -18.20 16.37
C ASP B 321 22.25 -17.15 16.56
N LEU B 322 22.88 -16.77 15.46
CA LEU B 322 24.03 -15.84 15.47
C LEU B 322 23.68 -14.61 14.61
N SER B 323 22.42 -14.30 14.59
CA SER B 323 21.93 -13.33 13.69
C SER B 323 22.25 -11.92 14.14
N PHE B 324 22.43 -11.06 13.13
CA PHE B 324 22.59 -9.65 13.32
C PHE B 324 23.80 -9.35 14.19
N ASN B 325 24.93 -9.99 13.86
CA ASN B 325 26.20 -9.59 14.45
C ASN B 325 27.05 -8.71 13.49
N TYR B 326 26.42 -8.06 12.52
CA TYR B 326 27.12 -7.32 11.45
C TYR B 326 27.89 -6.17 12.02
N ILE B 327 28.95 -5.84 11.33
CA ILE B 327 29.72 -4.67 11.75
C ILE B 327 29.28 -3.44 10.98
N LYS B 328 29.02 -2.38 11.72
CA LYS B 328 28.61 -1.13 11.15
C LYS B 328 29.58 -0.63 10.10
N GLY B 329 29.05 -0.21 8.95
CA GLY B 329 29.83 0.39 7.91
C GLY B 329 30.51 -0.58 6.97
N SER B 330 30.43 -1.88 7.23
CA SER B 330 31.13 -2.87 6.44
C SER B 330 30.18 -3.66 5.56
N TYR B 331 30.80 -4.24 4.54
CA TYR B 331 30.14 -5.09 3.57
C TYR B 331 31.23 -6.01 3.03
N PRO B 332 31.73 -6.92 3.89
CA PRO B 332 32.90 -7.75 3.58
C PRO B 332 32.56 -8.70 2.48
N GLN B 333 33.58 -9.10 1.73
CA GLN B 333 33.36 -9.97 0.57
C GLN B 333 32.82 -11.29 0.94
N HIS B 334 33.29 -11.81 2.08
CA HIS B 334 33.14 -13.23 2.41
C HIS B 334 32.72 -13.38 3.85
N ILE B 335 32.07 -14.50 4.13
CA ILE B 335 31.75 -14.89 5.47
C ILE B 335 32.86 -15.85 5.90
N ASN B 336 33.30 -15.71 7.15
CA ASN B 336 34.36 -16.52 7.72
C ASN B 336 33.78 -17.38 8.86
N ILE B 337 33.53 -18.64 8.53
CA ILE B 337 32.95 -19.67 9.40
C ILE B 337 34.06 -20.61 9.93
N SER B 338 34.34 -20.59 11.23
CA SER B 338 35.25 -21.55 11.85
C SER B 338 34.98 -23.00 11.47
N ARG B 339 36.05 -23.76 11.29
CA ARG B 339 35.90 -25.21 11.07
C ARG B 339 35.30 -25.92 12.32
N ASN B 340 35.37 -25.29 13.50
CA ASN B 340 34.75 -25.83 14.69
C ASN B 340 33.22 -26.03 14.63
N PHE B 341 32.56 -25.36 13.69
CA PHE B 341 31.13 -25.61 13.43
C PHE B 341 30.87 -27.06 13.10
N SER B 342 31.89 -27.74 12.57
CA SER B 342 31.77 -29.20 12.29
C SER B 342 31.60 -30.05 13.56
N LYS B 343 31.82 -29.48 14.75
CA LYS B 343 31.61 -30.19 16.03
C LYS B 343 30.18 -30.12 16.58
N LEU B 344 29.30 -29.39 15.89
CA LEU B 344 27.92 -29.26 16.31
C LEU B 344 27.10 -30.37 15.74
N LEU B 345 27.38 -31.55 16.21
CA LEU B 345 26.86 -32.78 15.58
C LEU B 345 25.35 -32.93 15.65
N SER B 346 24.72 -32.33 16.66
CA SER B 346 23.24 -32.39 16.74
C SER B 346 22.51 -31.21 16.06
N LEU B 347 23.23 -30.31 15.38
CA LEU B 347 22.62 -29.05 14.88
C LEU B 347 21.54 -29.33 13.90
N ARG B 348 20.34 -28.79 14.16
CA ARG B 348 19.24 -28.89 13.21
C ARG B 348 19.00 -27.59 12.40
N ALA B 349 19.25 -26.46 13.02
CA ALA B 349 18.85 -25.16 12.49
C ALA B 349 19.93 -24.15 12.79
N LEU B 350 20.51 -23.57 11.75
CA LEU B 350 21.49 -22.51 11.93
C LEU B 350 20.95 -21.18 11.38
N HIS B 351 20.82 -20.19 12.25
CA HIS B 351 20.35 -18.88 11.85
C HIS B 351 21.50 -17.90 11.79
N LEU B 352 21.75 -17.41 10.58
CA LEU B 352 22.78 -16.45 10.35
C LEU B 352 22.26 -15.28 9.51
N ARG B 353 21.18 -14.67 9.96
CA ARG B 353 20.70 -13.47 9.36
C ARG B 353 21.62 -12.34 9.71
N GLY B 354 21.69 -11.36 8.80
CA GLY B 354 22.33 -10.11 9.11
C GLY B 354 23.76 -10.15 9.58
N TYR B 355 24.54 -11.01 8.95
CA TYR B 355 25.99 -10.98 9.10
C TYR B 355 26.50 -9.92 8.12
N VAL B 356 26.00 -10.00 6.87
CA VAL B 356 26.15 -8.97 5.79
C VAL B 356 27.47 -9.23 5.07
N PHE B 357 27.40 -9.85 3.91
CA PHE B 357 28.55 -10.10 3.13
C PHE B 357 28.14 -10.34 1.73
N GLN B 358 29.11 -10.31 0.80
CA GLN B 358 28.79 -10.24 -0.65
C GLN B 358 28.76 -11.51 -1.41
N GLU B 359 29.54 -12.51 -1.01
CA GLU B 359 29.48 -13.76 -1.74
C GLU B 359 29.68 -14.99 -0.91
N LEU B 360 29.08 -16.09 -1.38
CA LEU B 360 29.16 -17.31 -0.64
C LEU B 360 29.76 -18.36 -1.53
N ARG B 361 30.96 -18.82 -1.14
CA ARG B 361 31.69 -19.89 -1.88
C ARG B 361 31.46 -21.23 -1.21
N GLU B 362 31.53 -22.30 -2.00
CA GLU B 362 31.51 -23.71 -1.51
C GLU B 362 32.31 -23.92 -0.24
N ASP B 363 33.55 -23.49 -0.26
CA ASP B 363 34.45 -23.75 0.89
C ASP B 363 33.98 -23.11 2.18
N ASP B 364 33.27 -22.00 2.06
CA ASP B 364 32.87 -21.25 3.24
C ASP B 364 31.96 -22.07 4.14
N PHE B 365 31.21 -23.00 3.56
CA PHE B 365 30.27 -23.85 4.32
C PHE B 365 30.68 -25.32 4.47
N GLN B 366 31.96 -25.60 4.25
CA GLN B 366 32.49 -26.94 4.42
C GLN B 366 32.20 -27.57 5.78
N PRO B 367 32.45 -26.82 6.85
CA PRO B 367 32.17 -27.36 8.17
C PRO B 367 30.74 -27.83 8.40
N LEU B 368 29.77 -27.31 7.64
CA LEU B 368 28.37 -27.63 7.88
C LEU B 368 27.94 -28.81 7.09
N MET B 369 28.72 -29.15 6.07
CA MET B 369 28.31 -30.19 5.13
C MET B 369 28.31 -31.61 5.71
N GLN B 370 28.95 -31.78 6.86
CA GLN B 370 29.04 -33.09 7.49
C GLN B 370 28.06 -33.27 8.66
N LEU B 371 27.31 -32.22 9.02
CA LEU B 371 26.40 -32.27 10.16
C LEU B 371 25.17 -33.02 9.75
N PRO B 372 24.93 -34.20 10.36
CA PRO B 372 23.96 -35.12 9.77
C PRO B 372 22.53 -34.69 9.85
N ASN B 373 22.16 -33.83 10.82
CA ASN B 373 20.73 -33.40 10.95
C ASN B 373 20.43 -31.92 10.61
N LEU B 374 21.39 -31.23 9.99
CA LEU B 374 21.20 -29.81 9.68
C LEU B 374 20.15 -29.73 8.63
N SER B 375 18.97 -29.26 9.03
CA SER B 375 17.86 -29.16 8.12
C SER B 375 17.46 -27.73 7.73
N THR B 376 17.86 -26.73 8.50
CA THR B 376 17.53 -25.32 8.24
C THR B 376 18.80 -24.49 8.24
N ILE B 377 19.05 -23.81 7.12
CA ILE B 377 20.10 -22.77 7.02
C ILE B 377 19.38 -21.44 6.72
N ASN B 378 19.49 -20.50 7.63
CA ASN B 378 18.80 -19.23 7.48
C ASN B 378 19.78 -18.14 7.20
N LEU B 379 19.82 -17.68 5.95
CA LEU B 379 20.75 -16.62 5.52
C LEU B 379 19.98 -15.38 5.03
N GLY B 380 18.81 -15.16 5.61
CA GLY B 380 18.02 -13.96 5.37
C GLY B 380 18.77 -12.69 5.70
N ILE B 381 18.58 -11.67 4.84
CA ILE B 381 19.09 -10.34 5.10
C ILE B 381 20.60 -10.30 5.28
N ASN B 382 21.30 -10.89 4.34
CA ASN B 382 22.72 -10.69 4.24
C ASN B 382 23.20 -9.87 3.03
N PHE B 383 22.29 -9.57 2.11
CA PHE B 383 22.59 -8.79 0.92
C PHE B 383 23.69 -9.43 0.09
N ILE B 384 23.64 -10.74 0.04
CA ILE B 384 24.63 -11.53 -0.68
C ILE B 384 24.39 -11.39 -2.17
N LYS B 385 25.42 -11.00 -2.91
CA LYS B 385 25.32 -10.80 -4.37
C LYS B 385 25.43 -12.04 -5.14
N GLN B 386 26.22 -12.95 -4.64
CA GLN B 386 26.47 -14.16 -5.41
C GLN B 386 26.66 -15.39 -4.51
N ILE B 387 26.06 -16.47 -4.91
CA ILE B 387 26.18 -17.70 -4.16
C ILE B 387 26.55 -18.77 -5.10
N ASP B 388 27.46 -19.63 -4.68
CA ASP B 388 27.81 -20.82 -5.40
C ASP B 388 26.76 -21.88 -5.05
N PHE B 389 25.64 -21.86 -5.76
CA PHE B 389 24.47 -22.68 -5.40
C PHE B 389 24.71 -24.20 -5.23
N LYS B 390 25.66 -24.76 -5.97
CA LYS B 390 25.89 -26.21 -5.95
C LYS B 390 26.29 -26.68 -4.56
N LEU B 391 26.89 -25.80 -3.76
CA LEU B 391 27.24 -26.14 -2.38
C LEU B 391 26.06 -26.74 -1.58
N PHE B 392 24.83 -26.40 -1.93
CA PHE B 392 23.66 -26.92 -1.23
C PHE B 392 23.36 -28.38 -1.63
N GLN B 393 24.04 -28.91 -2.63
CA GLN B 393 23.90 -30.33 -2.96
C GLN B 393 24.70 -31.22 -1.97
N ASN B 394 25.80 -30.69 -1.42
CA ASN B 394 26.66 -31.44 -0.51
C ASN B 394 26.10 -31.45 0.93
N PHE B 395 24.77 -31.47 1.09
CA PHE B 395 24.16 -31.55 2.45
C PHE B 395 23.30 -32.78 2.41
N SER B 396 23.23 -33.50 3.52
CA SER B 396 22.43 -34.73 3.48
C SER B 396 20.93 -34.51 3.80
N ASN B 397 20.61 -33.54 4.64
CA ASN B 397 19.27 -33.42 5.18
C ASN B 397 18.65 -32.00 5.10
N LEU B 398 19.18 -31.09 4.28
CA LEU B 398 18.61 -29.72 4.18
C LEU B 398 17.19 -29.79 3.69
N GLU B 399 16.27 -29.22 4.46
CA GLU B 399 14.87 -29.09 4.01
C GLU B 399 14.50 -27.59 3.78
N ILE B 400 15.23 -26.66 4.40
CA ILE B 400 14.89 -25.22 4.34
C ILE B 400 16.09 -24.38 4.12
N ILE B 401 16.14 -23.76 2.95
CA ILE B 401 17.19 -22.82 2.60
C ILE B 401 16.50 -21.46 2.47
N TYR B 402 16.77 -20.56 3.40
CA TYR B 402 16.09 -19.32 3.50
C TYR B 402 17.02 -18.20 3.11
N LEU B 403 16.77 -17.61 1.92
CA LEU B 403 17.69 -16.65 1.31
C LEU B 403 16.99 -15.32 0.94
N SER B 404 15.91 -15.01 1.63
CA SER B 404 15.21 -13.74 1.49
C SER B 404 16.06 -12.52 1.84
N GLU B 405 15.87 -11.44 1.13
CA GLU B 405 16.61 -10.19 1.34
C GLU B 405 18.12 -10.35 1.20
N ASN B 406 18.48 -11.05 0.16
CA ASN B 406 19.82 -10.99 -0.38
C ASN B 406 19.75 -10.28 -1.75
N ARG B 407 20.80 -10.39 -2.57
CA ARG B 407 20.92 -9.64 -3.78
C ARG B 407 21.33 -10.48 -4.89
N ILE B 408 20.79 -11.69 -4.92
CA ILE B 408 20.98 -12.58 -6.06
C ILE B 408 20.37 -11.96 -7.33
N SER B 409 21.10 -12.08 -8.45
CA SER B 409 20.74 -11.52 -9.76
C SER B 409 20.39 -12.59 -10.77
N PRO B 410 19.92 -12.20 -11.96
CA PRO B 410 19.73 -13.19 -13.00
C PRO B 410 21.06 -13.83 -13.42
N LEU B 411 21.08 -15.17 -13.45
CA LEU B 411 22.26 -15.98 -13.76
C LEU B 411 22.33 -16.30 -15.23
N VAL B 412 23.31 -15.71 -15.89
CA VAL B 412 23.47 -15.87 -17.33
C VAL B 412 24.71 -16.65 -17.74
N LYS B 413 25.78 -16.62 -16.95
CA LYS B 413 26.92 -17.49 -17.23
C LYS B 413 26.84 -18.79 -16.40
N PHE B 439 4.09 -4.11 20.84
CA PHE B 439 4.87 -5.22 21.40
C PHE B 439 3.93 -6.13 22.19
N ASP B 440 4.51 -7.14 22.82
CA ASP B 440 3.77 -8.15 23.54
C ASP B 440 4.77 -8.73 24.55
N PRO B 441 4.44 -8.71 25.86
CA PRO B 441 5.35 -9.33 26.85
C PRO B 441 5.53 -10.86 26.75
N HIS B 442 4.52 -11.55 26.20
CA HIS B 442 4.59 -12.99 25.92
C HIS B 442 5.04 -13.31 24.47
N SER B 443 5.68 -12.33 23.81
CA SER B 443 6.36 -12.50 22.50
C SER B 443 7.86 -12.48 22.69
N ASN B 444 8.53 -13.16 21.79
CA ASN B 444 9.97 -13.14 21.70
C ASN B 444 10.39 -11.78 21.15
N PHE B 445 11.08 -10.99 21.97
CA PHE B 445 11.51 -9.61 21.69
C PHE B 445 12.70 -9.57 20.71
N TYR B 446 13.39 -10.70 20.50
CA TYR B 446 14.56 -10.79 19.57
C TYR B 446 14.27 -11.80 18.42
N HIS B 447 13.92 -13.04 18.81
CA HIS B 447 13.99 -14.25 17.92
C HIS B 447 12.62 -14.86 17.41
N PHE B 448 12.35 -14.66 16.12
CA PHE B 448 11.30 -15.36 15.29
C PHE B 448 9.83 -15.26 15.70
N THR B 449 9.22 -16.39 16.11
CA THR B 449 7.80 -16.49 16.42
C THR B 449 6.97 -17.01 15.24
N ARG B 450 7.55 -17.07 14.04
CA ARG B 450 6.81 -17.55 12.85
C ARG B 450 7.70 -18.48 12.04
N PRO B 451 7.09 -19.47 11.35
CA PRO B 451 8.03 -20.27 10.56
C PRO B 451 8.64 -19.48 9.39
N LEU B 452 9.86 -19.85 9.02
CA LEU B 452 10.57 -19.19 7.95
C LEU B 452 9.81 -19.25 6.64
N ILE B 453 9.19 -20.37 6.36
CA ILE B 453 8.54 -20.55 5.11
C ILE B 453 7.16 -21.00 5.49
N LYS B 454 6.16 -20.66 4.69
CA LYS B 454 4.81 -21.12 4.98
C LYS B 454 4.77 -22.65 5.06
N PRO B 455 4.17 -23.20 6.12
CA PRO B 455 4.18 -24.67 6.28
C PRO B 455 3.52 -25.38 5.13
N GLN B 456 2.51 -24.77 4.52
CA GLN B 456 1.88 -25.40 3.40
C GLN B 456 2.80 -25.57 2.19
N CYS B 457 3.86 -24.78 2.11
CA CYS B 457 4.79 -24.89 1.02
C CYS B 457 5.88 -25.87 1.42
N ALA B 458 6.39 -25.70 2.61
CA ALA B 458 7.49 -26.53 3.06
C ALA B 458 7.10 -27.98 3.20
N ALA B 459 5.81 -28.23 3.40
CA ALA B 459 5.35 -29.61 3.61
C ALA B 459 5.62 -30.45 2.40
N TYR B 460 5.75 -29.83 1.24
CA TYR B 460 5.97 -30.59 0.01
C TYR B 460 7.37 -31.16 -0.11
N GLY B 461 8.30 -30.64 0.66
CA GLY B 461 9.70 -31.13 0.58
C GLY B 461 10.64 -29.91 0.61
N LYS B 462 11.83 -30.07 0.08
CA LYS B 462 12.89 -29.11 0.10
C LYS B 462 12.41 -27.72 -0.40
N ALA B 463 12.64 -26.73 0.43
CA ALA B 463 12.16 -25.39 0.24
C ALA B 463 13.34 -24.42 0.12
N LEU B 464 13.22 -23.56 -0.87
CA LEU B 464 14.19 -22.51 -1.17
C LEU B 464 13.39 -21.18 -1.27
N ASP B 465 13.82 -20.19 -0.50
CA ASP B 465 13.17 -18.87 -0.48
C ASP B 465 14.16 -17.84 -0.98
N LEU B 466 13.92 -17.34 -2.18
CA LEU B 466 14.70 -16.28 -2.79
C LEU B 466 13.85 -15.00 -3.01
N SER B 467 12.88 -14.80 -2.16
CA SER B 467 12.05 -13.61 -2.22
C SER B 467 12.88 -12.38 -1.93
N LEU B 468 12.45 -11.25 -2.49
CA LEU B 468 13.10 -9.95 -2.24
C LEU B 468 14.63 -9.98 -2.50
N ASN B 469 14.98 -10.55 -3.63
CA ASN B 469 16.36 -10.52 -4.10
C ASN B 469 16.40 -9.57 -5.29
N SER B 470 17.24 -9.80 -6.28
CA SER B 470 17.34 -8.91 -7.38
C SER B 470 17.20 -9.67 -8.67
N ILE B 471 16.28 -10.63 -8.67
CA ILE B 471 16.14 -11.51 -9.82
C ILE B 471 15.06 -10.91 -10.73
N PHE B 472 15.45 -9.90 -11.50
CA PHE B 472 14.47 -9.15 -12.31
C PHE B 472 14.03 -9.84 -13.59
N PHE B 473 14.74 -10.89 -13.96
CA PHE B 473 14.21 -11.92 -14.84
C PHE B 473 14.90 -13.23 -14.45
N ILE B 474 14.39 -14.35 -14.98
CA ILE B 474 14.94 -15.66 -14.64
C ILE B 474 16.01 -16.01 -15.65
N GLY B 475 17.26 -16.04 -15.24
CA GLY B 475 18.35 -16.29 -16.15
C GLY B 475 18.36 -17.75 -16.53
N PRO B 476 18.98 -18.09 -17.67
CA PRO B 476 18.91 -19.47 -18.12
C PRO B 476 19.67 -20.38 -17.20
N ASN B 477 20.59 -19.86 -16.41
CA ASN B 477 21.26 -20.67 -15.42
C ASN B 477 20.74 -20.53 -13.99
N GLN B 478 19.59 -19.91 -13.81
CA GLN B 478 19.17 -19.50 -12.46
C GLN B 478 19.13 -20.61 -11.47
N PHE B 479 18.67 -21.77 -11.90
CA PHE B 479 18.46 -22.91 -11.02
C PHE B 479 19.39 -24.11 -11.23
N GLU B 480 20.36 -23.96 -12.11
CA GLU B 480 21.20 -25.05 -12.59
C GLU B 480 21.80 -25.96 -11.53
N ASN B 481 22.33 -25.40 -10.47
CA ASN B 481 23.06 -26.20 -9.54
C ASN B 481 22.30 -26.53 -8.25
N LEU B 482 20.98 -26.54 -8.33
CA LEU B 482 20.20 -26.72 -7.12
C LEU B 482 19.88 -28.16 -6.86
N PRO B 483 19.70 -28.52 -5.58
CA PRO B 483 19.06 -29.80 -5.37
C PRO B 483 17.60 -29.76 -5.81
N ASP B 484 16.96 -30.89 -5.65
CA ASP B 484 15.61 -31.06 -6.08
C ASP B 484 14.64 -30.27 -5.16
N ILE B 485 14.21 -29.11 -5.64
CA ILE B 485 13.35 -28.20 -4.90
C ILE B 485 11.90 -28.56 -5.13
N ALA B 486 11.15 -28.65 -4.03
CA ALA B 486 9.70 -28.90 -4.06
C ALA B 486 8.87 -27.63 -3.80
N CYS B 487 9.46 -26.69 -3.06
CA CYS B 487 8.78 -25.43 -2.64
C CYS B 487 9.73 -24.30 -2.93
N LEU B 488 9.28 -23.35 -3.73
CA LEU B 488 10.12 -22.26 -4.19
C LEU B 488 9.41 -20.92 -4.06
N ASN B 489 10.06 -19.97 -3.41
CA ASN B 489 9.54 -18.62 -3.27
C ASN B 489 10.38 -17.61 -4.05
N LEU B 490 9.77 -17.01 -5.05
CA LEU B 490 10.42 -15.94 -5.85
C LEU B 490 9.66 -14.62 -5.71
N SER B 491 8.90 -14.50 -4.67
CA SER B 491 8.13 -13.30 -4.41
C SER B 491 8.93 -11.99 -4.47
N ALA B 492 8.33 -10.99 -5.07
CA ALA B 492 8.88 -9.62 -4.92
C ALA B 492 10.32 -9.49 -5.35
N ASN B 493 10.59 -9.92 -6.57
CA ASN B 493 11.90 -9.68 -7.19
C ASN B 493 11.81 -8.73 -8.41
N SER B 494 10.73 -7.99 -8.56
CA SER B 494 10.49 -7.17 -9.74
C SER B 494 10.72 -7.97 -11.01
N ASN B 495 10.28 -9.22 -10.98
CA ASN B 495 10.57 -10.16 -12.04
C ASN B 495 9.64 -10.10 -13.24
N ALA B 496 10.23 -9.85 -14.41
CA ALA B 496 9.45 -9.54 -15.62
C ALA B 496 9.55 -10.62 -16.68
N GLN B 497 9.89 -11.84 -16.28
CA GLN B 497 10.06 -12.94 -17.20
C GLN B 497 8.83 -13.22 -18.05
N VAL B 498 9.04 -13.34 -19.35
CA VAL B 498 8.07 -13.89 -20.29
C VAL B 498 8.23 -15.42 -20.24
N LEU B 499 7.30 -16.03 -19.51
CA LEU B 499 7.34 -17.46 -19.22
C LEU B 499 6.99 -18.18 -20.48
N SER B 500 7.84 -19.13 -20.80
CA SER B 500 7.84 -19.81 -22.09
C SER B 500 8.02 -21.33 -22.00
N GLY B 501 8.13 -21.90 -20.81
CA GLY B 501 8.08 -23.37 -20.65
C GLY B 501 9.43 -24.00 -20.41
N THR B 502 10.45 -23.18 -20.20
CA THR B 502 11.81 -23.72 -20.06
C THR B 502 12.57 -23.22 -18.85
N GLU B 503 12.06 -22.17 -18.19
CA GLU B 503 12.87 -21.48 -17.21
C GLU B 503 13.00 -22.33 -15.96
N PHE B 504 12.03 -23.21 -15.69
CA PHE B 504 12.12 -24.07 -14.49
C PHE B 504 12.55 -25.56 -14.70
N SER B 505 13.13 -25.87 -15.86
CA SER B 505 13.35 -27.30 -16.24
C SER B 505 14.46 -27.98 -15.44
N ALA B 506 15.31 -27.20 -14.81
CA ALA B 506 16.37 -27.77 -14.00
C ALA B 506 15.91 -28.15 -12.60
N ILE B 507 14.72 -27.67 -12.22
CA ILE B 507 14.08 -28.04 -10.92
C ILE B 507 12.63 -28.34 -11.25
N PRO B 508 12.42 -29.40 -12.03
CA PRO B 508 11.10 -29.68 -12.53
C PRO B 508 10.14 -30.31 -11.52
N HIS B 509 10.60 -30.59 -10.31
CA HIS B 509 9.68 -31.21 -9.33
C HIS B 509 9.05 -30.23 -8.31
N VAL B 510 9.05 -28.94 -8.62
CA VAL B 510 8.44 -27.94 -7.77
C VAL B 510 6.95 -28.18 -7.72
N LYS B 511 6.40 -28.21 -6.51
CA LYS B 511 4.95 -28.40 -6.31
C LYS B 511 4.24 -27.17 -5.81
N TYR B 512 4.96 -26.28 -5.13
CA TYR B 512 4.42 -25.03 -4.60
C TYR B 512 5.34 -23.90 -5.04
N LEU B 513 4.80 -23.01 -5.86
CA LEU B 513 5.56 -21.95 -6.44
C LEU B 513 4.90 -20.59 -6.09
N ASP B 514 5.63 -19.76 -5.38
CA ASP B 514 5.15 -18.42 -5.01
C ASP B 514 5.83 -17.39 -5.89
N LEU B 515 5.05 -16.76 -6.75
CA LEU B 515 5.56 -15.79 -7.70
C LEU B 515 5.00 -14.40 -7.43
N THR B 516 4.41 -14.22 -6.25
CA THR B 516 3.63 -13.04 -5.94
C THR B 516 4.43 -11.76 -6.10
N ASN B 517 3.74 -10.66 -6.40
CA ASN B 517 4.40 -9.37 -6.37
C ASN B 517 5.54 -9.25 -7.34
N ASN B 518 5.32 -9.77 -8.53
CA ASN B 518 6.26 -9.63 -9.60
C ASN B 518 5.59 -8.99 -10.82
N ARG B 519 6.25 -9.06 -11.98
CA ARG B 519 5.71 -8.44 -13.21
C ARG B 519 5.76 -9.40 -14.36
N LEU B 520 5.27 -10.60 -14.12
CA LEU B 520 5.44 -11.71 -15.03
C LEU B 520 4.47 -11.68 -16.17
N ASP B 521 4.93 -12.22 -17.30
CA ASP B 521 4.07 -12.43 -18.43
C ASP B 521 3.86 -13.92 -18.58
N PHE B 522 2.61 -14.36 -18.46
CA PHE B 522 2.21 -15.75 -18.60
C PHE B 522 1.17 -15.91 -19.73
N ASP B 523 1.46 -15.25 -20.85
CA ASP B 523 0.60 -15.21 -22.04
C ASP B 523 0.80 -16.46 -22.91
N ASN B 524 2.05 -16.90 -23.03
CA ASN B 524 2.33 -18.12 -23.70
C ASN B 524 1.63 -19.29 -22.94
N ALA B 525 0.87 -20.12 -23.67
CA ALA B 525 0.17 -21.27 -23.10
C ALA B 525 1.14 -22.27 -22.57
N SER B 526 2.41 -22.14 -22.96
CA SER B 526 3.45 -22.97 -22.42
C SER B 526 3.96 -22.56 -21.04
N ALA B 527 3.57 -21.38 -20.57
CA ALA B 527 4.10 -20.84 -19.29
C ALA B 527 4.03 -21.88 -18.17
N LEU B 528 5.16 -22.14 -17.53
CA LEU B 528 5.24 -23.02 -16.35
C LEU B 528 4.90 -24.49 -16.56
N THR B 529 4.63 -24.91 -17.78
CA THR B 529 4.18 -26.30 -18.02
C THR B 529 5.31 -27.30 -17.83
N GLU B 530 6.54 -26.84 -17.84
CA GLU B 530 7.61 -27.72 -17.49
C GLU B 530 7.52 -28.22 -16.03
N LEU B 531 6.66 -27.60 -15.23
CA LEU B 531 6.49 -28.01 -13.79
C LEU B 531 5.26 -28.91 -13.72
N SER B 532 5.44 -30.10 -14.28
CA SER B 532 4.30 -30.96 -14.57
C SER B 532 3.68 -31.45 -13.28
N ASP B 533 4.43 -31.47 -12.18
CA ASP B 533 3.85 -31.80 -10.86
C ASP B 533 3.30 -30.65 -10.01
N LEU B 534 3.22 -29.45 -10.58
CA LEU B 534 2.76 -28.24 -9.83
C LEU B 534 1.40 -28.39 -9.24
N GLU B 535 1.33 -28.19 -7.92
CA GLU B 535 0.06 -28.25 -7.21
C GLU B 535 -0.43 -26.88 -6.77
N VAL B 536 0.45 -25.99 -6.35
CA VAL B 536 0.01 -24.69 -5.87
C VAL B 536 0.78 -23.58 -6.55
N LEU B 537 0.06 -22.62 -7.11
CA LEU B 537 0.65 -21.53 -7.84
C LEU B 537 0.07 -20.21 -7.35
N ASP B 538 0.92 -19.36 -6.79
CA ASP B 538 0.47 -18.04 -6.29
C ASP B 538 1.01 -16.92 -7.18
N LEU B 539 0.11 -16.25 -7.89
CA LEU B 539 0.44 -15.13 -8.76
C LEU B 539 -0.17 -13.82 -8.25
N SER B 540 -0.56 -13.77 -6.97
CA SER B 540 -1.10 -12.53 -6.38
C SER B 540 -0.21 -11.31 -6.70
N TYR B 541 -0.87 -10.19 -6.99
CA TYR B 541 -0.26 -8.91 -7.21
C TYR B 541 0.75 -8.92 -8.31
N ASN B 542 0.45 -9.61 -9.39
CA ASN B 542 1.28 -9.49 -10.55
C ASN B 542 0.78 -8.38 -11.49
N SER B 543 1.67 -7.60 -12.06
CA SER B 543 1.26 -6.55 -13.00
C SER B 543 2.39 -6.28 -13.98
N HIS B 544 2.18 -5.40 -14.93
CA HIS B 544 3.25 -5.10 -15.88
C HIS B 544 4.15 -3.98 -15.35
N TYR B 545 5.42 -3.94 -15.76
CA TYR B 545 6.28 -2.70 -15.73
C TYR B 545 5.55 -1.54 -16.45
N VAL B 551 -3.47 -3.87 -19.86
CA VAL B 551 -2.81 -5.17 -19.89
C VAL B 551 -3.82 -6.31 -20.05
N THR B 552 -3.64 -7.13 -21.09
CA THR B 552 -4.52 -8.27 -21.40
C THR B 552 -3.94 -9.59 -20.91
N HIS B 553 -4.80 -10.60 -20.78
CA HIS B 553 -4.37 -11.92 -20.27
C HIS B 553 -4.80 -13.08 -21.15
N HIS B 554 -4.02 -14.16 -21.06
CA HIS B 554 -4.29 -15.38 -21.75
C HIS B 554 -4.01 -16.44 -20.71
N LEU B 555 -5.06 -17.16 -20.30
CA LEU B 555 -4.96 -18.10 -19.21
C LEU B 555 -4.97 -19.53 -19.64
N GLU B 556 -4.73 -19.73 -20.92
CA GLU B 556 -4.72 -21.06 -21.49
C GLU B 556 -3.71 -21.98 -20.75
N PHE B 557 -2.60 -21.44 -20.22
CA PHE B 557 -1.56 -22.28 -19.56
C PHE B 557 -2.14 -23.19 -18.48
N ILE B 558 -3.23 -22.78 -17.87
CA ILE B 558 -3.76 -23.50 -16.74
C ILE B 558 -4.14 -24.92 -17.08
N GLN B 559 -4.72 -25.15 -18.24
CA GLN B 559 -5.23 -26.45 -18.58
C GLN B 559 -4.19 -27.53 -18.62
N ASN B 560 -2.97 -27.19 -18.95
CA ASN B 560 -1.94 -28.19 -19.17
C ASN B 560 -1.59 -29.03 -17.93
N PHE B 561 -1.83 -28.50 -16.73
CA PHE B 561 -1.43 -29.18 -15.48
C PHE B 561 -2.37 -30.32 -15.05
N THR B 562 -1.80 -31.47 -14.74
CA THR B 562 -2.63 -32.58 -14.39
C THR B 562 -2.92 -32.56 -12.88
N ASN B 563 -2.05 -31.95 -12.09
CA ASN B 563 -2.15 -32.02 -10.64
C ASN B 563 -2.34 -30.63 -9.99
N LEU B 564 -2.74 -29.60 -10.73
CA LEU B 564 -2.82 -28.27 -10.13
C LEU B 564 -4.07 -28.12 -9.27
N LYS B 565 -3.87 -27.80 -8.01
CA LYS B 565 -4.93 -27.77 -7.01
C LYS B 565 -5.39 -26.37 -6.65
N VAL B 566 -4.43 -25.47 -6.45
CA VAL B 566 -4.73 -24.13 -5.92
C VAL B 566 -4.08 -23.04 -6.79
N LEU B 567 -4.88 -22.13 -7.32
CA LEU B 567 -4.34 -21.05 -8.14
C LEU B 567 -4.80 -19.74 -7.57
N ASN B 568 -3.85 -18.86 -7.30
CA ASN B 568 -4.22 -17.55 -6.77
C ASN B 568 -3.86 -16.46 -7.78
N LEU B 569 -4.91 -15.88 -8.36
CA LEU B 569 -4.82 -14.78 -9.30
C LEU B 569 -5.25 -13.40 -8.71
N SER B 570 -5.20 -13.24 -7.41
CA SER B 570 -5.71 -12.03 -6.81
C SER B 570 -4.95 -10.76 -7.21
N HIS B 571 -5.70 -9.68 -7.32
CA HIS B 571 -5.17 -8.38 -7.67
C HIS B 571 -4.27 -8.39 -8.85
N ASN B 572 -4.68 -9.10 -9.89
CA ASN B 572 -4.02 -9.07 -11.18
C ASN B 572 -4.73 -8.13 -12.14
N ASN B 573 -5.77 -7.48 -11.68
CA ASN B 573 -6.50 -6.57 -12.50
C ASN B 573 -6.94 -7.15 -13.83
N ILE B 574 -7.39 -8.38 -13.81
CA ILE B 574 -7.84 -9.02 -15.03
C ILE B 574 -9.22 -8.44 -15.46
N TYR B 575 -9.26 -7.91 -16.68
CA TYR B 575 -10.48 -7.31 -17.25
C TYR B 575 -10.81 -7.80 -18.66
N THR B 576 -9.90 -8.52 -19.29
CA THR B 576 -10.15 -9.08 -20.60
C THR B 576 -9.18 -10.20 -20.88
N LEU B 577 -9.68 -11.25 -21.53
CA LEU B 577 -8.88 -12.36 -21.98
C LEU B 577 -8.80 -12.39 -23.50
N THR B 578 -7.69 -12.86 -24.03
CA THR B 578 -7.48 -12.88 -25.47
C THR B 578 -7.65 -14.26 -26.05
N ASP B 579 -8.47 -14.34 -27.09
CA ASP B 579 -8.60 -15.55 -27.92
C ASP B 579 -9.36 -16.66 -27.18
N LYS B 580 -8.83 -17.08 -26.02
CA LYS B 580 -9.53 -18.04 -25.14
C LYS B 580 -10.25 -17.28 -24.05
N TYR B 581 -11.51 -17.59 -23.84
CA TYR B 581 -12.32 -16.86 -22.88
C TYR B 581 -12.71 -17.75 -21.70
N ASN B 582 -12.10 -18.92 -21.60
CA ASN B 582 -12.57 -19.96 -20.71
C ASN B 582 -11.43 -20.57 -19.97
N LEU B 583 -11.54 -20.61 -18.65
CA LEU B 583 -10.56 -21.29 -17.83
C LEU B 583 -10.93 -22.72 -17.77
N GLU B 584 -9.94 -23.60 -17.92
CA GLU B 584 -10.20 -25.00 -17.90
C GLU B 584 -9.21 -25.80 -17.08
N SER B 585 -9.71 -26.76 -16.32
CA SER B 585 -8.86 -27.66 -15.53
C SER B 585 -9.70 -28.76 -14.94
N LYS B 586 -9.17 -29.96 -14.99
CA LYS B 586 -9.85 -31.11 -14.41
C LYS B 586 -9.43 -31.31 -12.96
N SER B 587 -8.30 -30.73 -12.56
CA SER B 587 -7.73 -30.93 -11.24
C SER B 587 -8.05 -29.79 -10.26
N LEU B 588 -8.25 -28.58 -10.75
CA LEU B 588 -8.19 -27.39 -9.89
C LEU B 588 -9.31 -27.37 -8.86
N VAL B 589 -8.92 -27.25 -7.61
CA VAL B 589 -9.87 -27.27 -6.48
C VAL B 589 -10.20 -25.83 -6.01
N GLU B 590 -9.22 -24.93 -6.07
CA GLU B 590 -9.37 -23.62 -5.48
C GLU B 590 -8.88 -22.56 -6.40
N LEU B 591 -9.78 -21.63 -6.78
CA LEU B 591 -9.42 -20.41 -7.53
C LEU B 591 -9.68 -19.15 -6.68
N VAL B 592 -8.62 -18.38 -6.45
CA VAL B 592 -8.78 -17.06 -5.85
C VAL B 592 -8.70 -16.00 -6.96
N PHE B 593 -9.77 -15.22 -7.12
CA PHE B 593 -9.90 -14.31 -8.21
C PHE B 593 -10.24 -12.92 -7.73
N SER B 594 -9.96 -12.67 -6.46
CA SER B 594 -10.33 -11.43 -5.86
C SER B 594 -9.51 -10.32 -6.48
N GLY B 595 -10.07 -9.12 -6.49
CA GLY B 595 -9.32 -7.95 -6.98
C GLY B 595 -9.03 -7.96 -8.45
N ASN B 596 -9.95 -8.48 -9.25
CA ASN B 596 -9.88 -8.36 -10.70
C ASN B 596 -11.17 -7.61 -11.18
N ARG B 597 -11.52 -7.72 -12.45
CA ARG B 597 -12.64 -6.95 -12.96
C ARG B 597 -13.69 -7.82 -13.63
N LEU B 598 -14.30 -8.72 -12.87
CA LEU B 598 -15.41 -9.51 -13.36
C LEU B 598 -16.59 -8.62 -13.74
N ASP B 599 -16.71 -7.45 -13.14
CA ASP B 599 -17.72 -6.46 -13.56
C ASP B 599 -17.58 -6.13 -15.07
N ILE B 600 -16.36 -5.93 -15.53
CA ILE B 600 -16.10 -5.66 -16.94
C ILE B 600 -16.28 -6.92 -17.73
N LEU B 601 -15.73 -8.04 -17.24
CA LEU B 601 -15.75 -9.29 -17.99
C LEU B 601 -17.18 -9.76 -18.27
N TRP B 602 -18.06 -9.65 -17.26
CA TRP B 602 -19.47 -10.08 -17.34
C TRP B 602 -20.47 -9.05 -17.93
N ASN B 603 -20.04 -7.82 -18.15
CA ASN B 603 -20.80 -6.85 -18.96
C ASN B 603 -20.31 -6.76 -20.40
N ASP B 604 -19.54 -7.77 -20.82
CA ASP B 604 -19.16 -7.91 -22.21
C ASP B 604 -20.38 -7.95 -23.11
N ASP B 605 -20.37 -7.12 -24.14
CA ASP B 605 -21.54 -6.97 -25.02
C ASP B 605 -21.85 -8.29 -25.75
N ASP B 606 -20.81 -9.03 -26.14
CA ASP B 606 -20.98 -10.35 -26.77
C ASP B 606 -21.15 -11.54 -25.82
N ASN B 607 -21.28 -11.30 -24.52
CA ASN B 607 -21.32 -12.39 -23.55
C ASN B 607 -20.21 -13.46 -23.75
N ARG B 608 -19.02 -13.00 -24.10
CA ARG B 608 -17.85 -13.90 -24.31
C ARG B 608 -17.44 -14.69 -23.05
N TYR B 609 -17.72 -14.16 -21.86
CA TYR B 609 -17.21 -14.72 -20.61
C TYR B 609 -18.29 -15.29 -19.72
N ILE B 610 -19.49 -15.50 -20.24
CA ILE B 610 -20.56 -16.19 -19.46
C ILE B 610 -20.15 -17.59 -18.97
N SER B 611 -19.05 -18.15 -19.46
CA SER B 611 -18.62 -19.46 -18.99
C SER B 611 -17.21 -19.47 -18.43
N ILE B 612 -16.72 -18.36 -17.97
CA ILE B 612 -15.31 -18.22 -17.79
C ILE B 612 -14.73 -19.33 -16.91
N PHE B 613 -15.46 -19.75 -15.90
CA PHE B 613 -15.08 -20.75 -14.89
C PHE B 613 -15.70 -22.15 -15.02
N LYS B 614 -16.68 -22.29 -15.90
CA LYS B 614 -17.46 -23.56 -16.01
C LYS B 614 -16.56 -24.74 -16.24
N GLY B 615 -15.46 -24.53 -16.98
CA GLY B 615 -14.50 -25.62 -17.27
C GLY B 615 -13.54 -26.02 -16.13
N LEU B 616 -13.70 -25.41 -14.95
CA LEU B 616 -12.99 -25.90 -13.76
C LEU B 616 -13.88 -26.94 -13.10
N LYS B 617 -13.77 -28.17 -13.57
CA LYS B 617 -14.75 -29.19 -13.27
C LYS B 617 -14.60 -29.77 -11.86
N ASN B 618 -13.44 -29.60 -11.24
CA ASN B 618 -13.23 -30.10 -9.91
C ASN B 618 -13.29 -28.94 -8.86
N LEU B 619 -13.77 -27.75 -9.23
CA LEU B 619 -13.66 -26.57 -8.35
C LEU B 619 -14.57 -26.61 -7.15
N THR B 620 -13.99 -26.55 -5.95
CA THR B 620 -14.83 -26.44 -4.74
C THR B 620 -14.82 -25.09 -4.05
N ARG B 621 -13.74 -24.33 -4.16
CA ARG B 621 -13.66 -23.03 -3.50
C ARG B 621 -13.36 -21.95 -4.49
N LEU B 622 -14.24 -20.95 -4.58
CA LEU B 622 -14.06 -19.83 -5.50
C LEU B 622 -14.24 -18.49 -4.75
N ASP B 623 -13.25 -17.62 -4.91
CA ASP B 623 -13.23 -16.28 -4.31
C ASP B 623 -13.37 -15.21 -5.38
N LEU B 624 -14.52 -14.54 -5.37
CA LEU B 624 -14.80 -13.45 -6.30
C LEU B 624 -14.89 -12.08 -5.58
N SER B 625 -14.35 -12.02 -4.39
CA SER B 625 -14.37 -10.76 -3.64
C SER B 625 -13.68 -9.64 -4.43
N LEU B 626 -14.04 -8.39 -4.15
CA LEU B 626 -13.32 -7.22 -4.66
C LEU B 626 -13.24 -7.21 -6.17
N ASN B 627 -14.34 -7.54 -6.81
CA ASN B 627 -14.42 -7.48 -8.25
C ASN B 627 -15.37 -6.39 -8.74
N ARG B 628 -15.82 -5.51 -7.85
CA ARG B 628 -16.67 -4.37 -8.23
C ARG B 628 -17.99 -4.82 -8.88
N LEU B 629 -18.51 -5.93 -8.39
CA LEU B 629 -19.70 -6.47 -9.00
C LEU B 629 -20.94 -5.80 -8.42
N LYS B 630 -21.76 -5.33 -9.36
CA LYS B 630 -23.05 -4.72 -9.10
C LYS B 630 -24.17 -5.73 -9.36
N HIS B 631 -24.03 -6.49 -10.44
CA HIS B 631 -25.04 -7.44 -10.86
C HIS B 631 -24.36 -8.59 -11.59
N ILE B 632 -24.58 -9.82 -11.13
CA ILE B 632 -24.12 -11.00 -11.87
C ILE B 632 -25.24 -11.49 -12.81
N PRO B 633 -25.03 -11.45 -14.13
CA PRO B 633 -26.07 -11.97 -15.01
C PRO B 633 -26.45 -13.37 -14.61
N ASN B 634 -27.75 -13.68 -14.68
CA ASN B 634 -28.28 -14.95 -14.19
C ASN B 634 -27.59 -16.17 -14.77
N GLU B 635 -27.29 -16.17 -16.06
CA GLU B 635 -26.72 -17.40 -16.65
C GLU B 635 -25.22 -17.48 -16.41
N ALA B 636 -24.59 -16.36 -16.09
CA ALA B 636 -23.17 -16.37 -15.71
C ALA B 636 -23.07 -16.99 -14.33
N PHE B 637 -24.00 -16.66 -13.44
CA PHE B 637 -24.08 -17.34 -12.16
C PHE B 637 -24.29 -18.86 -12.34
N LEU B 638 -25.18 -19.26 -13.26
CA LEU B 638 -25.55 -20.68 -13.45
C LEU B 638 -24.43 -21.53 -14.07
N ASN B 639 -23.52 -20.83 -14.74
CA ASN B 639 -22.29 -21.41 -15.29
C ASN B 639 -21.04 -21.48 -14.38
N LEU B 640 -21.19 -21.09 -13.11
CA LEU B 640 -20.17 -21.38 -12.11
C LEU B 640 -20.26 -22.89 -11.82
N PRO B 641 -19.13 -23.52 -11.45
CA PRO B 641 -19.10 -24.96 -11.37
C PRO B 641 -20.05 -25.48 -10.33
N ALA B 642 -20.74 -26.52 -10.71
CA ALA B 642 -21.78 -27.07 -9.86
C ALA B 642 -21.14 -27.84 -8.73
N SER B 643 -19.87 -28.15 -8.86
CA SER B 643 -19.12 -28.75 -7.76
C SER B 643 -18.84 -27.76 -6.58
N LEU B 644 -19.13 -26.49 -6.69
CA LEU B 644 -18.75 -25.54 -5.60
C LEU B 644 -19.36 -25.84 -4.25
N THR B 645 -18.48 -25.73 -3.28
CA THR B 645 -18.74 -25.90 -1.83
C THR B 645 -18.66 -24.55 -1.05
N GLU B 646 -17.88 -23.59 -1.56
CA GLU B 646 -17.53 -22.36 -0.83
C GLU B 646 -17.41 -21.27 -1.87
N LEU B 647 -18.33 -20.31 -1.84
CA LEU B 647 -18.36 -19.25 -2.80
C LEU B 647 -18.31 -17.95 -2.01
N HIS B 648 -17.30 -17.14 -2.31
CA HIS B 648 -17.15 -15.82 -1.70
C HIS B 648 -17.36 -14.74 -2.73
N ILE B 649 -18.32 -13.86 -2.45
CA ILE B 649 -18.61 -12.75 -3.33
C ILE B 649 -18.65 -11.46 -2.49
N ASN B 650 -17.91 -11.47 -1.40
CA ASN B 650 -17.89 -10.36 -0.50
C ASN B 650 -17.20 -9.14 -1.07
N ASP B 651 -17.43 -8.02 -0.41
CA ASP B 651 -16.86 -6.72 -0.84
C ASP B 651 -16.92 -6.51 -2.31
N ASN B 652 -18.14 -6.55 -2.81
CA ASN B 652 -18.49 -6.07 -4.13
C ASN B 652 -19.55 -5.00 -3.88
N MET B 653 -20.49 -4.79 -4.81
CA MET B 653 -21.54 -3.78 -4.65
C MET B 653 -22.88 -4.36 -5.02
N LEU B 654 -23.11 -5.62 -4.70
CA LEU B 654 -24.29 -6.30 -5.21
C LEU B 654 -25.55 -5.68 -4.66
N LYS B 655 -26.42 -5.34 -5.58
CA LYS B 655 -27.70 -4.69 -5.28
C LYS B 655 -28.80 -5.75 -5.13
N PHE B 656 -28.63 -6.86 -5.83
CA PHE B 656 -29.61 -7.93 -5.79
C PHE B 656 -28.92 -9.27 -5.91
N PHE B 657 -29.51 -10.29 -5.32
CA PHE B 657 -29.01 -11.66 -5.47
C PHE B 657 -30.15 -12.62 -5.76
N ASN B 658 -30.05 -13.34 -6.86
CA ASN B 658 -31.06 -14.32 -7.23
C ASN B 658 -30.94 -15.58 -6.41
N TRP B 659 -31.63 -15.62 -5.31
CA TRP B 659 -31.62 -16.80 -4.47
C TRP B 659 -32.06 -18.08 -5.18
N THR B 660 -32.91 -17.97 -6.21
CA THR B 660 -33.44 -19.20 -6.86
C THR B 660 -32.30 -20.01 -7.46
N LEU B 661 -31.21 -19.35 -7.83
CA LEU B 661 -30.13 -20.03 -8.53
C LEU B 661 -29.31 -20.96 -7.63
N LEU B 662 -29.44 -20.84 -6.30
CA LEU B 662 -28.74 -21.82 -5.45
C LEU B 662 -29.16 -23.27 -5.71
N GLN B 663 -30.32 -23.41 -6.35
CA GLN B 663 -30.86 -24.71 -6.77
C GLN B 663 -29.91 -25.41 -7.71
N GLN B 664 -29.12 -24.68 -8.49
CA GLN B 664 -28.13 -25.29 -9.34
C GLN B 664 -26.79 -25.66 -8.63
N PHE B 665 -26.74 -25.62 -7.28
CA PHE B 665 -25.50 -25.81 -6.54
C PHE B 665 -25.80 -26.65 -5.32
N PRO B 666 -26.05 -27.92 -5.56
CA PRO B 666 -26.46 -28.85 -4.55
C PRO B 666 -25.37 -29.24 -3.58
N ARG B 667 -24.12 -28.80 -3.83
CA ARG B 667 -23.06 -28.98 -2.81
C ARG B 667 -22.64 -27.73 -2.01
N LEU B 668 -23.22 -26.59 -2.32
CA LEU B 668 -22.79 -25.35 -1.67
C LEU B 668 -23.03 -25.35 -0.16
N GLU B 669 -21.96 -25.27 0.60
CA GLU B 669 -22.02 -25.23 2.06
C GLU B 669 -21.88 -23.81 2.62
N LEU B 670 -21.13 -22.96 1.93
CA LEU B 670 -20.77 -21.66 2.47
C LEU B 670 -20.98 -20.65 1.41
N LEU B 671 -21.79 -19.66 1.71
CA LEU B 671 -22.05 -18.54 0.78
C LEU B 671 -21.75 -17.24 1.50
N ASP B 672 -20.77 -16.51 1.00
CA ASP B 672 -20.26 -15.31 1.68
C ASP B 672 -20.60 -14.12 0.83
N LEU B 673 -21.52 -13.30 1.34
CA LEU B 673 -21.98 -12.12 0.63
C LEU B 673 -21.81 -10.83 1.44
N ARG B 674 -20.95 -10.86 2.44
CA ARG B 674 -20.65 -9.71 3.27
C ARG B 674 -20.23 -8.51 2.46
N GLY B 675 -20.54 -7.34 2.98
CA GLY B 675 -20.02 -6.07 2.40
C GLY B 675 -20.53 -5.79 1.01
N ASN B 676 -21.84 -5.91 0.81
CA ASN B 676 -22.42 -5.60 -0.49
C ASN B 676 -23.52 -4.59 -0.23
N LYS B 677 -24.47 -4.45 -1.14
CA LYS B 677 -25.61 -3.54 -0.97
C LYS B 677 -26.97 -4.23 -1.08
N LEU B 678 -27.10 -5.47 -0.62
CA LEU B 678 -28.32 -6.23 -0.86
C LEU B 678 -29.47 -5.76 0.03
N LEU B 679 -30.67 -5.76 -0.55
CA LEU B 679 -31.90 -5.26 0.11
C LEU B 679 -32.83 -6.36 0.64
N PHE B 680 -32.87 -7.50 -0.05
CA PHE B 680 -33.93 -8.48 0.17
C PHE B 680 -33.40 -9.88 0.38
N LEU B 681 -34.10 -10.63 1.23
CA LEU B 681 -33.88 -12.05 1.42
C LEU B 681 -35.10 -12.82 0.96
N THR B 682 -34.87 -13.93 0.27
CA THR B 682 -35.95 -14.80 -0.13
C THR B 682 -36.72 -15.30 1.09
N ASP B 683 -38.00 -15.59 0.89
CA ASP B 683 -38.87 -16.16 1.94
C ASP B 683 -38.87 -17.69 1.92
N SER B 684 -38.21 -18.28 0.92
CA SER B 684 -38.26 -19.73 0.69
C SER B 684 -36.85 -20.38 0.48
N LEU B 685 -35.85 -19.98 1.28
CA LEU B 685 -34.50 -20.51 1.09
C LEU B 685 -34.42 -22.03 0.97
N SER B 686 -35.10 -22.70 1.88
CA SER B 686 -35.17 -24.18 1.93
C SER B 686 -35.65 -24.83 0.61
N ASP B 687 -36.43 -24.11 -0.20
CA ASP B 687 -36.78 -24.60 -1.52
C ASP B 687 -35.55 -24.64 -2.43
N PHE B 688 -34.52 -23.85 -2.12
CA PHE B 688 -33.42 -23.67 -3.08
C PHE B 688 -32.13 -24.38 -2.68
N THR B 689 -32.02 -24.80 -1.41
CA THR B 689 -30.85 -25.55 -0.98
C THR B 689 -31.19 -26.45 0.18
N SER B 690 -30.53 -27.60 0.25
CA SER B 690 -30.50 -28.38 1.49
C SER B 690 -29.09 -28.55 1.98
N SER B 691 -28.11 -27.93 1.33
CA SER B 691 -26.72 -28.10 1.71
C SER B 691 -26.14 -26.87 2.47
N LEU B 692 -26.74 -25.70 2.31
CA LEU B 692 -26.13 -24.48 2.82
C LEU B 692 -26.08 -24.45 4.32
N ARG B 693 -24.87 -24.27 4.85
CA ARG B 693 -24.59 -24.37 6.27
C ARG B 693 -24.16 -23.05 6.88
N THR B 694 -23.45 -22.25 6.08
CA THR B 694 -23.00 -20.98 6.53
C THR B 694 -23.36 -19.90 5.55
N LEU B 695 -24.08 -18.90 6.02
CA LEU B 695 -24.47 -17.79 5.14
C LEU B 695 -24.04 -16.47 5.79
N LEU B 696 -23.25 -15.71 5.08
CA LEU B 696 -22.68 -14.49 5.68
C LEU B 696 -23.19 -13.32 4.90
N LEU B 697 -23.95 -12.46 5.58
CA LEU B 697 -24.63 -11.32 4.98
C LEU B 697 -24.34 -10.01 5.67
N SER B 698 -23.34 -9.97 6.53
CA SER B 698 -23.05 -8.73 7.21
C SER B 698 -22.66 -7.61 6.30
N HIS B 699 -22.84 -6.39 6.78
CA HIS B 699 -22.61 -5.18 5.98
C HIS B 699 -23.37 -5.19 4.67
N ASN B 700 -24.68 -5.43 4.79
CA ASN B 700 -25.60 -5.19 3.68
C ASN B 700 -26.74 -4.20 4.07
N ARG B 701 -27.80 -4.13 3.28
CA ARG B 701 -28.91 -3.19 3.54
C ARG B 701 -30.23 -3.94 3.73
N ILE B 702 -30.17 -5.01 4.49
CA ILE B 702 -31.32 -5.83 4.76
C ILE B 702 -32.07 -5.20 5.93
N SER B 703 -33.34 -4.90 5.68
CA SER B 703 -34.20 -4.30 6.69
C SER B 703 -35.39 -5.11 7.03
N HIS B 704 -35.62 -6.22 6.34
CA HIS B 704 -36.73 -7.11 6.69
C HIS B 704 -36.30 -8.59 6.69
N LEU B 705 -36.49 -9.24 7.84
CA LEU B 705 -36.14 -10.63 7.97
C LEU B 705 -37.38 -11.52 7.73
N PRO B 706 -37.51 -12.13 6.52
CA PRO B 706 -38.77 -12.83 6.22
C PRO B 706 -39.06 -13.98 7.15
N SER B 707 -40.34 -14.17 7.46
CA SER B 707 -40.79 -15.16 8.44
C SER B 707 -40.38 -16.58 8.13
N GLY B 708 -39.88 -17.27 9.15
CA GLY B 708 -39.42 -18.64 8.99
C GLY B 708 -38.10 -18.72 8.24
N PHE B 709 -37.29 -17.67 8.32
CA PHE B 709 -35.91 -17.72 7.82
C PHE B 709 -35.04 -18.48 8.83
N LEU B 710 -35.43 -18.41 10.11
CA LEU B 710 -34.85 -19.19 11.20
C LEU B 710 -35.44 -20.61 11.25
N SER B 711 -36.65 -20.77 10.74
CA SER B 711 -37.19 -22.10 10.35
C SER B 711 -36.45 -22.56 9.07
N GLU B 712 -36.85 -23.72 8.54
CA GLU B 712 -36.21 -24.26 7.34
C GLU B 712 -35.98 -23.09 6.34
N VAL B 713 -34.78 -22.96 5.78
CA VAL B 713 -33.72 -23.99 5.75
C VAL B 713 -33.12 -24.46 7.08
N SER B 714 -33.17 -25.77 7.30
CA SER B 714 -32.69 -26.36 8.53
C SER B 714 -31.24 -26.85 8.43
N SER B 715 -30.65 -26.81 7.23
CA SER B 715 -29.19 -27.13 7.08
C SER B 715 -28.33 -25.99 7.68
N LEU B 716 -28.90 -24.80 7.72
CA LEU B 716 -28.21 -23.59 8.16
C LEU B 716 -27.74 -23.63 9.59
N LYS B 717 -26.43 -23.64 9.79
CA LYS B 717 -25.87 -23.68 11.13
C LYS B 717 -25.42 -22.28 11.62
N HIS B 718 -25.03 -21.41 10.70
CA HIS B 718 -24.39 -20.14 11.03
C HIS B 718 -24.96 -19.08 10.12
N LEU B 719 -25.62 -18.10 10.72
CA LEU B 719 -26.25 -17.05 9.94
C LEU B 719 -25.77 -15.72 10.44
N ASP B 720 -25.12 -14.94 9.57
CA ASP B 720 -24.55 -13.66 9.99
C ASP B 720 -25.27 -12.53 9.32
N LEU B 721 -26.04 -11.80 10.10
CA LEU B 721 -26.79 -10.64 9.62
C LEU B 721 -26.37 -9.38 10.35
N SER B 722 -25.24 -9.42 11.05
CA SER B 722 -24.65 -8.21 11.67
C SER B 722 -24.54 -7.07 10.69
N SER B 723 -24.57 -5.86 11.21
CA SER B 723 -24.43 -4.64 10.39
C SER B 723 -25.30 -4.58 9.13
N ASN B 724 -26.57 -4.86 9.34
CA ASN B 724 -27.60 -4.56 8.34
C ASN B 724 -28.52 -3.43 8.85
N LEU B 725 -29.75 -3.36 8.33
CA LEU B 725 -30.68 -2.31 8.68
C LEU B 725 -31.91 -2.87 9.35
N LEU B 726 -31.76 -3.91 10.15
CA LEU B 726 -32.94 -4.48 10.79
C LEU B 726 -33.36 -3.64 11.97
N LYS B 727 -34.66 -3.32 12.03
CA LYS B 727 -35.25 -2.63 13.19
C LYS B 727 -35.87 -3.60 14.15
N THR B 728 -36.29 -4.76 13.65
CA THR B 728 -36.89 -5.76 14.53
C THR B 728 -36.90 -7.11 13.84
N ILE B 729 -37.23 -8.13 14.62
CA ILE B 729 -37.50 -9.47 14.10
C ILE B 729 -38.83 -9.98 14.68
N ASN B 730 -39.79 -10.31 13.81
CA ASN B 730 -41.19 -10.60 14.24
C ASN B 730 -41.65 -12.04 14.19
N LYS B 731 -41.94 -12.54 12.98
CA LYS B 731 -42.82 -13.71 12.75
C LYS B 731 -42.11 -15.01 13.06
N SER B 732 -40.85 -15.12 12.64
CA SER B 732 -40.03 -16.35 12.79
C SER B 732 -40.66 -17.45 13.66
N THR B 740 -33.82 -23.17 15.42
CA THR B 740 -33.47 -24.60 15.58
C THR B 740 -32.61 -25.18 14.43
N LYS B 741 -31.69 -26.06 14.84
CA LYS B 741 -30.49 -26.54 14.07
C LYS B 741 -29.39 -25.47 13.89
N LEU B 742 -29.82 -24.22 13.89
CA LEU B 742 -28.96 -23.06 13.84
C LEU B 742 -28.17 -23.05 15.14
N SER B 743 -26.88 -22.78 15.07
CA SER B 743 -26.07 -22.73 16.28
C SER B 743 -25.32 -21.43 16.43
N MET B 744 -25.37 -20.56 15.41
CA MET B 744 -24.86 -19.21 15.58
C MET B 744 -25.70 -18.24 14.76
N LEU B 745 -26.03 -17.11 15.38
CA LEU B 745 -26.78 -16.04 14.73
C LEU B 745 -26.20 -14.73 15.18
N GLU B 746 -25.78 -13.93 14.20
CA GLU B 746 -25.06 -12.72 14.48
C GLU B 746 -25.97 -11.60 14.09
N LEU B 747 -26.18 -10.68 15.05
CA LEU B 747 -27.12 -9.58 14.87
C LEU B 747 -26.62 -8.19 15.21
N HIS B 748 -25.45 -8.12 15.85
CA HIS B 748 -24.89 -6.84 16.30
C HIS B 748 -24.80 -5.83 15.18
N GLY B 749 -24.92 -4.55 15.52
CA GLY B 749 -24.81 -3.47 14.58
C GLY B 749 -26.05 -3.17 13.75
N ASN B 750 -27.19 -3.75 14.14
CA ASN B 750 -28.45 -3.40 13.50
C ASN B 750 -29.15 -2.32 14.34
N PRO B 751 -29.74 -1.32 13.69
CA PRO B 751 -30.50 -0.27 14.40
C PRO B 751 -31.86 -0.71 14.94
N PHE B 752 -31.84 -1.54 15.98
CA PHE B 752 -33.06 -2.10 16.52
C PHE B 752 -33.95 -1.02 17.13
N GLU B 753 -35.25 -1.22 16.95
CA GLU B 753 -36.27 -0.34 17.46
C GLU B 753 -36.84 -1.02 18.71
N CYS B 754 -36.41 -0.54 19.88
CA CYS B 754 -36.74 -1.18 21.16
C CYS B 754 -38.04 -0.76 21.87
N THR B 755 -39.15 -0.75 21.11
CA THR B 755 -40.51 -0.62 21.63
C THR B 755 -40.94 -2.01 22.03
N CYS B 756 -42.23 -2.25 22.20
CA CYS B 756 -42.67 -3.56 22.68
C CYS B 756 -42.74 -4.58 21.55
N ASP B 757 -42.53 -4.12 20.32
CA ASP B 757 -42.42 -5.02 19.15
C ASP B 757 -41.26 -6.02 19.28
N ILE B 758 -40.15 -5.59 19.88
CA ILE B 758 -39.00 -6.46 20.10
C ILE B 758 -39.22 -7.64 21.06
N GLY B 759 -40.21 -7.54 21.95
CA GLY B 759 -40.48 -8.61 22.92
C GLY B 759 -40.62 -10.01 22.31
N ASP B 760 -41.12 -10.10 21.08
CA ASP B 760 -41.25 -11.40 20.40
C ASP B 760 -39.90 -12.04 20.19
N PHE B 761 -38.97 -11.22 19.70
CA PHE B 761 -37.64 -11.69 19.39
C PHE B 761 -36.90 -12.07 20.66
N ARG B 762 -36.98 -11.18 21.65
CA ARG B 762 -36.44 -11.47 22.98
C ARG B 762 -36.88 -12.85 23.46
N ARG B 763 -38.18 -13.10 23.36
CA ARG B 763 -38.79 -14.37 23.78
C ARG B 763 -38.11 -15.53 23.09
N TRP B 764 -38.07 -15.45 21.76
CA TRP B 764 -37.49 -16.49 20.91
C TRP B 764 -36.06 -16.84 21.34
N MET B 765 -35.33 -15.85 21.86
CA MET B 765 -33.97 -16.06 22.37
C MET B 765 -33.94 -16.94 23.61
N ASP B 766 -34.92 -16.74 24.49
CA ASP B 766 -35.06 -17.58 25.68
C ASP B 766 -35.53 -18.99 25.31
N GLU B 767 -36.39 -19.08 24.29
CA GLU B 767 -36.93 -20.38 23.86
C GLU B 767 -35.92 -21.22 23.05
N HIS B 768 -34.76 -20.65 22.75
CA HIS B 768 -33.76 -21.34 21.94
C HIS B 768 -32.32 -21.06 22.43
N LEU B 769 -31.95 -21.67 23.55
CA LEU B 769 -30.61 -21.48 24.13
C LEU B 769 -29.50 -22.26 23.38
N ASN B 770 -29.91 -23.24 22.57
CA ASN B 770 -28.99 -23.98 21.67
C ASN B 770 -28.32 -23.05 20.66
N VAL B 771 -29.08 -22.06 20.18
CA VAL B 771 -28.57 -21.01 19.26
C VAL B 771 -27.65 -20.06 20.02
N LYS B 772 -26.57 -19.65 19.37
CA LYS B 772 -25.54 -18.86 20.01
C LYS B 772 -25.59 -17.47 19.37
N ILE B 773 -25.56 -16.45 20.22
CA ILE B 773 -25.62 -15.09 19.74
C ILE B 773 -24.44 -14.37 20.36
N PRO B 774 -23.40 -14.11 19.56
CA PRO B 774 -22.23 -13.47 20.12
C PRO B 774 -22.40 -11.97 20.27
N ARG B 775 -21.50 -11.33 21.03
CA ARG B 775 -21.43 -9.87 21.13
C ARG B 775 -22.83 -9.32 21.46
N LEU B 776 -23.51 -9.99 22.37
CA LEU B 776 -24.88 -9.60 22.81
C LEU B 776 -24.93 -8.13 23.26
N VAL B 777 -23.87 -7.74 23.96
CA VAL B 777 -23.69 -6.38 24.43
C VAL B 777 -23.67 -5.38 23.26
N ASP B 778 -23.40 -5.85 22.04
CA ASP B 778 -23.39 -4.96 20.87
C ASP B 778 -24.63 -5.04 20.03
N VAL B 779 -25.65 -5.73 20.55
CA VAL B 779 -26.96 -5.80 19.88
C VAL B 779 -27.82 -4.69 20.52
N ILE B 780 -27.85 -3.56 19.84
CA ILE B 780 -28.15 -2.27 20.44
C ILE B 780 -29.41 -1.60 19.90
N CYS B 781 -30.23 -1.06 20.81
CA CYS B 781 -31.35 -0.16 20.42
C CYS B 781 -30.85 1.09 19.77
N ALA B 782 -31.40 1.45 18.60
CA ALA B 782 -31.11 2.75 18.01
C ALA B 782 -32.24 3.79 18.31
N SER B 783 -33.43 3.27 18.59
CA SER B 783 -34.64 4.04 18.81
C SER B 783 -35.55 3.22 19.77
N PRO B 784 -36.55 3.84 20.39
CA PRO B 784 -36.66 5.28 20.48
C PRO B 784 -35.60 5.83 21.45
N GLY B 785 -35.44 7.15 21.41
CA GLY B 785 -34.37 7.86 22.14
C GLY B 785 -34.03 7.48 23.56
N ASP B 786 -35.06 7.19 24.37
CA ASP B 786 -34.84 6.77 25.76
C ASP B 786 -34.15 5.42 25.89
N GLN B 787 -34.28 4.58 24.86
CA GLN B 787 -33.59 3.30 24.83
C GLN B 787 -32.25 3.39 24.07
N ARG B 788 -32.14 4.35 23.17
CA ARG B 788 -30.99 4.41 22.30
C ARG B 788 -29.67 4.18 23.02
N GLY B 789 -28.90 3.19 22.55
CA GLY B 789 -27.61 2.87 23.14
C GLY B 789 -27.60 1.68 24.10
N LYS B 790 -28.76 1.24 24.56
CA LYS B 790 -28.83 0.07 25.45
C LYS B 790 -28.86 -1.24 24.67
N SER B 791 -28.44 -2.30 25.32
CA SER B 791 -28.56 -3.62 24.75
C SER B 791 -30.01 -3.96 24.70
N ILE B 792 -30.41 -4.74 23.71
CA ILE B 792 -31.78 -5.24 23.64
C ILE B 792 -32.07 -6.21 24.78
N VAL B 793 -31.06 -6.88 25.30
CA VAL B 793 -31.27 -7.85 26.40
C VAL B 793 -31.56 -7.18 27.75
N SER B 794 -30.98 -6.01 27.96
CA SER B 794 -31.20 -5.23 29.18
C SER B 794 -32.66 -4.71 29.35
N LEU B 795 -33.41 -4.63 28.26
CA LEU B 795 -34.81 -4.23 28.33
C LEU B 795 -35.74 -5.09 29.21
N GLU B 796 -36.93 -4.54 29.47
CA GLU B 796 -37.87 -5.13 30.41
C GLU B 796 -39.31 -4.95 29.99
N LEU B 797 -40.18 -5.76 30.57
CA LEU B 797 -41.57 -5.89 30.10
C LEU B 797 -41.54 -6.11 28.58
C1 NAG C . 6.14 9.70 -31.55
C2 NAG C . 5.03 9.66 -30.57
C3 NAG C . 4.29 10.98 -30.62
C4 NAG C . 5.17 12.22 -30.45
C5 NAG C . 6.35 12.06 -31.38
C6 NAG C . 7.42 13.16 -31.24
C7 NAG C . 3.58 7.82 -29.93
C8 NAG C . 2.57 6.81 -30.34
N2 NAG C . 4.09 8.62 -30.87
O3 NAG C . 3.21 10.91 -29.72
O4 NAG C . 4.43 13.35 -30.87
O5 NAG C . 6.94 10.80 -31.15
O6 NAG C . 8.39 13.00 -32.30
O7 NAG C . 3.91 7.82 -28.77
C1 NAG C . 3.84 14.01 -29.76
C2 NAG C . 3.68 15.49 -30.10
C3 NAG C . 3.13 16.24 -28.89
C4 NAG C . 1.90 15.54 -28.34
C5 NAG C . 2.16 14.04 -28.19
C6 NAG C . 0.93 13.31 -27.68
C7 NAG C . 5.07 17.01 -31.35
C8 NAG C . 3.86 17.29 -32.17
N2 NAG C . 4.95 16.14 -30.37
O3 NAG C . 2.72 17.54 -29.29
O4 NAG C . 1.60 16.17 -27.12
O5 NAG C . 2.56 13.52 -29.45
O6 NAG C . -0.10 13.45 -28.61
O7 NAG C . 6.10 17.63 -31.63
C1 BMA C . 0.36 16.91 -27.16
C2 BMA C . -0.12 17.09 -25.73
C3 BMA C . -1.40 17.88 -25.69
C4 BMA C . -1.35 19.14 -26.55
C5 BMA C . -0.65 18.98 -27.90
C6 BMA C . -0.38 20.37 -28.57
O2 BMA C . 0.86 17.80 -24.97
O3 BMA C . -1.67 18.30 -24.33
O4 BMA C . -2.73 19.50 -26.75
O5 BMA C . 0.55 18.17 -27.76
O6 BMA C . 0.62 21.27 -27.98
C1 MAN C . -3.06 18.03 -23.96
C2 MAN C . -3.53 18.93 -22.81
C3 MAN C . -2.62 18.65 -21.60
C4 MAN C . -2.35 17.18 -21.33
C5 MAN C . -2.27 16.30 -22.59
C6 MAN C . -2.47 14.83 -22.21
O2 MAN C . -4.92 18.71 -22.56
O3 MAN C . -3.16 19.16 -20.42
O4 MAN C . -1.12 17.09 -20.66
O5 MAN C . -3.24 16.68 -23.55
O6 MAN C . -3.58 14.27 -22.89
C1 NAG D . 12.51 10.08 -6.17
C2 NAG D . 11.54 11.08 -6.78
C3 NAG D . 10.14 10.66 -6.49
C4 NAG D . 9.92 9.22 -6.96
C5 NAG D . 10.99 8.35 -6.32
C6 NAG D . 10.74 6.95 -6.81
C7 NAG D . 12.00 13.47 -6.67
C8 NAG D . 12.32 14.60 -5.79
N2 NAG D . 11.79 12.31 -6.09
O3 NAG D . 9.28 11.57 -7.06
O4 NAG D . 8.69 8.69 -6.55
O5 NAG D . 12.29 8.83 -6.76
O6 NAG D . 11.22 6.94 -8.10
O7 NAG D . 11.97 13.65 -7.89
C1 NAG D . 7.69 8.89 -7.57
C2 NAG D . 6.54 7.87 -7.49
C3 NAG D . 5.45 8.20 -8.55
C4 NAG D . 4.90 9.59 -8.23
C5 NAG D . 6.10 10.55 -8.30
C6 NAG D . 5.70 12.05 -8.21
C7 NAG D . 7.23 5.76 -6.45
C8 NAG D . 7.68 4.32 -6.68
N2 NAG D . 6.99 6.47 -7.55
O3 NAG D . 4.40 7.28 -8.52
O4 NAG D . 3.84 9.99 -9.07
O5 NAG D . 7.13 10.16 -7.36
O6 NAG D . 5.41 12.42 -6.89
O7 NAG D . 7.10 6.22 -5.28
C1 NAG E . 6.38 15.97 1.51
C2 NAG E . 5.83 15.41 0.22
C3 NAG E . 6.07 16.32 -0.97
C4 NAG E . 5.61 17.77 -0.69
C5 NAG E . 6.18 18.18 0.65
C6 NAG E . 5.74 19.57 1.11
C7 NAG E . 5.63 13.05 -0.30
C8 NAG E . 6.23 11.70 -0.63
N2 NAG E . 6.42 14.12 -0.05
O3 NAG E . 5.38 15.85 -2.11
O4 NAG E . 6.15 18.55 -1.76
O5 NAG E . 5.83 17.27 1.67
O6 NAG E . 4.35 19.73 1.16
O7 NAG E . 4.41 13.15 -0.28
C1 NAG E . 5.16 19.49 -2.18
C2 NAG E . 5.88 20.50 -3.04
C3 NAG E . 4.88 21.57 -3.48
C4 NAG E . 3.73 20.82 -4.14
C5 NAG E . 3.12 19.77 -3.22
C6 NAG E . 2.02 19.08 -4.03
C7 NAG E . 8.22 20.87 -2.46
C8 NAG E . 9.19 21.73 -1.71
N2 NAG E . 6.95 21.18 -2.33
O3 NAG E . 5.47 22.42 -4.44
O4 NAG E . 2.71 21.73 -4.34
O5 NAG E . 4.15 18.89 -2.92
O6 NAG E . 1.57 17.95 -3.34
O7 NAG E . 8.65 19.96 -3.18
C1 BMA E . 2.35 21.85 -5.72
C2 BMA E . 0.94 22.42 -5.77
C3 BMA E . 0.45 22.54 -7.22
C4 BMA E . 1.52 23.17 -8.10
C5 BMA E . 2.90 22.58 -7.83
C6 BMA E . 4.06 23.23 -8.59
O2 BMA E . 0.97 23.68 -5.08
O3 BMA E . -0.77 23.31 -7.41
O4 BMA E . 1.11 22.91 -9.44
O5 BMA E . 3.17 22.74 -6.44
O6 BMA E . 3.98 24.66 -8.49
C1 MAN E . -1.78 23.05 -6.43
C2 MAN E . -2.48 21.74 -6.74
C3 MAN E . -3.31 21.92 -8.02
C4 MAN E . -4.29 23.07 -7.82
C5 MAN E . -3.48 24.30 -7.48
C6 MAN E . -4.35 25.52 -7.25
O2 MAN E . -3.27 21.49 -5.60
O3 MAN E . -3.99 20.73 -8.43
O4 MAN E . -4.99 23.25 -9.02
O5 MAN E . -2.73 24.09 -6.29
O6 MAN E . -3.60 26.63 -7.71
C1 MAN E . 4.14 25.27 -9.80
C2 MAN E . 5.56 25.73 -9.85
C3 MAN E . 5.73 26.81 -8.75
C4 MAN E . 4.61 27.85 -8.71
C5 MAN E . 3.24 27.25 -8.98
C6 MAN E . 2.12 28.31 -9.03
O2 MAN E . 5.74 26.25 -11.15
O3 MAN E . 6.97 27.45 -8.91
O4 MAN E . 4.55 28.44 -7.43
O5 MAN E . 3.33 26.42 -10.12
O6 MAN E . 2.02 28.93 -7.76
C1 NAG F . 15.27 -15.59 25.02
C2 NAG F . 13.99 -14.87 24.72
C3 NAG F . 12.85 -15.64 25.39
C4 NAG F . 12.86 -17.12 25.00
C5 NAG F . 14.28 -17.67 25.19
C6 NAG F . 14.51 -19.12 24.75
C7 NAG F . 13.52 -12.46 24.63
C8 NAG F . 13.51 -11.22 25.46
N2 NAG F . 13.98 -13.55 25.28
O3 NAG F . 11.57 -15.05 25.26
O4 NAG F . 11.91 -17.81 25.82
O5 NAG F . 15.15 -16.86 24.42
O6 NAG F . 13.72 -19.42 23.58
O7 NAG F . 13.09 -12.44 23.46
C1 NAG F . 10.64 -17.95 25.21
C2 NAG F . 9.91 -19.14 25.77
C3 NAG F . 8.58 -19.32 25.14
C4 NAG F . 7.74 -18.09 25.41
C5 NAG F . 8.59 -16.92 24.91
C6 NAG F . 7.84 -15.58 25.00
C7 NAG F . 10.68 -21.35 26.53
C8 NAG F . 10.10 -21.11 27.85
N2 NAG F . 10.58 -20.41 25.57
O3 NAG F . 8.00 -20.52 25.61
O4 NAG F . 6.58 -18.23 24.61
O5 NAG F . 9.86 -16.86 25.60
O6 NAG F . 8.00 -15.02 26.29
O7 NAG F . 11.26 -22.44 26.37
C1 BMA F . 5.37 -18.50 25.33
C2 BMA F . 4.19 -18.05 24.49
C3 BMA F . 2.89 -18.22 25.31
C4 BMA F . 2.76 -19.64 25.89
C5 BMA F . 4.07 -20.17 26.48
C6 BMA F . 4.02 -21.71 26.84
O2 BMA F . 4.17 -18.83 23.30
O3 BMA F . 1.72 -17.83 24.54
O4 BMA F . 1.78 -19.63 26.93
O5 BMA F . 5.16 -19.88 25.58
O6 BMA F . 3.69 -22.53 25.69
C1 MAN F . 3.42 -23.94 25.89
C2 MAN F . 4.61 -24.72 25.34
C3 MAN F . 4.64 -24.99 23.79
C4 MAN F . 3.30 -25.11 23.09
C5 MAN F . 2.32 -24.15 23.77
C6 MAN F . 0.96 -24.16 23.08
O2 MAN F . 4.75 -25.88 26.14
O3 MAN F . 5.39 -26.14 23.43
O4 MAN F . 3.49 -24.85 21.70
O5 MAN F . 2.26 -24.41 25.20
O6 MAN F . 1.15 -23.52 21.83
C1 NAG G . 7.44 -15.78 0.21
C2 NAG G . 6.51 -16.26 1.34
C3 NAG G . 5.49 -15.23 1.70
C4 NAG G . 6.24 -13.95 2.08
C5 NAG G . 7.15 -13.56 0.88
C6 NAG G . 7.97 -12.34 1.25
C7 NAG G . 5.81 -18.58 1.30
C8 NAG G . 5.08 -19.64 0.56
N2 NAG G . 5.78 -17.34 0.78
O3 NAG G . 4.70 -15.84 2.66
O4 NAG G . 5.33 -12.90 2.37
O5 NAG G . 8.11 -14.61 0.62
O6 NAG G . 8.74 -12.68 2.37
O7 NAG G . 6.41 -18.85 2.32
C1 NAG G . 4.95 -12.79 3.73
C2 NAG G . 4.68 -11.31 4.00
C3 NAG G . 4.07 -11.04 5.38
C4 NAG G . 2.91 -11.99 5.69
C5 NAG G . 3.32 -13.44 5.33
C6 NAG G . 2.23 -14.48 5.57
C7 NAG G . 6.10 -9.67 2.91
C8 NAG G . 7.38 -8.90 3.04
N2 NAG G . 5.85 -10.49 3.91
O3 NAG G . 3.60 -9.72 5.34
O4 NAG G . 2.53 -11.83 7.04
O5 NAG G . 3.75 -13.50 3.95
O6 NAG G . 1.59 -14.88 4.36
O7 NAG G . 5.35 -9.55 1.92
C1 NAG H . -3.41 -17.02 -2.59
C2 NAG H . -2.86 -16.42 -1.28
C3 NAG H . -2.42 -17.50 -0.27
C4 NAG H . -3.54 -18.53 -0.09
C5 NAG H . -4.00 -19.04 -1.45
C6 NAG H . -5.16 -20.03 -1.33
C7 NAG H . -1.73 -14.25 -1.09
C8 NAG H . -0.45 -13.42 -1.29
N2 NAG H . -1.74 -15.52 -1.48
O3 NAG H . -2.21 -16.91 1.00
O4 NAG H . -3.04 -19.55 0.74
O5 NAG H . -4.40 -17.96 -2.25
O6 NAG H . -6.34 -19.42 -0.86
O7 NAG H . -2.73 -13.75 -0.62
C1 NAG H . -3.99 -20.00 1.71
C2 NAG H . -3.46 -21.30 2.25
C3 NAG H . -4.38 -21.89 3.31
C4 NAG H . -4.52 -20.81 4.40
C5 NAG H . -5.01 -19.53 3.79
C6 NAG H . -4.91 -18.44 4.84
C7 NAG H . -2.23 -22.66 0.68
C8 NAG H . -2.32 -23.73 -0.37
N2 NAG H . -3.40 -22.28 1.20
O3 NAG H . -3.80 -23.05 3.89
O4 NAG H . -5.55 -21.20 5.27
O5 NAG H . -4.18 -19.08 2.75
O6 NAG H . -5.25 -17.31 4.12
O7 NAG H . -1.13 -22.19 1.02
C1 BMA H . -5.14 -21.18 6.66
C2 BMA H . -6.40 -21.07 7.50
C3 BMA H . -6.16 -21.01 9.00
C4 BMA H . -5.36 -22.24 9.33
C5 BMA H . -4.09 -22.33 8.45
C6 BMA H . -3.25 -23.57 8.81
O2 BMA H . -7.18 -22.23 7.18
O3 BMA H . -7.41 -20.82 9.75
O4 BMA H . -4.84 -22.14 10.63
O5 BMA H . -4.39 -22.32 7.04
O6 BMA H . -4.15 -24.67 8.99
C1 MAN H . -3.73 -25.81 9.81
C2 MAN H . -2.80 -26.67 8.96
C3 MAN H . -3.58 -27.36 7.84
C4 MAN H . -4.84 -28.06 8.34
C5 MAN H . -5.65 -27.08 9.19
C6 MAN H . -7.03 -27.63 9.59
O2 MAN H . -2.20 -27.60 9.83
O3 MAN H . -2.77 -28.29 7.18
O4 MAN H . -5.63 -28.51 7.26
O5 MAN H . -4.79 -26.67 10.28
O6 MAN H . -7.87 -27.80 8.45
C1 NAG I . 5.04 25.51 -46.74
C2 NAG I . 3.69 26.04 -47.22
C3 NAG I . 3.86 27.48 -47.65
C4 NAG I . 4.25 28.27 -46.42
C5 NAG I . 5.53 27.76 -45.74
C6 NAG I . 5.59 28.25 -44.29
C7 NAG I . 1.88 24.92 -48.52
C8 NAG I . 0.77 25.47 -47.66
N2 NAG I . 3.17 25.22 -48.30
O3 NAG I . 2.65 27.97 -48.17
O4 NAG I . 4.48 29.62 -46.78
O5 NAG I . 5.70 26.34 -45.79
O6 NAG I . 6.80 27.81 -43.67
O7 NAG I . 1.58 24.21 -49.48
C1 NAG J . 24.01 25.03 -27.20
C2 NAG J . 24.11 25.29 -28.69
C3 NAG J . 24.14 26.75 -29.11
C4 NAG J . 22.92 27.39 -28.49
C5 NAG J . 22.97 27.20 -26.98
C6 NAG J . 21.76 27.89 -26.31
C7 NAG J . 25.06 23.79 -30.22
C8 NAG J . 26.27 23.10 -30.77
N2 NAG J . 25.25 24.64 -29.26
O3 NAG J . 24.00 26.71 -30.51
O4 NAG J . 22.94 28.76 -28.79
O5 NAG J . 22.97 25.82 -26.68
O6 NAG J . 20.70 26.99 -26.09
O7 NAG J . 23.91 23.56 -30.65
C1 NAG K . 9.81 33.44 7.53
C2 NAG K . 11.10 34.19 7.24
C3 NAG K . 10.84 35.35 6.27
C4 NAG K . 10.21 34.86 4.96
C5 NAG K . 8.98 33.98 5.34
C6 NAG K . 8.46 33.14 4.19
C7 NAG K . 12.70 34.07 9.10
C8 NAG K . 13.12 34.69 10.38
N2 NAG K . 11.65 34.64 8.50
O3 NAG K . 12.04 36.02 6.06
O4 NAG K . 9.83 35.92 4.07
O5 NAG K . 9.25 33.01 6.33
O6 NAG K . 7.17 32.77 4.61
O7 NAG K . 13.34 33.14 8.63
C1 NAG L . -11.81 27.57 24.59
C2 NAG L . -12.82 27.17 25.66
C3 NAG L . -12.80 28.11 26.86
C4 NAG L . -11.39 28.26 27.41
C5 NAG L . -10.45 28.66 26.27
C6 NAG L . -8.97 28.68 26.69
C7 NAG L . -14.69 25.90 24.80
C8 NAG L . -16.01 25.91 24.07
N2 NAG L . -14.11 27.08 24.99
O3 NAG L . -13.59 27.58 27.88
O4 NAG L . -11.37 29.22 28.45
O5 NAG L . -10.56 27.70 25.24
O6 NAG L . -8.41 29.96 26.45
O7 NAG L . -14.15 24.86 25.22
O CU8 M . 25.12 2.90 9.60
C12 CU8 M . 25.47 1.91 9.08
N3 CU8 M . 26.69 1.80 8.66
C5 CU8 M . 24.50 0.84 8.88
C CU8 M . 24.97 -0.45 8.40
N CU8 M . 23.88 -1.11 8.34
N2 CU8 M . 22.76 -0.42 8.69
C4 CU8 M . 23.15 0.80 9.03
N1 CU8 M . 26.18 -0.92 8.13
C3 CU8 M . 26.30 -2.16 7.70
C2 CU8 M . 25.15 -2.90 7.60
C1 CU8 M . 23.93 -2.37 7.94
C6 CU8 M . 22.70 -3.17 7.80
C10 CU8 M . 21.64 -2.62 7.13
C11 CU8 M . 20.46 -3.30 6.97
C9 CU8 M . 20.36 -4.56 7.47
C8 CU8 M . 21.40 -5.12 8.12
C13 CU8 M . 21.23 -6.51 8.64
C7 CU8 M . 22.58 -4.45 8.29
O CU8 N . 12.03 -13.10 -20.45
C12 CU8 N . 13.04 -12.50 -20.28
N3 CU8 N . 14.16 -13.08 -20.49
C5 CU8 N . 13.00 -11.12 -19.79
C CU8 N . 14.22 -10.33 -19.73
N CU8 N . 13.80 -9.22 -19.25
N2 CU8 N . 12.49 -9.17 -18.95
C4 CU8 N . 11.99 -10.35 -19.29
N1 CU8 N . 15.48 -10.57 -20.08
C3 CU8 N . 16.41 -9.64 -19.92
C2 CU8 N . 15.98 -8.43 -19.39
C1 CU8 N . 14.66 -8.24 -19.06
C6 CU8 N . 14.20 -6.97 -18.48
C10 CU8 N . 13.52 -7.04 -17.28
C11 CU8 N . 13.05 -5.92 -16.67
C9 CU8 N . 13.24 -4.72 -17.26
C8 CU8 N . 13.91 -4.63 -18.44
C13 CU8 N . 14.13 -3.27 -19.02
C7 CU8 N . 14.39 -5.75 -19.05
C1 NAG O . -9.89 1.91 46.63
C2 NAG O . -9.01 3.15 46.78
C3 NAG O . -9.53 4.25 47.73
C4 NAG O . -11.01 4.13 48.12
C5 NAG O . -11.53 2.71 48.16
C6 NAG O . -13.02 2.76 48.47
C7 NAG O . -6.60 3.30 47.03
C8 NAG O . -5.35 2.69 47.64
N2 NAG O . -7.74 2.68 47.27
O3 NAG O . -9.34 5.54 47.15
O4 NAG O . -11.18 4.63 49.42
O5 NAG O . -11.28 2.09 46.92
O6 NAG O . -13.80 2.27 47.40
O7 NAG O . -6.55 4.32 46.35
C1 NAG P . -10.35 -33.58 -7.67
C2 NAG P . -9.16 -34.51 -8.00
C3 NAG P . -8.98 -35.71 -7.07
C4 NAG P . -9.13 -35.33 -5.59
C5 NAG P . -10.33 -34.37 -5.40
C6 NAG P . -10.55 -33.96 -3.95
C7 NAG P . -8.35 -34.68 -10.32
C8 NAG P . -8.59 -35.15 -11.73
N2 NAG P . -9.29 -34.95 -9.38
O3 NAG P . -7.76 -36.36 -7.32
O4 NAG P . -9.33 -36.52 -4.80
O5 NAG P . -10.27 -33.25 -6.29
O6 NAG P . -9.58 -33.03 -3.57
O7 NAG P . -7.31 -34.08 -10.07
#